data_2DIY
#
_entry.id   2DIY
#
_entity_poly.entity_id   1
_entity_poly.type   'polypeptide(L)'
_entity_poly.pdbx_seq_one_letter_code
;GSSGSSGMAAGAAEAAVAAVEEVGSAGQFEELLRLKAKSLLVVHFWAPWAPQCAQMNEVMAELAKELPQVSFVKLEAEGV
PEVSEKYEISSVPTFLFFKNSQKIDRLDGAHAPELTKKVQRHASSGPSSG
;
_entity_poly.pdbx_strand_id   A
#
# COMPACT_ATOMS: atom_id res chain seq x y z
N GLY A 1 -14.80 -27.16 26.89
CA GLY A 1 -14.53 -28.14 25.86
C GLY A 1 -15.79 -28.80 25.34
N SER A 2 -16.83 -28.00 25.12
CA SER A 2 -18.10 -28.51 24.62
C SER A 2 -19.06 -27.36 24.32
N SER A 3 -19.28 -27.11 23.03
CA SER A 3 -20.17 -26.03 22.60
C SER A 3 -20.85 -26.39 21.29
N GLY A 4 -21.94 -25.69 20.98
CA GLY A 4 -22.66 -25.95 19.76
C GLY A 4 -22.96 -24.67 18.99
N SER A 5 -21.99 -24.25 18.16
CA SER A 5 -22.15 -23.05 17.36
C SER A 5 -23.59 -22.91 16.87
N SER A 6 -24.15 -24.01 16.38
CA SER A 6 -25.52 -24.01 15.86
C SER A 6 -25.69 -22.95 14.78
N GLY A 7 -24.70 -22.83 13.90
CA GLY A 7 -24.76 -21.85 12.83
C GLY A 7 -23.58 -20.89 12.86
N MET A 8 -23.88 -19.60 13.01
CA MET A 8 -22.84 -18.59 13.05
C MET A 8 -23.33 -17.32 13.75
N ALA A 9 -22.48 -16.73 14.56
CA ALA A 9 -22.83 -15.52 15.29
C ALA A 9 -22.62 -14.27 14.43
N ALA A 10 -23.22 -13.17 14.83
CA ALA A 10 -23.10 -11.91 14.10
C ALA A 10 -22.56 -10.80 14.99
N GLY A 11 -21.39 -10.27 14.63
CA GLY A 11 -20.80 -9.20 15.41
C GLY A 11 -19.49 -8.73 14.83
N ALA A 12 -19.52 -8.25 13.59
CA ALA A 12 -18.33 -7.76 12.92
C ALA A 12 -18.69 -6.93 11.69
N ALA A 13 -17.89 -5.90 11.43
CA ALA A 13 -18.13 -5.03 10.28
C ALA A 13 -16.83 -4.75 9.53
N GLU A 14 -16.94 -4.03 8.43
CA GLU A 14 -15.77 -3.69 7.62
C GLU A 14 -15.99 -2.38 6.85
N ALA A 15 -15.02 -1.48 6.94
CA ALA A 15 -15.11 -0.20 6.26
C ALA A 15 -14.08 -0.09 5.14
N ALA A 16 -14.17 0.97 4.36
CA ALA A 16 -13.26 1.18 3.24
C ALA A 16 -12.52 2.51 3.38
N VAL A 17 -11.20 2.45 3.47
CA VAL A 17 -10.38 3.64 3.61
C VAL A 17 -9.40 3.78 2.45
N ALA A 18 -9.30 4.99 1.89
CA ALA A 18 -8.40 5.24 0.78
C ALA A 18 -7.30 6.21 1.19
N ALA A 19 -6.76 6.02 2.39
CA ALA A 19 -5.69 6.87 2.88
C ALA A 19 -4.38 6.10 3.03
N VAL A 20 -3.26 6.81 2.93
CA VAL A 20 -1.95 6.19 3.05
C VAL A 20 -1.55 6.00 4.51
N GLU A 21 -1.28 4.76 4.89
CA GLU A 21 -0.90 4.45 6.26
C GLU A 21 0.56 4.84 6.52
N GLU A 22 0.84 5.25 7.75
CA GLU A 22 2.20 5.65 8.13
C GLU A 22 2.86 4.58 8.99
N VAL A 23 3.86 3.92 8.42
CA VAL A 23 4.58 2.87 9.13
C VAL A 23 5.86 3.43 9.78
N GLY A 24 5.92 3.35 11.10
CA GLY A 24 7.08 3.84 11.82
C GLY A 24 7.74 2.76 12.66
N SER A 25 7.53 1.51 12.29
CA SER A 25 8.10 0.38 13.03
C SER A 25 7.99 -0.91 12.23
N ALA A 26 8.94 -1.80 12.41
CA ALA A 26 8.97 -3.07 11.71
C ALA A 26 7.74 -3.92 12.08
N GLY A 27 7.37 -3.87 13.35
CA GLY A 27 6.23 -4.64 13.82
C GLY A 27 4.97 -4.35 13.03
N GLN A 28 4.69 -3.07 12.84
CA GLN A 28 3.50 -2.65 12.09
C GLN A 28 3.51 -3.24 10.68
N PHE A 29 4.61 -3.06 9.97
CA PHE A 29 4.73 -3.58 8.62
C PHE A 29 4.67 -5.10 8.61
N GLU A 30 5.62 -5.74 9.29
CA GLU A 30 5.68 -7.19 9.37
C GLU A 30 4.32 -7.76 9.77
N GLU A 31 3.58 -7.01 10.58
CA GLU A 31 2.26 -7.44 11.03
C GLU A 31 1.23 -7.29 9.93
N LEU A 32 1.13 -6.10 9.37
CA LEU A 32 0.18 -5.82 8.30
C LEU A 32 0.32 -6.83 7.16
N LEU A 33 1.56 -7.14 6.81
CA LEU A 33 1.84 -8.10 5.75
C LEU A 33 0.81 -9.22 5.74
N ARG A 34 0.59 -9.83 6.91
CA ARG A 34 -0.37 -10.91 7.05
C ARG A 34 -1.80 -10.41 6.81
N LEU A 35 -2.20 -9.41 7.60
CA LEU A 35 -3.53 -8.84 7.48
C LEU A 35 -3.88 -8.53 6.03
N LYS A 36 -3.09 -7.64 5.43
CA LYS A 36 -3.30 -7.25 4.04
C LYS A 36 -2.62 -8.24 3.09
N ALA A 37 -2.71 -9.52 3.41
CA ALA A 37 -2.11 -10.57 2.60
C ALA A 37 -2.91 -10.79 1.31
N LYS A 38 -4.22 -10.95 1.46
CA LYS A 38 -5.09 -11.17 0.32
C LYS A 38 -5.06 -9.98 -0.63
N SER A 39 -5.19 -8.78 -0.07
CA SER A 39 -5.17 -7.56 -0.86
C SER A 39 -3.77 -7.24 -1.35
N LEU A 40 -3.63 -6.13 -2.06
CA LEU A 40 -2.33 -5.71 -2.59
C LEU A 40 -1.70 -4.63 -1.70
N LEU A 41 -0.58 -4.97 -1.07
CA LEU A 41 0.11 -4.03 -0.20
C LEU A 41 1.21 -3.29 -0.96
N VAL A 42 1.27 -1.97 -0.77
CA VAL A 42 2.27 -1.15 -1.43
C VAL A 42 3.12 -0.38 -0.42
N VAL A 43 4.37 -0.81 -0.25
CA VAL A 43 5.27 -0.15 0.69
C VAL A 43 6.17 0.86 -0.02
N HIS A 44 5.87 2.14 0.19
CA HIS A 44 6.65 3.21 -0.43
C HIS A 44 7.64 3.81 0.56
N PHE A 45 8.86 4.06 0.11
CA PHE A 45 9.89 4.64 0.96
C PHE A 45 9.96 6.15 0.79
N TRP A 46 9.49 6.88 1.79
CA TRP A 46 9.50 8.34 1.74
C TRP A 46 10.57 8.91 2.67
N ALA A 47 11.15 10.03 2.27
CA ALA A 47 12.18 10.67 3.08
C ALA A 47 11.88 12.16 3.26
N PRO A 48 12.11 12.67 4.48
CA PRO A 48 11.88 14.07 4.81
C PRO A 48 12.88 15.00 4.13
N TRP A 49 13.77 14.43 3.35
CA TRP A 49 14.79 15.21 2.64
C TRP A 49 14.60 15.10 1.13
N ALA A 50 14.50 13.87 0.64
CA ALA A 50 14.32 13.62 -0.79
C ALA A 50 13.07 14.32 -1.31
N PRO A 51 13.25 15.21 -2.31
CA PRO A 51 12.14 15.96 -2.91
C PRO A 51 11.22 15.07 -3.73
N GLN A 52 11.80 14.06 -4.37
CA GLN A 52 11.02 13.14 -5.19
C GLN A 52 9.86 12.55 -4.39
N CYS A 53 10.14 12.10 -3.18
CA CYS A 53 9.12 11.51 -2.33
C CYS A 53 7.94 12.46 -2.15
N ALA A 54 8.18 13.74 -2.42
CA ALA A 54 7.14 14.76 -2.30
C ALA A 54 5.95 14.45 -3.21
N GLN A 55 6.19 14.54 -4.51
CA GLN A 55 5.14 14.27 -5.49
C GLN A 55 4.70 12.80 -5.43
N MET A 56 5.66 11.92 -5.27
CA MET A 56 5.37 10.49 -5.20
C MET A 56 4.34 10.19 -4.13
N ASN A 57 4.34 11.00 -3.07
CA ASN A 57 3.39 10.84 -1.97
C ASN A 57 2.00 11.30 -2.37
N GLU A 58 1.94 12.47 -3.03
CA GLU A 58 0.66 13.02 -3.47
C GLU A 58 -0.04 12.08 -4.44
N VAL A 59 0.73 11.52 -5.37
CA VAL A 59 0.18 10.60 -6.36
C VAL A 59 -0.52 9.42 -5.68
N MET A 60 0.13 8.86 -4.68
CA MET A 60 -0.43 7.73 -3.94
C MET A 60 -1.84 8.04 -3.47
N ALA A 61 -1.99 9.14 -2.72
CA ALA A 61 -3.28 9.55 -2.20
C ALA A 61 -4.39 9.25 -3.20
N GLU A 62 -4.26 9.79 -4.40
CA GLU A 62 -5.25 9.58 -5.45
C GLU A 62 -5.48 8.10 -5.70
N LEU A 63 -4.42 7.41 -6.12
CA LEU A 63 -4.50 5.98 -6.40
C LEU A 63 -5.36 5.27 -5.36
N ALA A 64 -4.95 5.38 -4.09
CA ALA A 64 -5.68 4.74 -3.00
C ALA A 64 -7.18 4.89 -3.19
N LYS A 65 -7.61 6.05 -3.69
CA LYS A 65 -9.01 6.32 -3.92
C LYS A 65 -9.53 5.51 -5.10
N GLU A 66 -8.80 5.53 -6.20
CA GLU A 66 -9.19 4.80 -7.41
C GLU A 66 -9.28 3.30 -7.12
N LEU A 67 -8.30 2.79 -6.37
CA LEU A 67 -8.27 1.37 -6.03
C LEU A 67 -8.57 1.16 -4.56
N PRO A 68 -9.86 0.99 -4.23
CA PRO A 68 -10.30 0.79 -2.84
C PRO A 68 -9.89 -0.58 -2.31
N GLN A 69 -9.50 -1.48 -3.22
CA GLN A 69 -9.09 -2.82 -2.83
C GLN A 69 -7.58 -2.91 -2.72
N VAL A 70 -6.93 -1.75 -2.60
CA VAL A 70 -5.48 -1.71 -2.48
C VAL A 70 -5.05 -1.08 -1.16
N SER A 71 -3.85 -1.43 -0.70
CA SER A 71 -3.33 -0.92 0.55
C SER A 71 -2.03 -0.15 0.33
N PHE A 72 -2.06 1.15 0.60
CA PHE A 72 -0.90 2.00 0.42
C PHE A 72 -0.29 2.38 1.78
N VAL A 73 0.90 1.84 2.06
CA VAL A 73 1.58 2.12 3.33
C VAL A 73 2.96 2.71 3.07
N LYS A 74 3.23 3.85 3.71
CA LYS A 74 4.52 4.51 3.56
C LYS A 74 5.38 4.34 4.82
N LEU A 75 6.62 3.94 4.62
CA LEU A 75 7.54 3.73 5.74
C LEU A 75 8.74 4.67 5.64
N GLU A 76 9.25 5.10 6.78
CA GLU A 76 10.40 5.99 6.82
C GLU A 76 11.71 5.21 6.76
N ALA A 77 12.44 5.35 5.67
CA ALA A 77 13.71 4.66 5.48
C ALA A 77 14.63 4.89 6.67
N GLU A 78 14.86 6.15 7.00
CA GLU A 78 15.73 6.51 8.13
C GLU A 78 14.99 6.37 9.45
N GLY A 79 13.66 6.49 9.40
CA GLY A 79 12.86 6.38 10.60
C GLY A 79 12.85 4.97 11.17
N VAL A 80 12.80 3.98 10.28
CA VAL A 80 12.79 2.58 10.70
C VAL A 80 13.89 1.79 10.02
N PRO A 81 15.11 1.90 10.55
CA PRO A 81 16.29 1.21 10.00
C PRO A 81 16.22 -0.30 10.23
N GLU A 82 15.21 -0.74 10.96
CA GLU A 82 15.03 -2.16 11.24
C GLU A 82 14.58 -2.91 9.98
N VAL A 83 13.58 -2.37 9.30
CA VAL A 83 13.07 -2.98 8.08
C VAL A 83 13.98 -2.69 6.89
N SER A 84 14.39 -1.44 6.76
CA SER A 84 15.27 -1.03 5.67
C SER A 84 16.49 -1.93 5.58
N GLU A 85 17.00 -2.35 6.74
CA GLU A 85 18.17 -3.22 6.80
C GLU A 85 17.90 -4.55 6.13
N LYS A 86 16.86 -5.24 6.58
CA LYS A 86 16.48 -6.53 6.02
C LYS A 86 16.48 -6.47 4.49
N TYR A 87 15.66 -5.60 3.93
CA TYR A 87 15.56 -5.45 2.48
C TYR A 87 16.72 -4.62 1.95
N GLU A 88 17.48 -4.00 2.85
CA GLU A 88 18.62 -3.18 2.46
C GLU A 88 18.17 -2.03 1.56
N ILE A 89 17.07 -1.39 1.93
CA ILE A 89 16.53 -0.28 1.16
C ILE A 89 17.26 1.02 1.51
N SER A 90 18.30 1.33 0.74
CA SER A 90 19.08 2.55 0.97
C SER A 90 18.93 3.51 -0.21
N SER A 91 17.73 3.63 -0.74
CA SER A 91 17.46 4.52 -1.87
C SER A 91 15.98 4.86 -1.95
N VAL A 92 15.68 6.10 -2.32
CA VAL A 92 14.30 6.56 -2.44
C VAL A 92 14.14 7.53 -3.61
N PRO A 93 12.93 7.60 -4.16
CA PRO A 93 11.79 6.80 -3.68
C PRO A 93 11.96 5.32 -4.00
N THR A 94 11.16 4.48 -3.34
CA THR A 94 11.22 3.04 -3.55
C THR A 94 9.91 2.38 -3.13
N PHE A 95 9.30 1.65 -4.06
CA PHE A 95 8.04 0.96 -3.80
C PHE A 95 8.25 -0.55 -3.77
N LEU A 96 7.59 -1.22 -2.82
CA LEU A 96 7.70 -2.67 -2.69
C LEU A 96 6.32 -3.32 -2.66
N PHE A 97 6.02 -4.09 -3.70
CA PHE A 97 4.73 -4.78 -3.79
C PHE A 97 4.76 -6.11 -3.03
N PHE A 98 4.04 -6.17 -1.93
CA PHE A 98 3.98 -7.38 -1.11
C PHE A 98 2.63 -8.05 -1.23
N LYS A 99 2.61 -9.27 -1.78
CA LYS A 99 1.37 -10.01 -1.93
C LYS A 99 1.43 -11.33 -1.17
N ASN A 100 0.51 -11.51 -0.23
CA ASN A 100 0.45 -12.72 0.56
C ASN A 100 1.71 -12.88 1.41
N SER A 101 2.22 -11.76 1.92
CA SER A 101 3.43 -11.77 2.73
C SER A 101 4.62 -12.29 1.95
N GLN A 102 4.66 -11.96 0.66
CA GLN A 102 5.74 -12.41 -0.21
C GLN A 102 5.96 -11.43 -1.36
N LYS A 103 7.08 -10.72 -1.33
CA LYS A 103 7.40 -9.75 -2.37
C LYS A 103 7.29 -10.38 -3.75
N ILE A 104 6.51 -9.74 -4.63
CA ILE A 104 6.32 -10.24 -5.98
C ILE A 104 6.79 -9.21 -7.02
N ASP A 105 6.85 -7.96 -6.60
CA ASP A 105 7.27 -6.88 -7.48
C ASP A 105 7.95 -5.76 -6.69
N ARG A 106 8.65 -4.88 -7.40
CA ARG A 106 9.35 -3.76 -6.77
C ARG A 106 9.70 -2.69 -7.79
N LEU A 107 9.44 -1.43 -7.44
CA LEU A 107 9.73 -0.32 -8.33
C LEU A 107 10.79 0.59 -7.73
N ASP A 108 11.89 0.77 -8.47
CA ASP A 108 12.98 1.62 -8.01
C ASP A 108 13.01 2.94 -8.77
N GLY A 109 13.17 4.04 -8.05
CA GLY A 109 13.21 5.34 -8.68
C GLY A 109 11.87 6.04 -8.63
N ALA A 110 11.90 7.38 -8.70
CA ALA A 110 10.67 8.16 -8.67
C ALA A 110 9.97 8.15 -10.02
N HIS A 111 8.96 7.29 -10.15
CA HIS A 111 8.21 7.18 -11.40
C HIS A 111 6.71 7.33 -11.15
N ALA A 112 6.14 8.40 -11.69
CA ALA A 112 4.72 8.67 -11.52
C ALA A 112 3.88 7.63 -12.26
N PRO A 113 4.07 7.55 -13.59
CA PRO A 113 3.34 6.61 -14.44
C PRO A 113 3.76 5.16 -14.20
N GLU A 114 5.06 4.91 -14.23
CA GLU A 114 5.58 3.57 -14.01
C GLU A 114 4.95 2.92 -12.79
N LEU A 115 4.69 3.74 -11.76
CA LEU A 115 4.09 3.25 -10.53
C LEU A 115 2.66 2.78 -10.78
N THR A 116 1.81 3.71 -11.22
CA THR A 116 0.41 3.39 -11.50
C THR A 116 0.29 2.07 -12.26
N LYS A 117 1.06 1.94 -13.33
CA LYS A 117 1.05 0.73 -14.15
C LYS A 117 1.14 -0.52 -13.27
N LYS A 118 2.23 -0.64 -12.53
CA LYS A 118 2.44 -1.79 -11.65
C LYS A 118 1.29 -1.92 -10.66
N VAL A 119 0.92 -0.81 -10.02
CA VAL A 119 -0.17 -0.81 -9.06
C VAL A 119 -1.42 -1.45 -9.63
N GLN A 120 -1.91 -0.90 -10.74
CA GLN A 120 -3.10 -1.42 -11.40
C GLN A 120 -2.90 -2.88 -11.79
N ARG A 121 -1.81 -3.16 -12.50
CA ARG A 121 -1.52 -4.52 -12.94
C ARG A 121 -1.83 -5.53 -11.84
N HIS A 122 -1.13 -5.41 -10.72
CA HIS A 122 -1.33 -6.31 -9.59
C HIS A 122 -2.70 -6.10 -8.96
N ALA A 123 -2.99 -4.85 -8.59
CA ALA A 123 -4.27 -4.51 -7.98
C ALA A 123 -5.40 -5.36 -8.56
N SER A 124 -5.31 -5.66 -9.85
CA SER A 124 -6.33 -6.45 -10.53
C SER A 124 -6.83 -7.57 -9.62
N SER A 125 -5.92 -8.44 -9.20
CA SER A 125 -6.27 -9.56 -8.33
C SER A 125 -7.29 -9.13 -7.28
N GLY A 126 -8.48 -9.72 -7.34
CA GLY A 126 -9.53 -9.38 -6.39
C GLY A 126 -10.90 -9.35 -7.03
N PRO A 127 -11.84 -8.63 -6.39
CA PRO A 127 -13.21 -8.51 -6.88
C PRO A 127 -13.29 -7.67 -8.15
N SER A 128 -14.44 -7.76 -8.84
CA SER A 128 -14.64 -7.01 -10.06
C SER A 128 -13.42 -7.11 -10.98
N SER A 129 -12.82 -8.31 -11.03
CA SER A 129 -11.66 -8.55 -11.86
C SER A 129 -11.83 -7.93 -13.24
N GLY A 130 -10.81 -7.25 -13.72
CA GLY A 130 -10.87 -6.61 -15.03
C GLY A 130 -10.25 -5.23 -15.04
N GLY A 1 -46.50 22.58 5.45
CA GLY A 1 -45.80 21.83 4.44
C GLY A 1 -46.13 20.35 4.46
N SER A 2 -46.77 19.87 3.41
CA SER A 2 -47.16 18.46 3.33
C SER A 2 -46.62 17.83 2.05
N SER A 3 -45.89 16.73 2.21
CA SER A 3 -45.31 16.02 1.07
C SER A 3 -44.99 14.58 1.43
N GLY A 4 -45.35 13.65 0.54
CA GLY A 4 -45.10 12.25 0.78
C GLY A 4 -43.77 11.80 0.20
N SER A 5 -42.72 12.56 0.47
CA SER A 5 -41.40 12.24 -0.03
C SER A 5 -41.06 10.77 0.21
N SER A 6 -41.05 9.99 -0.86
CA SER A 6 -40.75 8.57 -0.78
C SER A 6 -39.41 8.25 -1.43
N GLY A 7 -38.41 7.96 -0.60
CA GLY A 7 -37.09 7.64 -1.12
C GLY A 7 -36.44 6.49 -0.37
N MET A 8 -37.24 5.47 -0.05
CA MET A 8 -36.74 4.30 0.66
C MET A 8 -36.66 3.09 -0.27
N ALA A 9 -35.54 2.98 -0.99
CA ALA A 9 -35.32 1.87 -1.90
C ALA A 9 -34.01 1.16 -1.61
N ALA A 10 -33.95 -0.12 -1.95
CA ALA A 10 -32.75 -0.92 -1.73
C ALA A 10 -31.61 -0.44 -2.62
N GLY A 11 -30.81 0.48 -2.09
CA GLY A 11 -29.69 1.01 -2.84
C GLY A 11 -28.36 0.76 -2.15
N ALA A 12 -27.66 -0.29 -2.56
CA ALA A 12 -26.37 -0.63 -1.97
C ALA A 12 -25.23 -0.07 -2.81
N ALA A 13 -24.74 1.10 -2.41
CA ALA A 13 -23.65 1.75 -3.12
C ALA A 13 -23.04 2.87 -2.29
N GLU A 14 -21.73 2.79 -2.05
CA GLU A 14 -21.04 3.80 -1.25
C GLU A 14 -19.81 4.32 -2.01
N ALA A 15 -19.23 5.40 -1.49
CA ALA A 15 -18.06 5.99 -2.10
C ALA A 15 -16.80 5.19 -1.80
N ALA A 16 -15.76 5.38 -2.61
CA ALA A 16 -14.50 4.66 -2.41
C ALA A 16 -13.41 5.61 -1.93
N VAL A 17 -13.06 5.51 -0.66
CA VAL A 17 -12.03 6.37 -0.07
C VAL A 17 -10.91 5.52 0.54
N ALA A 18 -9.74 6.13 0.71
CA ALA A 18 -8.60 5.43 1.30
C ALA A 18 -7.42 6.39 1.48
N ALA A 19 -6.76 6.28 2.63
CA ALA A 19 -5.62 7.14 2.94
C ALA A 19 -4.38 6.30 3.21
N VAL A 20 -3.22 6.86 2.89
CA VAL A 20 -1.95 6.17 3.09
C VAL A 20 -1.56 6.16 4.57
N GLU A 21 -1.34 4.95 5.10
CA GLU A 21 -0.97 4.80 6.50
C GLU A 21 0.52 5.08 6.70
N GLU A 22 0.86 5.75 7.81
CA GLU A 22 2.25 6.07 8.11
C GLU A 22 2.85 5.02 9.04
N VAL A 23 3.77 4.23 8.51
CA VAL A 23 4.44 3.20 9.29
C VAL A 23 5.70 3.73 9.96
N GLY A 24 5.76 3.62 11.28
CA GLY A 24 6.92 4.10 12.01
C GLY A 24 7.47 3.06 12.97
N SER A 25 7.29 1.79 12.63
CA SER A 25 7.76 0.70 13.47
C SER A 25 7.79 -0.61 12.70
N ALA A 26 8.90 -1.34 12.79
CA ALA A 26 9.06 -2.61 12.10
C ALA A 26 7.85 -3.51 12.34
N GLY A 27 7.51 -3.72 13.61
CA GLY A 27 6.37 -4.57 13.94
C GLY A 27 5.12 -4.18 13.18
N GLN A 28 4.84 -2.87 13.12
CA GLN A 28 3.66 -2.39 12.41
C GLN A 28 3.63 -2.91 10.98
N PHE A 29 4.75 -2.78 10.27
CA PHE A 29 4.84 -3.24 8.89
C PHE A 29 4.71 -4.76 8.82
N GLU A 30 5.65 -5.45 9.44
CA GLU A 30 5.66 -6.91 9.44
C GLU A 30 4.29 -7.46 9.85
N GLU A 31 3.64 -6.74 10.76
CA GLU A 31 2.31 -7.15 11.25
C GLU A 31 1.27 -7.01 10.15
N LEU A 32 1.30 -5.88 9.46
CA LEU A 32 0.34 -5.62 8.38
C LEU A 32 0.46 -6.67 7.28
N LEU A 33 1.69 -6.93 6.85
CA LEU A 33 1.93 -7.92 5.80
C LEU A 33 0.97 -9.09 5.92
N ARG A 34 0.73 -9.53 7.15
CA ARG A 34 -0.18 -10.64 7.41
C ARG A 34 -1.63 -10.21 7.22
N LEU A 35 -2.04 -9.18 7.95
CA LEU A 35 -3.41 -8.68 7.86
C LEU A 35 -3.79 -8.39 6.42
N LYS A 36 -3.00 -7.55 5.75
CA LYS A 36 -3.26 -7.20 4.37
C LYS A 36 -2.59 -8.19 3.42
N ALA A 37 -2.62 -9.47 3.79
CA ALA A 37 -2.03 -10.52 2.98
C ALA A 37 -2.86 -10.80 1.74
N LYS A 38 -4.18 -10.89 1.93
CA LYS A 38 -5.10 -11.16 0.83
C LYS A 38 -5.07 -10.02 -0.19
N SER A 39 -5.07 -8.78 0.30
CA SER A 39 -5.04 -7.62 -0.57
C SER A 39 -3.61 -7.25 -0.94
N LEU A 40 -3.46 -6.62 -2.10
CA LEU A 40 -2.14 -6.21 -2.58
C LEU A 40 -1.59 -5.05 -1.75
N LEU A 41 -0.42 -5.26 -1.16
CA LEU A 41 0.21 -4.22 -0.34
C LEU A 41 1.25 -3.46 -1.15
N VAL A 42 1.17 -2.13 -1.10
CA VAL A 42 2.11 -1.28 -1.82
C VAL A 42 2.89 -0.39 -0.86
N VAL A 43 4.13 -0.75 -0.61
CA VAL A 43 4.99 0.02 0.29
C VAL A 43 5.61 1.21 -0.42
N HIS A 44 5.92 2.25 0.33
CA HIS A 44 6.51 3.47 -0.23
C HIS A 44 7.55 4.05 0.73
N PHE A 45 8.78 4.18 0.25
CA PHE A 45 9.87 4.73 1.06
C PHE A 45 9.98 6.23 0.86
N TRP A 46 9.91 6.97 1.96
CA TRP A 46 10.01 8.43 1.91
C TRP A 46 11.14 8.93 2.80
N ALA A 47 11.91 9.89 2.29
CA ALA A 47 13.03 10.45 3.04
C ALA A 47 12.78 11.92 3.36
N PRO A 48 13.18 12.33 4.58
CA PRO A 48 13.01 13.72 5.03
C PRO A 48 13.92 14.69 4.29
N TRP A 49 14.72 14.16 3.36
CA TRP A 49 15.63 14.98 2.59
C TRP A 49 15.29 14.93 1.10
N ALA A 50 14.93 13.74 0.62
CA ALA A 50 14.57 13.57 -0.78
C ALA A 50 13.19 14.16 -1.07
N PRO A 51 13.13 15.08 -2.04
CA PRO A 51 11.88 15.73 -2.43
C PRO A 51 10.92 14.78 -3.15
N GLN A 52 11.46 13.95 -4.02
CA GLN A 52 10.66 12.99 -4.76
C GLN A 52 9.54 12.42 -3.90
N CYS A 53 9.87 12.12 -2.65
CA CYS A 53 8.89 11.58 -1.71
C CYS A 53 7.52 12.20 -1.94
N ALA A 54 7.48 13.52 -2.08
CA ALA A 54 6.23 14.24 -2.30
C ALA A 54 5.59 13.83 -3.62
N GLN A 55 6.27 14.13 -4.72
CA GLN A 55 5.77 13.79 -6.05
C GLN A 55 5.02 12.46 -6.03
N MET A 56 5.55 11.51 -5.25
CA MET A 56 4.94 10.19 -5.15
C MET A 56 3.75 10.22 -4.20
N ASN A 57 3.93 10.85 -3.04
CA ASN A 57 2.87 10.95 -2.05
C ASN A 57 1.54 11.33 -2.71
N GLU A 58 1.56 12.41 -3.49
CA GLU A 58 0.37 12.88 -4.17
C GLU A 58 -0.23 11.78 -5.05
N VAL A 59 0.56 11.30 -6.01
CA VAL A 59 0.12 10.25 -6.91
C VAL A 59 -0.50 9.09 -6.15
N MET A 60 0.10 8.75 -5.01
CA MET A 60 -0.39 7.66 -4.18
C MET A 60 -1.84 7.88 -3.79
N ALA A 61 -2.09 8.95 -3.03
CA ALA A 61 -3.43 9.28 -2.58
C ALA A 61 -4.46 9.00 -3.67
N GLU A 62 -4.23 9.58 -4.85
CA GLU A 62 -5.14 9.40 -5.98
C GLU A 62 -5.40 7.91 -6.24
N LEU A 63 -4.33 7.11 -6.19
CA LEU A 63 -4.44 5.68 -6.40
C LEU A 63 -5.21 5.01 -5.28
N ALA A 64 -4.78 5.27 -4.05
CA ALA A 64 -5.44 4.68 -2.87
C ALA A 64 -6.94 4.59 -3.08
N LYS A 65 -7.58 5.74 -3.26
CA LYS A 65 -9.02 5.79 -3.46
C LYS A 65 -9.41 5.10 -4.76
N GLU A 66 -8.62 5.32 -5.81
CA GLU A 66 -8.89 4.71 -7.10
C GLU A 66 -8.96 3.19 -6.99
N LEU A 67 -8.19 2.63 -6.07
CA LEU A 67 -8.18 1.19 -5.86
C LEU A 67 -8.24 0.86 -4.37
N PRO A 68 -9.45 0.65 -3.85
CA PRO A 68 -9.68 0.33 -2.44
C PRO A 68 -9.18 -1.08 -2.09
N GLN A 69 -9.05 -1.93 -3.11
CA GLN A 69 -8.58 -3.30 -2.91
C GLN A 69 -7.09 -3.32 -2.62
N VAL A 70 -6.44 -2.19 -2.80
CA VAL A 70 -5.00 -2.09 -2.56
C VAL A 70 -4.70 -1.25 -1.31
N SER A 71 -3.69 -1.67 -0.56
CA SER A 71 -3.31 -0.96 0.66
C SER A 71 -1.98 -0.25 0.48
N PHE A 72 -2.02 1.08 0.52
CA PHE A 72 -0.82 1.88 0.35
C PHE A 72 -0.22 2.26 1.71
N VAL A 73 1.00 1.83 1.96
CA VAL A 73 1.68 2.13 3.22
C VAL A 73 3.03 2.78 2.98
N LYS A 74 3.28 3.89 3.68
CA LYS A 74 4.53 4.61 3.54
C LYS A 74 5.41 4.43 4.78
N LEU A 75 6.67 4.07 4.56
CA LEU A 75 7.60 3.87 5.66
C LEU A 75 8.89 4.67 5.44
N GLU A 76 9.39 5.28 6.51
CA GLU A 76 10.61 6.08 6.43
C GLU A 76 11.84 5.20 6.65
N ALA A 77 12.67 5.09 5.62
CA ALA A 77 13.89 4.29 5.70
C ALA A 77 14.70 4.65 6.94
N GLU A 78 15.01 5.93 7.09
CA GLU A 78 15.79 6.39 8.24
C GLU A 78 14.99 6.22 9.53
N GLY A 79 13.68 6.08 9.41
CA GLY A 79 12.84 5.91 10.57
C GLY A 79 12.89 4.49 11.12
N VAL A 80 12.60 3.52 10.27
CA VAL A 80 12.62 2.12 10.67
C VAL A 80 13.74 1.36 9.98
N PRO A 81 14.97 1.53 10.49
CA PRO A 81 16.16 0.87 9.94
C PRO A 81 16.15 -0.64 10.20
N GLU A 82 15.17 -1.09 10.95
CA GLU A 82 15.06 -2.52 11.27
C GLU A 82 14.52 -3.31 10.08
N VAL A 83 13.67 -2.66 9.28
CA VAL A 83 13.10 -3.29 8.11
C VAL A 83 13.91 -2.99 6.86
N SER A 84 14.54 -1.82 6.84
CA SER A 84 15.36 -1.42 5.70
C SER A 84 16.51 -2.39 5.49
N GLU A 85 17.01 -2.96 6.58
CA GLU A 85 18.11 -3.90 6.51
C GLU A 85 17.67 -5.22 5.87
N LYS A 86 16.58 -5.78 6.37
CA LYS A 86 16.05 -7.03 5.85
C LYS A 86 16.01 -7.01 4.33
N TYR A 87 15.41 -5.97 3.77
CA TYR A 87 15.30 -5.84 2.32
C TYR A 87 16.49 -5.06 1.76
N GLU A 88 17.24 -4.42 2.65
CA GLU A 88 18.41 -3.65 2.24
C GLU A 88 17.99 -2.43 1.41
N ILE A 89 16.92 -1.78 1.83
CA ILE A 89 16.42 -0.59 1.14
C ILE A 89 17.31 0.61 1.41
N SER A 90 18.28 0.83 0.53
CA SER A 90 19.19 1.96 0.68
C SER A 90 19.00 2.97 -0.46
N SER A 91 17.75 3.24 -0.80
CA SER A 91 17.43 4.18 -1.86
C SER A 91 15.96 4.59 -1.80
N VAL A 92 15.69 5.87 -2.06
CA VAL A 92 14.34 6.39 -2.04
C VAL A 92 14.13 7.45 -3.12
N PRO A 93 12.89 7.56 -3.62
CA PRO A 93 11.78 6.72 -3.16
C PRO A 93 11.93 5.27 -3.59
N THR A 94 11.15 4.38 -2.98
CA THR A 94 11.19 2.97 -3.30
C THR A 94 9.87 2.28 -2.98
N PHE A 95 9.37 1.50 -3.92
CA PHE A 95 8.11 0.79 -3.74
C PHE A 95 8.34 -0.73 -3.68
N LEU A 96 7.69 -1.38 -2.73
CA LEU A 96 7.82 -2.82 -2.57
C LEU A 96 6.44 -3.49 -2.54
N PHE A 97 6.09 -4.15 -3.63
CA PHE A 97 4.81 -4.84 -3.72
C PHE A 97 4.85 -6.18 -3.00
N PHE A 98 3.92 -6.37 -2.07
CA PHE A 98 3.85 -7.62 -1.30
C PHE A 98 2.45 -8.22 -1.38
N LYS A 99 2.36 -9.38 -2.02
CA LYS A 99 1.09 -10.08 -2.17
C LYS A 99 1.06 -11.36 -1.35
N ASN A 100 0.33 -11.34 -0.24
CA ASN A 100 0.23 -12.49 0.63
C ASN A 100 1.53 -12.73 1.39
N SER A 101 2.13 -11.64 1.87
CA SER A 101 3.38 -11.71 2.61
C SER A 101 4.49 -12.30 1.74
N GLN A 102 4.58 -11.85 0.49
CA GLN A 102 5.58 -12.33 -0.44
C GLN A 102 5.85 -11.31 -1.53
N LYS A 103 7.09 -10.84 -1.62
CA LYS A 103 7.48 -9.85 -2.62
C LYS A 103 7.33 -10.43 -4.03
N ILE A 104 6.66 -9.69 -4.90
CA ILE A 104 6.45 -10.12 -6.28
C ILE A 104 6.91 -9.05 -7.26
N ASP A 105 6.81 -7.79 -6.86
CA ASP A 105 7.23 -6.67 -7.70
C ASP A 105 7.95 -5.61 -6.88
N ARG A 106 8.60 -4.68 -7.58
CA ARG A 106 9.33 -3.61 -6.92
C ARG A 106 9.62 -2.47 -7.89
N LEU A 107 9.47 -1.23 -7.41
CA LEU A 107 9.72 -0.06 -8.23
C LEU A 107 10.72 0.87 -7.57
N ASP A 108 11.91 0.97 -8.17
CA ASP A 108 12.96 1.83 -7.64
C ASP A 108 13.00 3.16 -8.39
N GLY A 109 13.24 4.24 -7.64
CA GLY A 109 13.29 5.56 -8.25
C GLY A 109 11.96 6.28 -8.21
N ALA A 110 11.98 7.57 -8.52
CA ALA A 110 10.75 8.37 -8.52
C ALA A 110 10.10 8.35 -9.89
N HIS A 111 9.02 7.58 -10.02
CA HIS A 111 8.30 7.48 -11.28
C HIS A 111 6.80 7.65 -11.05
N ALA A 112 6.23 8.70 -11.64
CA ALA A 112 4.80 8.96 -11.51
C ALA A 112 3.97 7.89 -12.21
N PRO A 113 4.18 7.77 -13.54
CA PRO A 113 3.46 6.79 -14.37
C PRO A 113 3.88 5.36 -14.06
N GLU A 114 5.19 5.11 -14.06
CA GLU A 114 5.72 3.78 -13.79
C GLU A 114 5.04 3.17 -12.57
N LEU A 115 4.73 4.00 -11.59
CA LEU A 115 4.07 3.53 -10.37
C LEU A 115 2.64 3.08 -10.67
N THR A 116 1.79 4.01 -11.06
CA THR A 116 0.40 3.71 -11.37
C THR A 116 0.30 2.43 -12.20
N LYS A 117 1.15 2.31 -13.21
CA LYS A 117 1.15 1.14 -14.07
C LYS A 117 1.17 -0.15 -13.24
N LYS A 118 2.28 -0.36 -12.53
CA LYS A 118 2.42 -1.55 -11.69
C LYS A 118 1.25 -1.69 -10.74
N VAL A 119 0.96 -0.62 -10.00
CA VAL A 119 -0.14 -0.62 -9.04
C VAL A 119 -1.41 -1.19 -9.67
N GLN A 120 -1.82 -0.61 -10.79
CA GLN A 120 -3.03 -1.05 -11.49
C GLN A 120 -2.95 -2.55 -11.80
N ARG A 121 -1.90 -2.95 -12.50
CA ARG A 121 -1.70 -4.35 -12.86
C ARG A 121 -1.90 -5.25 -11.65
N HIS A 122 -1.03 -5.09 -10.65
CA HIS A 122 -1.11 -5.89 -9.44
C HIS A 122 -2.49 -5.79 -8.81
N ALA A 123 -3.08 -4.60 -8.86
CA ALA A 123 -4.40 -4.37 -8.30
C ALA A 123 -5.32 -5.56 -8.54
N SER A 124 -5.21 -6.14 -9.73
CA SER A 124 -6.04 -7.29 -10.09
C SER A 124 -6.08 -8.31 -8.96
N SER A 125 -7.21 -8.37 -8.26
CA SER A 125 -7.37 -9.29 -7.15
C SER A 125 -8.73 -9.98 -7.21
N GLY A 126 -8.81 -11.16 -6.61
CA GLY A 126 -10.06 -11.91 -6.61
C GLY A 126 -11.05 -11.40 -5.57
N PRO A 127 -12.34 -11.67 -5.80
CA PRO A 127 -13.40 -11.24 -4.89
C PRO A 127 -13.37 -11.99 -3.56
N SER A 128 -13.50 -11.26 -2.46
CA SER A 128 -13.48 -11.85 -1.13
C SER A 128 -14.83 -12.49 -0.80
N SER A 129 -15.88 -11.67 -0.83
CA SER A 129 -17.22 -12.14 -0.53
C SER A 129 -18.09 -12.14 -1.79
N GLY A 130 -18.16 -13.29 -2.46
CA GLY A 130 -18.96 -13.40 -3.66
C GLY A 130 -20.06 -14.44 -3.54
N GLY A 1 -21.77 -11.84 34.71
CA GLY A 1 -21.75 -10.44 34.34
C GLY A 1 -20.97 -10.19 33.05
N SER A 2 -21.28 -10.94 32.01
CA SER A 2 -20.60 -10.81 30.73
C SER A 2 -21.42 -9.94 29.78
N SER A 3 -20.91 -8.75 29.48
CA SER A 3 -21.60 -7.83 28.58
C SER A 3 -21.40 -8.26 27.12
N GLY A 4 -22.12 -7.59 26.22
CA GLY A 4 -22.03 -7.91 24.81
C GLY A 4 -22.92 -9.06 24.41
N SER A 5 -23.90 -8.78 23.55
CA SER A 5 -24.83 -9.80 23.09
C SER A 5 -24.76 -9.97 21.57
N SER A 6 -25.41 -11.01 21.07
CA SER A 6 -25.41 -11.28 19.63
C SER A 6 -26.57 -10.56 18.95
N GLY A 7 -26.26 -9.87 17.86
CA GLY A 7 -27.28 -9.14 17.12
C GLY A 7 -27.17 -9.34 15.62
N MET A 8 -28.31 -9.34 14.94
CA MET A 8 -28.34 -9.52 13.49
C MET A 8 -28.75 -8.23 12.79
N ALA A 9 -27.76 -7.44 12.40
CA ALA A 9 -28.01 -6.17 11.72
C ALA A 9 -27.44 -6.19 10.31
N ALA A 10 -26.13 -6.31 10.20
CA ALA A 10 -25.45 -6.35 8.91
C ALA A 10 -24.26 -7.29 8.93
N GLY A 11 -24.21 -8.18 7.94
CA GLY A 11 -23.11 -9.13 7.86
C GLY A 11 -21.78 -8.47 7.57
N ALA A 12 -21.55 -8.12 6.31
CA ALA A 12 -20.31 -7.48 5.90
C ALA A 12 -20.07 -6.20 6.69
N ALA A 13 -19.10 -6.22 7.59
CA ALA A 13 -18.77 -5.06 8.41
C ALA A 13 -17.28 -4.74 8.34
N GLU A 14 -16.91 -3.87 7.40
CA GLU A 14 -15.51 -3.48 7.24
C GLU A 14 -15.40 -2.16 6.50
N ALA A 15 -14.54 -1.28 6.99
CA ALA A 15 -14.34 0.03 6.39
C ALA A 15 -12.94 0.15 5.78
N ALA A 16 -12.79 1.03 4.81
CA ALA A 16 -11.51 1.24 4.15
C ALA A 16 -11.26 2.72 3.87
N VAL A 17 -10.12 3.23 4.34
CA VAL A 17 -9.78 4.63 4.13
C VAL A 17 -8.84 4.79 2.94
N ALA A 18 -9.16 5.75 2.07
CA ALA A 18 -8.35 6.01 0.89
C ALA A 18 -7.16 6.89 1.23
N ALA A 19 -6.54 6.62 2.37
CA ALA A 19 -5.38 7.40 2.82
C ALA A 19 -4.19 6.49 3.08
N VAL A 20 -2.98 6.99 2.81
CA VAL A 20 -1.77 6.23 3.01
C VAL A 20 -1.42 6.13 4.50
N GLU A 21 -1.32 4.90 5.00
CA GLU A 21 -1.01 4.68 6.40
C GLU A 21 0.46 5.00 6.68
N GLU A 22 0.73 5.54 7.87
CA GLU A 22 2.09 5.88 8.25
C GLU A 22 2.70 4.80 9.14
N VAL A 23 3.71 4.10 8.61
CA VAL A 23 4.37 3.04 9.35
C VAL A 23 5.68 3.53 9.96
N GLY A 24 5.75 3.49 11.28
CA GLY A 24 6.95 3.94 11.97
C GLY A 24 7.51 2.88 12.91
N SER A 25 7.39 1.62 12.51
CA SER A 25 7.88 0.52 13.32
C SER A 25 7.87 -0.79 12.54
N ALA A 26 8.96 -1.55 12.65
CA ALA A 26 9.07 -2.82 11.94
C ALA A 26 7.90 -3.74 12.27
N GLY A 27 7.60 -3.88 13.55
CA GLY A 27 6.50 -4.73 13.97
C GLY A 27 5.20 -4.38 13.27
N GLN A 28 4.94 -3.09 13.12
CA GLN A 28 3.71 -2.63 12.47
C GLN A 28 3.64 -3.15 11.03
N PHE A 29 4.73 -2.97 10.28
CA PHE A 29 4.77 -3.41 8.89
C PHE A 29 4.63 -4.93 8.81
N GLU A 30 5.52 -5.64 9.49
CA GLU A 30 5.49 -7.11 9.49
C GLU A 30 4.11 -7.62 9.88
N GLU A 31 3.47 -6.93 10.81
CA GLU A 31 2.14 -7.32 11.28
C GLU A 31 1.10 -7.13 10.18
N LEU A 32 1.07 -5.94 9.59
CA LEU A 32 0.13 -5.64 8.53
C LEU A 32 0.20 -6.68 7.42
N LEU A 33 1.42 -7.00 6.99
CA LEU A 33 1.63 -7.99 5.94
C LEU A 33 0.58 -9.10 6.02
N ARG A 34 0.32 -9.57 7.23
CA ARG A 34 -0.66 -10.63 7.44
C ARG A 34 -2.09 -10.08 7.36
N LEU A 35 -2.30 -8.93 7.99
CA LEU A 35 -3.61 -8.30 8.00
C LEU A 35 -4.07 -7.96 6.58
N LYS A 36 -3.29 -7.10 5.90
CA LYS A 36 -3.61 -6.70 4.54
C LYS A 36 -2.99 -7.67 3.54
N ALA A 37 -3.02 -8.96 3.87
CA ALA A 37 -2.46 -9.98 3.00
C ALA A 37 -3.38 -10.24 1.80
N LYS A 38 -4.65 -10.50 2.09
CA LYS A 38 -5.62 -10.76 1.03
C LYS A 38 -5.55 -9.70 -0.06
N SER A 39 -5.42 -8.44 0.35
CA SER A 39 -5.35 -7.34 -0.60
C SER A 39 -3.90 -7.09 -1.02
N LEU A 40 -3.72 -6.22 -2.01
CA LEU A 40 -2.38 -5.89 -2.49
C LEU A 40 -1.75 -4.79 -1.64
N LEU A 41 -0.57 -5.07 -1.10
CA LEU A 41 0.13 -4.11 -0.25
C LEU A 41 1.24 -3.41 -1.05
N VAL A 42 1.41 -2.12 -0.81
CA VAL A 42 2.44 -1.35 -1.49
C VAL A 42 3.20 -0.45 -0.51
N VAL A 43 4.41 -0.87 -0.16
CA VAL A 43 5.25 -0.12 0.76
C VAL A 43 6.01 0.98 0.04
N HIS A 44 5.75 2.23 0.43
CA HIS A 44 6.42 3.38 -0.18
C HIS A 44 7.43 3.99 0.78
N PHE A 45 8.70 3.97 0.38
CA PHE A 45 9.77 4.51 1.22
C PHE A 45 9.79 6.04 1.13
N TRP A 46 9.62 6.69 2.27
CA TRP A 46 9.62 8.16 2.32
C TRP A 46 10.67 8.66 3.31
N ALA A 47 11.49 9.60 2.86
CA ALA A 47 12.53 10.18 3.70
C ALA A 47 12.35 11.69 3.85
N PRO A 48 12.57 12.20 5.06
CA PRO A 48 12.45 13.62 5.35
C PRO A 48 13.56 14.45 4.70
N TRP A 49 14.44 13.78 3.98
CA TRP A 49 15.54 14.45 3.30
C TRP A 49 15.44 14.26 1.79
N ALA A 50 14.35 13.66 1.35
CA ALA A 50 14.14 13.43 -0.08
C ALA A 50 12.89 14.16 -0.58
N PRO A 51 13.11 15.15 -1.45
CA PRO A 51 12.01 15.95 -2.02
C PRO A 51 11.15 15.16 -2.99
N GLN A 52 11.57 13.92 -3.27
CA GLN A 52 10.83 13.07 -4.18
C GLN A 52 9.55 12.56 -3.53
N CYS A 53 9.67 12.12 -2.28
CA CYS A 53 8.51 11.61 -1.55
C CYS A 53 7.26 12.41 -1.86
N ALA A 54 7.45 13.68 -2.21
CA ALA A 54 6.33 14.57 -2.53
C ALA A 54 5.61 14.08 -3.79
N GLN A 55 6.31 14.11 -4.92
CA GLN A 55 5.73 13.68 -6.19
C GLN A 55 4.99 12.35 -6.03
N MET A 56 5.67 11.36 -5.46
CA MET A 56 5.07 10.04 -5.24
C MET A 56 3.90 10.13 -4.28
N ASN A 57 4.11 10.84 -3.17
CA ASN A 57 3.07 11.00 -2.16
C ASN A 57 1.72 11.29 -2.81
N GLU A 58 1.65 12.40 -3.54
CA GLU A 58 0.43 12.80 -4.22
C GLU A 58 -0.09 11.67 -5.12
N VAL A 59 0.78 11.17 -5.99
CA VAL A 59 0.42 10.11 -6.90
C VAL A 59 -0.26 8.95 -6.16
N MET A 60 0.32 8.58 -5.02
CA MET A 60 -0.23 7.49 -4.21
C MET A 60 -1.67 7.79 -3.79
N ALA A 61 -1.84 8.88 -3.05
CA ALA A 61 -3.16 9.27 -2.58
C ALA A 61 -4.21 9.06 -3.66
N GLU A 62 -3.98 9.64 -4.83
CA GLU A 62 -4.90 9.51 -5.95
C GLU A 62 -5.19 8.04 -6.26
N LEU A 63 -4.17 7.20 -6.08
CA LEU A 63 -4.31 5.77 -6.33
C LEU A 63 -5.12 5.09 -5.24
N ALA A 64 -4.75 5.36 -3.98
CA ALA A 64 -5.44 4.78 -2.84
C ALA A 64 -6.95 4.72 -3.08
N LYS A 65 -7.53 5.87 -3.41
CA LYS A 65 -8.96 5.95 -3.67
C LYS A 65 -9.34 5.19 -4.94
N GLU A 66 -8.66 5.50 -6.04
CA GLU A 66 -8.92 4.83 -7.31
C GLU A 66 -9.07 3.33 -7.12
N LEU A 67 -8.13 2.73 -6.40
CA LEU A 67 -8.15 1.29 -6.14
C LEU A 67 -8.44 1.02 -4.66
N PRO A 68 -9.72 0.83 -4.34
CA PRO A 68 -10.15 0.55 -2.95
C PRO A 68 -9.73 -0.84 -2.49
N GLN A 69 -9.34 -1.69 -3.44
CA GLN A 69 -8.92 -3.04 -3.12
C GLN A 69 -7.40 -3.11 -2.95
N VAL A 70 -6.79 -1.96 -2.73
CA VAL A 70 -5.34 -1.88 -2.54
C VAL A 70 -4.99 -1.20 -1.24
N SER A 71 -3.80 -1.49 -0.71
CA SER A 71 -3.35 -0.89 0.54
C SER A 71 -2.02 -0.17 0.34
N PHE A 72 -2.03 1.13 0.57
CA PHE A 72 -0.82 1.95 0.43
C PHE A 72 -0.27 2.35 1.79
N VAL A 73 0.92 1.84 2.11
CA VAL A 73 1.57 2.13 3.37
C VAL A 73 2.95 2.74 3.16
N LYS A 74 3.22 3.86 3.83
CA LYS A 74 4.50 4.53 3.72
C LYS A 74 5.32 4.38 4.99
N LEU A 75 6.59 4.05 4.84
CA LEU A 75 7.49 3.87 5.99
C LEU A 75 8.70 4.79 5.88
N GLU A 76 9.17 5.28 7.03
CA GLU A 76 10.31 6.16 7.07
C GLU A 76 11.62 5.37 7.17
N ALA A 77 12.38 5.35 6.09
CA ALA A 77 13.65 4.63 6.05
C ALA A 77 14.46 4.89 7.32
N GLU A 78 14.71 6.16 7.60
CA GLU A 78 15.48 6.54 8.78
C GLU A 78 14.72 6.21 10.06
N GLY A 79 13.39 6.19 9.96
CA GLY A 79 12.57 5.88 11.11
C GLY A 79 12.66 4.42 11.52
N VAL A 80 12.66 3.54 10.52
CA VAL A 80 12.74 2.10 10.77
C VAL A 80 13.82 1.45 9.92
N PRO A 81 15.07 1.52 10.40
CA PRO A 81 16.22 0.95 9.69
C PRO A 81 16.20 -0.57 9.70
N GLU A 82 15.39 -1.15 10.58
CA GLU A 82 15.27 -2.60 10.69
C GLU A 82 14.80 -3.21 9.38
N VAL A 83 13.71 -2.68 8.84
CA VAL A 83 13.15 -3.17 7.59
C VAL A 83 14.07 -2.84 6.41
N SER A 84 14.54 -1.60 6.37
CA SER A 84 15.43 -1.15 5.30
C SER A 84 16.65 -2.06 5.19
N GLU A 85 17.20 -2.44 6.34
CA GLU A 85 18.37 -3.30 6.38
C GLU A 85 18.09 -4.63 5.71
N LYS A 86 17.10 -5.35 6.23
CA LYS A 86 16.72 -6.65 5.68
C LYS A 86 16.67 -6.61 4.15
N TYR A 87 15.83 -5.72 3.62
CA TYR A 87 15.68 -5.58 2.18
C TYR A 87 16.85 -4.80 1.59
N GLU A 88 17.61 -4.15 2.46
CA GLU A 88 18.77 -3.36 2.02
C GLU A 88 18.33 -2.19 1.16
N ILE A 89 17.19 -1.58 1.51
CA ILE A 89 16.66 -0.45 0.77
C ILE A 89 17.53 0.79 0.97
N SER A 90 18.46 1.01 0.05
CA SER A 90 19.35 2.16 0.13
C SER A 90 19.10 3.13 -1.03
N SER A 91 17.83 3.37 -1.31
CA SER A 91 17.44 4.27 -2.40
C SER A 91 15.96 4.63 -2.31
N VAL A 92 15.68 5.93 -2.25
CA VAL A 92 14.31 6.41 -2.17
C VAL A 92 14.01 7.43 -3.26
N PRO A 93 12.73 7.55 -3.64
CA PRO A 93 11.66 6.74 -3.04
C PRO A 93 11.75 5.27 -3.45
N THR A 94 11.02 4.41 -2.73
CA THR A 94 11.02 2.98 -3.02
C THR A 94 9.61 2.44 -3.07
N PHE A 95 9.43 1.32 -3.78
CA PHE A 95 8.12 0.70 -3.91
C PHE A 95 8.24 -0.82 -3.86
N LEU A 96 7.75 -1.41 -2.77
CA LEU A 96 7.80 -2.86 -2.59
C LEU A 96 6.39 -3.45 -2.58
N PHE A 97 6.01 -4.09 -3.68
CA PHE A 97 4.70 -4.71 -3.79
C PHE A 97 4.68 -6.08 -3.13
N PHE A 98 3.94 -6.19 -2.04
CA PHE A 98 3.83 -7.45 -1.31
C PHE A 98 2.45 -8.07 -1.49
N LYS A 99 2.42 -9.31 -1.98
CA LYS A 99 1.17 -10.01 -2.20
C LYS A 99 1.01 -11.15 -1.20
N ASN A 100 0.31 -10.88 -0.10
CA ASN A 100 0.09 -11.89 0.94
C ASN A 100 1.37 -12.14 1.74
N SER A 101 2.10 -11.06 2.03
CA SER A 101 3.33 -11.17 2.79
C SER A 101 4.44 -11.79 1.95
N GLN A 102 4.35 -11.60 0.63
CA GLN A 102 5.34 -12.15 -0.29
C GLN A 102 5.62 -11.16 -1.43
N LYS A 103 6.82 -10.60 -1.43
CA LYS A 103 7.23 -9.65 -2.45
C LYS A 103 7.14 -10.29 -3.84
N ILE A 104 6.45 -9.63 -4.76
CA ILE A 104 6.30 -10.12 -6.12
C ILE A 104 6.88 -9.14 -7.13
N ASP A 105 6.70 -7.85 -6.86
CA ASP A 105 7.21 -6.81 -7.75
C ASP A 105 7.82 -5.67 -6.95
N ARG A 106 8.50 -4.76 -7.66
CA ARG A 106 9.14 -3.63 -7.01
C ARG A 106 9.46 -2.53 -8.02
N LEU A 107 9.34 -1.28 -7.58
CA LEU A 107 9.62 -0.14 -8.45
C LEU A 107 10.64 0.80 -7.82
N ASP A 108 11.81 0.89 -8.43
CA ASP A 108 12.88 1.76 -7.93
C ASP A 108 12.90 3.08 -8.69
N GLY A 109 12.81 4.18 -7.95
CA GLY A 109 12.82 5.49 -8.56
C GLY A 109 11.48 6.19 -8.46
N ALA A 110 11.50 7.52 -8.51
CA ALA A 110 10.28 8.30 -8.42
C ALA A 110 9.60 8.42 -9.79
N HIS A 111 8.84 7.39 -10.14
CA HIS A 111 8.13 7.38 -11.42
C HIS A 111 6.63 7.56 -11.21
N ALA A 112 6.09 8.63 -11.77
CA ALA A 112 4.66 8.92 -11.65
C ALA A 112 3.84 7.89 -12.42
N PRO A 113 4.08 7.79 -13.73
CA PRO A 113 3.37 6.85 -14.60
C PRO A 113 3.73 5.40 -14.31
N GLU A 114 5.03 5.12 -14.25
CA GLU A 114 5.52 3.78 -13.99
C GLU A 114 4.83 3.19 -12.75
N LEU A 115 4.69 4.00 -11.72
CA LEU A 115 4.05 3.57 -10.47
C LEU A 115 2.66 3.03 -10.74
N THR A 116 1.79 3.88 -11.27
CA THR A 116 0.41 3.49 -11.57
C THR A 116 0.39 2.17 -12.35
N LYS A 117 1.22 2.07 -13.38
CA LYS A 117 1.28 0.86 -14.19
C LYS A 117 1.41 -0.38 -13.32
N LYS A 118 2.40 -0.38 -12.44
CA LYS A 118 2.63 -1.51 -11.54
C LYS A 118 1.46 -1.67 -10.57
N VAL A 119 1.02 -0.56 -9.99
CA VAL A 119 -0.09 -0.58 -9.04
C VAL A 119 -1.31 -1.29 -9.64
N GLN A 120 -1.80 -0.75 -10.76
CA GLN A 120 -2.96 -1.33 -11.43
C GLN A 120 -2.70 -2.79 -11.80
N ARG A 121 -1.59 -3.04 -12.49
CA ARG A 121 -1.23 -4.39 -12.90
C ARG A 121 -1.46 -5.38 -11.78
N HIS A 122 -0.79 -5.16 -10.65
CA HIS A 122 -0.93 -6.04 -9.49
C HIS A 122 -2.34 -5.99 -8.93
N ALA A 123 -2.81 -4.78 -8.64
CA ALA A 123 -4.15 -4.60 -8.10
C ALA A 123 -5.13 -5.62 -8.66
N SER A 124 -5.01 -5.89 -9.96
CA SER A 124 -5.88 -6.86 -10.63
C SER A 124 -6.22 -8.00 -9.69
N SER A 125 -7.49 -8.42 -9.71
CA SER A 125 -7.95 -9.51 -8.87
C SER A 125 -7.46 -10.86 -9.39
N GLY A 126 -7.75 -11.92 -8.64
CA GLY A 126 -7.32 -13.24 -9.05
C GLY A 126 -6.65 -14.00 -7.91
N PRO A 127 -5.84 -15.01 -8.28
CA PRO A 127 -5.12 -15.83 -7.30
C PRO A 127 -4.01 -15.06 -6.60
N SER A 128 -3.79 -15.38 -5.33
CA SER A 128 -2.76 -14.72 -4.54
C SER A 128 -1.37 -15.22 -4.92
N SER A 129 -1.21 -16.54 -4.91
CA SER A 129 0.07 -17.15 -5.26
C SER A 129 -0.06 -18.03 -6.49
N GLY A 130 1.07 -18.55 -6.96
CA GLY A 130 1.06 -19.41 -8.14
C GLY A 130 1.39 -20.85 -7.81
N GLY A 1 -47.58 -17.03 5.97
CA GLY A 1 -46.84 -16.92 4.72
C GLY A 1 -47.69 -17.23 3.51
N SER A 2 -47.99 -18.51 3.30
CA SER A 2 -48.79 -18.94 2.17
C SER A 2 -48.16 -18.50 0.86
N SER A 3 -46.84 -18.65 0.77
CA SER A 3 -46.12 -18.25 -0.44
C SER A 3 -46.09 -16.74 -0.60
N GLY A 4 -45.88 -16.03 0.51
CA GLY A 4 -45.83 -14.59 0.46
C GLY A 4 -44.43 -14.03 0.72
N SER A 5 -43.84 -13.44 -0.30
CA SER A 5 -42.51 -12.88 -0.19
C SER A 5 -42.13 -12.11 -1.46
N SER A 6 -41.57 -10.92 -1.28
CA SER A 6 -41.17 -10.09 -2.40
C SER A 6 -40.15 -9.04 -1.96
N GLY A 7 -39.12 -8.85 -2.79
CA GLY A 7 -38.09 -7.87 -2.47
C GLY A 7 -37.28 -8.26 -1.24
N MET A 8 -35.99 -8.46 -1.43
CA MET A 8 -35.11 -8.83 -0.32
C MET A 8 -33.74 -8.16 -0.47
N ALA A 9 -33.15 -7.80 0.67
CA ALA A 9 -31.85 -7.14 0.67
C ALA A 9 -31.08 -7.45 1.95
N ALA A 10 -30.04 -8.26 1.83
CA ALA A 10 -29.23 -8.63 2.98
C ALA A 10 -27.75 -8.44 2.69
N GLY A 11 -27.03 -7.81 3.62
CA GLY A 11 -25.61 -7.58 3.45
C GLY A 11 -25.27 -6.10 3.38
N ALA A 12 -24.41 -5.74 2.43
CA ALA A 12 -24.01 -4.35 2.27
C ALA A 12 -23.32 -3.82 3.53
N ALA A 13 -22.46 -4.64 4.11
CA ALA A 13 -21.75 -4.25 5.32
C ALA A 13 -20.25 -4.52 5.18
N GLU A 14 -19.52 -3.52 4.70
CA GLU A 14 -18.07 -3.65 4.53
C GLU A 14 -17.41 -2.27 4.47
N ALA A 15 -16.54 -2.01 5.44
CA ALA A 15 -15.84 -0.73 5.52
C ALA A 15 -14.38 -0.89 5.09
N ALA A 16 -13.75 0.23 4.77
CA ALA A 16 -12.35 0.22 4.34
C ALA A 16 -11.81 1.64 4.19
N VAL A 17 -10.55 1.84 4.59
CA VAL A 17 -9.92 3.14 4.50
C VAL A 17 -9.02 3.23 3.27
N ALA A 18 -9.30 4.21 2.41
CA ALA A 18 -8.52 4.41 1.20
C ALA A 18 -7.47 5.49 1.40
N ALA A 19 -6.76 5.43 2.52
CA ALA A 19 -5.72 6.40 2.83
C ALA A 19 -4.38 5.71 3.09
N VAL A 20 -3.30 6.42 2.83
CA VAL A 20 -1.95 5.88 3.04
C VAL A 20 -1.58 5.89 4.52
N GLU A 21 -1.40 4.70 5.09
CA GLU A 21 -1.05 4.57 6.49
C GLU A 21 0.42 4.95 6.72
N GLU A 22 0.71 5.45 7.91
CA GLU A 22 2.07 5.86 8.26
C GLU A 22 2.74 4.81 9.15
N VAL A 23 3.66 4.05 8.56
CA VAL A 23 4.37 3.02 9.30
C VAL A 23 5.67 3.56 9.88
N GLY A 24 5.78 3.52 11.21
CA GLY A 24 6.97 4.01 11.88
C GLY A 24 7.59 2.97 12.79
N SER A 25 7.39 1.70 12.46
CA SER A 25 7.93 0.61 13.26
C SER A 25 7.86 -0.70 12.50
N ALA A 26 8.83 -1.58 12.74
CA ALA A 26 8.87 -2.87 12.08
C ALA A 26 7.69 -3.75 12.50
N GLY A 27 7.22 -3.55 13.72
CA GLY A 27 6.10 -4.33 14.22
C GLY A 27 4.80 -3.98 13.53
N GLN A 28 4.64 -2.71 13.17
CA GLN A 28 3.44 -2.25 12.49
C GLN A 28 3.36 -2.81 11.07
N PHE A 29 4.51 -2.88 10.41
CA PHE A 29 4.58 -3.39 9.04
C PHE A 29 4.52 -4.91 9.03
N GLU A 30 5.39 -5.55 9.81
CA GLU A 30 5.42 -7.00 9.88
C GLU A 30 4.04 -7.57 10.19
N GLU A 31 3.32 -6.89 11.07
CA GLU A 31 1.97 -7.33 11.45
C GLU A 31 0.97 -7.04 10.34
N LEU A 32 1.07 -5.86 9.75
CA LEU A 32 0.17 -5.47 8.67
C LEU A 32 0.35 -6.37 7.46
N LEU A 33 1.52 -6.98 7.34
CA LEU A 33 1.83 -7.87 6.24
C LEU A 33 0.91 -9.10 6.26
N ARG A 34 0.46 -9.47 7.44
CA ARG A 34 -0.42 -10.62 7.61
C ARG A 34 -1.87 -10.25 7.28
N LEU A 35 -2.32 -9.13 7.83
CA LEU A 35 -3.68 -8.66 7.60
C LEU A 35 -3.87 -8.22 6.16
N LYS A 36 -3.00 -7.33 5.69
CA LYS A 36 -3.08 -6.84 4.32
C LYS A 36 -2.32 -7.77 3.37
N ALA A 37 -2.38 -9.07 3.65
CA ALA A 37 -1.71 -10.06 2.81
C ALA A 37 -2.55 -10.40 1.59
N LYS A 38 -3.83 -10.70 1.82
CA LYS A 38 -4.74 -11.04 0.74
C LYS A 38 -4.83 -9.92 -0.29
N SER A 39 -4.69 -8.69 0.18
CA SER A 39 -4.76 -7.53 -0.69
C SER A 39 -3.36 -7.12 -1.18
N LEU A 40 -3.32 -6.29 -2.20
CA LEU A 40 -2.05 -5.82 -2.76
C LEU A 40 -1.43 -4.74 -1.89
N LEU A 41 -0.38 -5.08 -1.17
CA LEU A 41 0.31 -4.14 -0.30
C LEU A 41 1.48 -3.48 -1.02
N VAL A 42 1.55 -2.15 -0.96
CA VAL A 42 2.62 -1.41 -1.61
C VAL A 42 3.37 -0.55 -0.60
N VAL A 43 4.54 -1.02 -0.19
CA VAL A 43 5.37 -0.28 0.77
C VAL A 43 6.20 0.78 0.08
N HIS A 44 5.80 2.04 0.24
CA HIS A 44 6.52 3.16 -0.37
C HIS A 44 7.46 3.80 0.63
N PHE A 45 8.71 3.99 0.22
CA PHE A 45 9.71 4.60 1.09
C PHE A 45 9.69 6.12 0.95
N TRP A 46 9.60 6.81 2.09
CA TRP A 46 9.57 8.27 2.09
C TRP A 46 10.64 8.83 3.02
N ALA A 47 11.33 9.87 2.57
CA ALA A 47 12.38 10.50 3.35
C ALA A 47 12.19 12.01 3.41
N PRO A 48 12.59 12.61 4.55
CA PRO A 48 12.47 14.06 4.75
C PRO A 48 13.43 14.85 3.87
N TRP A 49 14.51 14.21 3.46
CA TRP A 49 15.51 14.85 2.60
C TRP A 49 15.15 14.69 1.13
N ALA A 50 14.92 13.45 0.71
CA ALA A 50 14.57 13.16 -0.67
C ALA A 50 13.30 13.91 -1.08
N PRO A 51 13.46 14.87 -2.00
CA PRO A 51 12.33 15.67 -2.49
C PRO A 51 11.38 14.86 -3.36
N GLN A 52 11.94 14.01 -4.22
CA GLN A 52 11.14 13.18 -5.11
C GLN A 52 9.98 12.53 -4.35
N CYS A 53 10.31 11.88 -3.23
CA CYS A 53 9.30 11.21 -2.42
C CYS A 53 8.07 12.09 -2.25
N ALA A 54 8.29 13.41 -2.24
CA ALA A 54 7.19 14.37 -2.08
C ALA A 54 6.09 14.10 -3.10
N GLN A 55 6.46 13.99 -4.36
CA GLN A 55 5.50 13.75 -5.43
C GLN A 55 4.85 12.37 -5.27
N MET A 56 5.69 11.34 -5.25
CA MET A 56 5.20 9.97 -5.11
C MET A 56 4.06 9.90 -4.10
N ASN A 57 4.14 10.73 -3.06
CA ASN A 57 3.13 10.76 -2.02
C ASN A 57 1.75 11.06 -2.61
N GLU A 58 1.60 12.26 -3.15
CA GLU A 58 0.33 12.66 -3.76
C GLU A 58 -0.13 11.64 -4.79
N VAL A 59 0.82 11.07 -5.52
CA VAL A 59 0.51 10.08 -6.54
C VAL A 59 -0.11 8.83 -5.92
N MET A 60 0.35 8.48 -4.73
CA MET A 60 -0.16 7.31 -4.03
C MET A 60 -1.56 7.56 -3.50
N ALA A 61 -1.74 8.68 -2.80
CA ALA A 61 -3.03 9.04 -2.23
C ALA A 61 -4.14 8.90 -3.28
N GLU A 62 -3.99 9.62 -4.38
CA GLU A 62 -4.97 9.57 -5.46
C GLU A 62 -5.26 8.13 -5.88
N LEU A 63 -4.25 7.28 -5.79
CA LEU A 63 -4.40 5.88 -6.16
C LEU A 63 -5.16 5.11 -5.09
N ALA A 64 -4.91 5.46 -3.83
CA ALA A 64 -5.58 4.80 -2.71
C ALA A 64 -7.10 4.75 -2.92
N LYS A 65 -7.70 5.93 -3.10
CA LYS A 65 -9.14 6.01 -3.32
C LYS A 65 -9.54 5.32 -4.61
N GLU A 66 -8.87 5.69 -5.70
CA GLU A 66 -9.15 5.10 -7.00
C GLU A 66 -9.22 3.58 -6.92
N LEU A 67 -8.27 3.00 -6.17
CA LEU A 67 -8.22 1.55 -6.01
C LEU A 67 -8.48 1.16 -4.56
N PRO A 68 -9.76 0.94 -4.22
CA PRO A 68 -10.16 0.54 -2.85
C PRO A 68 -9.71 -0.87 -2.51
N GLN A 69 -9.36 -1.64 -3.52
CA GLN A 69 -8.91 -3.01 -3.31
C GLN A 69 -7.39 -3.09 -3.19
N VAL A 70 -6.78 -1.95 -2.90
CA VAL A 70 -5.32 -1.87 -2.76
C VAL A 70 -4.94 -1.17 -1.46
N SER A 71 -3.92 -1.70 -0.79
CA SER A 71 -3.45 -1.11 0.46
C SER A 71 -2.14 -0.36 0.25
N PHE A 72 -2.19 0.95 0.47
CA PHE A 72 -1.01 1.80 0.30
C PHE A 72 -0.41 2.16 1.66
N VAL A 73 0.79 1.64 1.93
CA VAL A 73 1.47 1.92 3.18
C VAL A 73 2.85 2.53 2.95
N LYS A 74 3.14 3.62 3.63
CA LYS A 74 4.43 4.29 3.50
C LYS A 74 5.23 4.21 4.79
N LEU A 75 6.53 3.95 4.67
CA LEU A 75 7.40 3.85 5.83
C LEU A 75 8.59 4.79 5.70
N GLU A 76 9.05 5.31 6.83
CA GLU A 76 10.19 6.23 6.85
C GLU A 76 11.51 5.47 6.95
N ALA A 77 12.21 5.37 5.83
CA ALA A 77 13.49 4.67 5.79
C ALA A 77 14.35 5.03 7.01
N GLU A 78 14.29 6.29 7.41
CA GLU A 78 15.06 6.77 8.55
C GLU A 78 14.35 6.44 9.86
N GLY A 79 13.04 6.27 9.79
CA GLY A 79 12.26 5.95 10.98
C GLY A 79 12.36 4.49 11.36
N VAL A 80 12.31 3.62 10.36
CA VAL A 80 12.39 2.17 10.60
C VAL A 80 13.58 1.57 9.86
N PRO A 81 14.78 1.68 10.47
CA PRO A 81 16.00 1.14 9.88
C PRO A 81 16.03 -0.39 9.89
N GLU A 82 15.24 -0.98 10.78
CA GLU A 82 15.18 -2.44 10.88
C GLU A 82 14.75 -3.06 9.56
N VAL A 83 13.60 -2.62 9.05
CA VAL A 83 13.08 -3.13 7.79
C VAL A 83 14.00 -2.78 6.63
N SER A 84 14.42 -1.52 6.57
CA SER A 84 15.30 -1.05 5.51
C SER A 84 16.53 -1.95 5.39
N GLU A 85 17.07 -2.36 6.53
CA GLU A 85 18.25 -3.22 6.57
C GLU A 85 17.98 -4.54 5.85
N LYS A 86 16.98 -5.28 6.35
CA LYS A 86 16.62 -6.56 5.76
C LYS A 86 16.60 -6.49 4.24
N TYR A 87 15.74 -5.61 3.70
CA TYR A 87 15.64 -5.44 2.26
C TYR A 87 16.82 -4.64 1.72
N GLU A 88 17.57 -4.01 2.61
CA GLU A 88 18.73 -3.21 2.22
C GLU A 88 18.30 -2.03 1.38
N ILE A 89 17.16 -1.44 1.71
CA ILE A 89 16.64 -0.29 0.98
C ILE A 89 17.49 0.95 1.23
N SER A 90 18.39 1.25 0.29
CA SER A 90 19.26 2.41 0.42
C SER A 90 19.08 3.36 -0.76
N SER A 91 17.82 3.53 -1.17
CA SER A 91 17.49 4.42 -2.29
C SER A 91 16.01 4.76 -2.28
N VAL A 92 15.72 6.05 -2.37
CA VAL A 92 14.33 6.53 -2.38
C VAL A 92 14.09 7.48 -3.54
N PRO A 93 12.83 7.56 -3.98
CA PRO A 93 11.73 6.79 -3.40
C PRO A 93 11.84 5.30 -3.71
N THR A 94 11.08 4.49 -2.99
CA THR A 94 11.10 3.04 -3.18
C THR A 94 9.69 2.48 -3.24
N PHE A 95 9.54 1.36 -3.93
CA PHE A 95 8.23 0.71 -4.06
C PHE A 95 8.36 -0.81 -3.98
N LEU A 96 7.87 -1.38 -2.88
CA LEU A 96 7.93 -2.82 -2.67
C LEU A 96 6.53 -3.43 -2.69
N PHE A 97 6.20 -4.10 -3.79
CA PHE A 97 4.89 -4.73 -3.92
C PHE A 97 4.85 -6.05 -3.16
N PHE A 98 4.20 -6.04 -2.00
CA PHE A 98 4.08 -7.24 -1.17
C PHE A 98 2.74 -7.94 -1.41
N LYS A 99 2.81 -9.18 -1.87
CA LYS A 99 1.61 -9.96 -2.14
C LYS A 99 1.57 -11.22 -1.30
N ASN A 100 0.84 -11.18 -0.20
CA ASN A 100 0.73 -12.32 0.71
C ASN A 100 2.02 -12.54 1.48
N SER A 101 2.56 -11.46 2.04
CA SER A 101 3.80 -11.53 2.81
C SER A 101 4.94 -12.03 1.94
N GLN A 102 4.90 -11.69 0.65
CA GLN A 102 5.93 -12.10 -0.29
C GLN A 102 6.11 -11.07 -1.39
N LYS A 103 7.34 -10.61 -1.57
CA LYS A 103 7.65 -9.61 -2.59
C LYS A 103 7.52 -10.22 -3.99
N ILE A 104 6.66 -9.62 -4.81
CA ILE A 104 6.46 -10.09 -6.17
C ILE A 104 6.87 -9.04 -7.19
N ASP A 105 6.77 -7.78 -6.79
CA ASP A 105 7.14 -6.68 -7.68
C ASP A 105 7.82 -5.55 -6.89
N ARG A 106 8.54 -4.70 -7.60
CA ARG A 106 9.25 -3.59 -6.98
C ARG A 106 9.61 -2.52 -8.00
N LEU A 107 9.34 -1.27 -7.66
CA LEU A 107 9.64 -0.15 -8.56
C LEU A 107 10.66 0.80 -7.92
N ASP A 108 11.86 0.82 -8.48
CA ASP A 108 12.91 1.68 -7.98
C ASP A 108 12.98 2.98 -8.77
N GLY A 109 12.90 4.11 -8.05
CA GLY A 109 12.95 5.40 -8.71
C GLY A 109 11.63 6.13 -8.65
N ALA A 110 11.68 7.46 -8.63
CA ALA A 110 10.47 8.27 -8.57
C ALA A 110 9.77 8.32 -9.93
N HIS A 111 8.91 7.33 -10.18
CA HIS A 111 8.18 7.25 -11.44
C HIS A 111 6.68 7.43 -11.21
N ALA A 112 6.14 8.55 -11.67
CA ALA A 112 4.71 8.84 -11.52
C ALA A 112 3.87 7.84 -12.30
N PRO A 113 4.08 7.80 -13.62
CA PRO A 113 3.34 6.90 -14.52
C PRO A 113 3.73 5.44 -14.31
N GLU A 114 5.03 5.16 -14.30
CA GLU A 114 5.53 3.81 -14.12
C GLU A 114 4.89 3.16 -12.90
N LEU A 115 4.64 3.97 -11.86
CA LEU A 115 4.03 3.47 -10.64
C LEU A 115 2.61 2.98 -10.90
N THR A 116 1.75 3.88 -11.34
CA THR A 116 0.36 3.53 -11.63
C THR A 116 0.27 2.23 -12.41
N LYS A 117 0.97 2.17 -13.53
CA LYS A 117 0.97 0.97 -14.38
C LYS A 117 1.06 -0.29 -13.52
N LYS A 118 2.15 -0.42 -12.77
CA LYS A 118 2.36 -1.58 -11.92
C LYS A 118 1.19 -1.76 -10.96
N VAL A 119 0.89 -0.71 -10.20
CA VAL A 119 -0.21 -0.75 -9.23
C VAL A 119 -1.46 -1.36 -9.85
N GLN A 120 -1.96 -0.72 -10.90
CA GLN A 120 -3.16 -1.20 -11.60
C GLN A 120 -3.00 -2.66 -12.00
N ARG A 121 -1.95 -2.95 -12.76
CA ARG A 121 -1.69 -4.30 -13.22
C ARG A 121 -1.91 -5.31 -12.10
N HIS A 122 -1.12 -5.20 -11.04
CA HIS A 122 -1.23 -6.09 -9.89
C HIS A 122 -2.64 -6.06 -9.31
N ALA A 123 -3.10 -4.85 -8.97
CA ALA A 123 -4.42 -4.68 -8.40
C ALA A 123 -5.41 -5.68 -8.98
N SER A 124 -5.22 -6.01 -10.26
CA SER A 124 -6.11 -6.96 -10.93
C SER A 124 -7.56 -6.48 -10.90
N SER A 125 -7.78 -5.26 -11.37
CA SER A 125 -9.11 -4.68 -11.39
C SER A 125 -9.83 -5.01 -12.71
N GLY A 126 -11.06 -4.52 -12.84
CA GLY A 126 -11.83 -4.76 -14.05
C GLY A 126 -12.05 -3.51 -14.86
N PRO A 127 -11.17 -3.27 -15.85
CA PRO A 127 -11.25 -2.10 -16.72
C PRO A 127 -12.44 -2.16 -17.67
N SER A 128 -13.24 -3.21 -17.53
CA SER A 128 -14.41 -3.40 -18.38
C SER A 128 -15.06 -2.06 -18.72
N SER A 129 -15.12 -1.74 -20.01
CA SER A 129 -15.71 -0.48 -20.45
C SER A 129 -17.21 -0.64 -20.68
N GLY A 130 -18.00 -0.36 -19.66
CA GLY A 130 -19.44 -0.48 -19.76
C GLY A 130 -20.13 -0.45 -18.42
N GLY A 1 -43.40 -32.51 6.37
CA GLY A 1 -42.11 -33.03 5.97
C GLY A 1 -41.02 -31.98 6.03
N SER A 2 -41.10 -30.98 5.16
CA SER A 2 -40.10 -29.92 5.11
C SER A 2 -40.55 -28.73 5.95
N SER A 3 -39.98 -28.61 7.15
CA SER A 3 -40.32 -27.53 8.06
C SER A 3 -40.11 -26.17 7.38
N GLY A 4 -38.93 -25.99 6.80
CA GLY A 4 -38.62 -24.74 6.12
C GLY A 4 -37.14 -24.61 5.79
N SER A 5 -36.57 -23.46 6.13
CA SER A 5 -35.16 -23.21 5.85
C SER A 5 -34.31 -23.49 7.10
N SER A 6 -33.14 -24.07 6.89
CA SER A 6 -32.24 -24.40 7.98
C SER A 6 -32.01 -23.18 8.87
N GLY A 7 -31.44 -22.13 8.30
CA GLY A 7 -31.17 -20.91 9.05
C GLY A 7 -30.33 -19.92 8.27
N MET A 8 -29.57 -19.11 8.99
CA MET A 8 -28.72 -18.10 8.36
C MET A 8 -27.71 -17.54 9.36
N ALA A 9 -26.45 -17.95 9.23
CA ALA A 9 -25.40 -17.49 10.11
C ALA A 9 -25.32 -15.96 10.12
N ALA A 10 -24.58 -15.42 11.09
CA ALA A 10 -24.43 -13.97 11.20
C ALA A 10 -22.97 -13.57 11.10
N GLY A 11 -22.70 -12.51 10.34
CA GLY A 11 -21.34 -12.05 10.16
C GLY A 11 -21.13 -10.64 10.71
N ALA A 12 -20.12 -9.95 10.20
CA ALA A 12 -19.82 -8.61 10.65
C ALA A 12 -19.44 -7.70 9.48
N ALA A 13 -19.74 -6.41 9.60
CA ALA A 13 -19.43 -5.45 8.55
C ALA A 13 -17.97 -4.99 8.64
N GLU A 14 -17.11 -5.60 7.84
CA GLU A 14 -15.70 -5.26 7.84
C GLU A 14 -15.50 -3.78 7.50
N ALA A 15 -14.34 -3.25 7.87
CA ALA A 15 -14.03 -1.85 7.60
C ALA A 15 -12.95 -1.71 6.54
N ALA A 16 -13.21 -0.87 5.54
CA ALA A 16 -12.26 -0.65 4.47
C ALA A 16 -11.92 0.83 4.32
N VAL A 17 -10.65 1.17 4.49
CA VAL A 17 -10.20 2.55 4.37
C VAL A 17 -9.43 2.77 3.08
N ALA A 18 -9.77 3.83 2.36
CA ALA A 18 -9.11 4.16 1.11
C ALA A 18 -8.07 5.27 1.30
N ALA A 19 -7.32 5.18 2.40
CA ALA A 19 -6.30 6.18 2.70
C ALA A 19 -4.94 5.52 2.91
N VAL A 20 -3.87 6.27 2.67
CA VAL A 20 -2.52 5.75 2.83
C VAL A 20 -2.06 5.86 4.28
N GLU A 21 -1.91 4.71 4.93
CA GLU A 21 -1.47 4.68 6.32
C GLU A 21 0.03 4.88 6.43
N GLU A 22 0.47 5.49 7.53
CA GLU A 22 1.89 5.74 7.76
C GLU A 22 2.50 4.65 8.62
N VAL A 23 3.61 4.09 8.15
CA VAL A 23 4.30 3.03 8.89
C VAL A 23 5.57 3.56 9.56
N GLY A 24 5.49 3.78 10.87
CA GLY A 24 6.62 4.28 11.61
C GLY A 24 7.18 3.26 12.59
N SER A 25 7.15 1.99 12.19
CA SER A 25 7.66 0.92 13.04
C SER A 25 7.65 -0.41 12.30
N ALA A 26 8.70 -1.20 12.51
CA ALA A 26 8.82 -2.50 11.86
C ALA A 26 7.65 -3.41 12.22
N GLY A 27 7.27 -3.39 13.50
CA GLY A 27 6.16 -4.22 13.95
C GLY A 27 4.89 -3.97 13.17
N GLN A 28 4.64 -2.69 12.87
CA GLN A 28 3.43 -2.32 12.12
C GLN A 28 3.42 -2.98 10.75
N PHE A 29 4.51 -2.83 10.02
CA PHE A 29 4.63 -3.41 8.68
C PHE A 29 4.54 -4.93 8.74
N GLU A 30 5.51 -5.54 9.41
CA GLU A 30 5.55 -7.00 9.54
C GLU A 30 4.17 -7.55 9.87
N GLU A 31 3.41 -6.80 10.68
CA GLU A 31 2.07 -7.22 11.07
C GLU A 31 1.08 -7.02 9.92
N LEU A 32 1.02 -5.79 9.41
CA LEU A 32 0.11 -5.48 8.31
C LEU A 32 0.30 -6.45 7.15
N LEU A 33 1.49 -7.01 7.04
CA LEU A 33 1.80 -7.96 5.97
C LEU A 33 0.79 -9.10 5.97
N ARG A 34 0.45 -9.61 7.14
CA ARG A 34 -0.51 -10.70 7.27
C ARG A 34 -1.93 -10.18 7.16
N LEU A 35 -2.21 -9.08 7.84
CA LEU A 35 -3.53 -8.47 7.82
C LEU A 35 -3.98 -8.17 6.39
N LYS A 36 -3.19 -7.39 5.68
CA LYS A 36 -3.50 -7.04 4.30
C LYS A 36 -2.84 -8.01 3.33
N ALA A 37 -2.85 -9.29 3.68
CA ALA A 37 -2.26 -10.32 2.83
C ALA A 37 -3.13 -10.60 1.61
N LYS A 38 -4.44 -10.68 1.84
CA LYS A 38 -5.38 -10.94 0.76
C LYS A 38 -5.30 -9.86 -0.31
N SER A 39 -5.31 -8.60 0.12
CA SER A 39 -5.24 -7.48 -0.81
C SER A 39 -3.80 -7.18 -1.19
N LEU A 40 -3.62 -6.32 -2.19
CA LEU A 40 -2.29 -5.95 -2.65
C LEU A 40 -1.69 -4.87 -1.77
N LEU A 41 -0.50 -5.13 -1.24
CA LEU A 41 0.19 -4.18 -0.38
C LEU A 41 1.25 -3.41 -1.16
N VAL A 42 1.37 -2.12 -0.86
CA VAL A 42 2.35 -1.27 -1.52
C VAL A 42 3.15 -0.46 -0.52
N VAL A 43 4.39 -0.89 -0.27
CA VAL A 43 5.26 -0.21 0.67
C VAL A 43 6.14 0.82 -0.04
N HIS A 44 5.85 2.09 0.16
CA HIS A 44 6.61 3.17 -0.47
C HIS A 44 7.60 3.77 0.53
N PHE A 45 8.88 3.80 0.15
CA PHE A 45 9.92 4.34 0.99
C PHE A 45 10.00 5.86 0.87
N TRP A 46 9.63 6.56 1.93
CA TRP A 46 9.66 8.01 1.93
C TRP A 46 10.66 8.55 2.95
N ALA A 47 11.27 9.68 2.63
CA ALA A 47 12.26 10.28 3.53
C ALA A 47 11.93 11.76 3.77
N PRO A 48 12.16 12.21 5.02
CA PRO A 48 11.90 13.60 5.41
C PRO A 48 12.88 14.57 4.77
N TRP A 49 13.76 14.05 3.93
CA TRP A 49 14.76 14.88 3.25
C TRP A 49 14.58 14.81 1.74
N ALA A 50 14.44 13.59 1.21
CA ALA A 50 14.27 13.39 -0.22
C ALA A 50 13.05 14.16 -0.73
N PRO A 51 13.30 15.09 -1.67
CA PRO A 51 12.24 15.91 -2.27
C PRO A 51 11.32 15.09 -3.17
N GLN A 52 11.87 14.06 -3.79
CA GLN A 52 11.10 13.20 -4.69
C GLN A 52 9.76 12.83 -4.06
N CYS A 53 9.81 12.26 -2.86
CA CYS A 53 8.60 11.85 -2.16
C CYS A 53 7.50 12.90 -2.31
N ALA A 54 7.90 14.15 -2.56
CA ALA A 54 6.96 15.24 -2.74
C ALA A 54 5.85 14.85 -3.72
N GLN A 55 6.20 14.72 -4.99
CA GLN A 55 5.24 14.35 -6.02
C GLN A 55 4.65 12.97 -5.75
N MET A 56 5.52 12.00 -5.55
CA MET A 56 5.10 10.62 -5.28
C MET A 56 3.96 10.60 -4.26
N ASN A 57 4.26 11.05 -3.05
CA ASN A 57 3.25 11.08 -1.98
C ASN A 57 1.86 11.39 -2.54
N GLU A 58 1.77 12.48 -3.31
CA GLU A 58 0.50 12.88 -3.90
C GLU A 58 -0.09 11.75 -4.74
N VAL A 59 0.70 11.27 -5.70
CA VAL A 59 0.25 10.19 -6.57
C VAL A 59 -0.40 9.07 -5.78
N MET A 60 0.25 8.68 -4.68
CA MET A 60 -0.28 7.62 -3.83
C MET A 60 -1.69 7.94 -3.35
N ALA A 61 -1.81 9.02 -2.59
CA ALA A 61 -3.10 9.44 -2.06
C ALA A 61 -4.19 9.29 -3.11
N GLU A 62 -3.89 9.70 -4.34
CA GLU A 62 -4.84 9.61 -5.44
C GLU A 62 -5.20 8.16 -5.73
N LEU A 63 -4.20 7.29 -5.68
CA LEU A 63 -4.41 5.87 -5.94
C LEU A 63 -5.20 5.21 -4.80
N ALA A 64 -4.83 5.56 -3.57
CA ALA A 64 -5.50 5.01 -2.40
C ALA A 64 -7.00 4.89 -2.63
N LYS A 65 -7.66 6.04 -2.83
CA LYS A 65 -9.09 6.06 -3.06
C LYS A 65 -9.45 5.39 -4.39
N GLU A 66 -8.71 5.76 -5.44
CA GLU A 66 -8.95 5.20 -6.76
C GLU A 66 -9.11 3.68 -6.70
N LEU A 67 -8.30 3.04 -5.86
CA LEU A 67 -8.35 1.60 -5.71
C LEU A 67 -8.52 1.22 -4.23
N PRO A 68 -9.78 1.01 -3.82
CA PRO A 68 -10.10 0.63 -2.44
C PRO A 68 -9.65 -0.78 -2.09
N GLN A 69 -9.34 -1.56 -3.13
CA GLN A 69 -8.89 -2.94 -2.94
C GLN A 69 -7.36 -3.01 -2.85
N VAL A 70 -6.74 -1.86 -2.61
CA VAL A 70 -5.29 -1.78 -2.50
C VAL A 70 -4.87 -1.07 -1.22
N SER A 71 -3.86 -1.62 -0.55
CA SER A 71 -3.36 -1.04 0.69
C SER A 71 -2.09 -0.23 0.45
N PHE A 72 -2.15 1.07 0.69
CA PHE A 72 -1.02 1.95 0.50
C PHE A 72 -0.40 2.33 1.83
N VAL A 73 0.87 1.95 2.03
CA VAL A 73 1.58 2.26 3.27
C VAL A 73 2.91 2.94 2.98
N LYS A 74 3.23 3.95 3.79
CA LYS A 74 4.49 4.68 3.62
C LYS A 74 5.36 4.55 4.86
N LEU A 75 6.50 3.89 4.71
CA LEU A 75 7.42 3.69 5.82
C LEU A 75 8.66 4.57 5.65
N GLU A 76 9.12 5.14 6.77
CA GLU A 76 10.29 6.01 6.76
C GLU A 76 11.58 5.20 6.86
N ALA A 77 12.37 5.20 5.79
CA ALA A 77 13.62 4.45 5.77
C ALA A 77 14.46 4.74 7.01
N GLU A 78 14.57 6.03 7.36
CA GLU A 78 15.34 6.45 8.52
C GLU A 78 14.56 6.19 9.81
N GLY A 79 13.23 6.18 9.70
CA GLY A 79 12.40 5.93 10.87
C GLY A 79 12.45 4.50 11.32
N VAL A 80 12.44 3.57 10.37
CA VAL A 80 12.49 2.15 10.69
C VAL A 80 13.60 1.44 9.92
N PRO A 81 14.83 1.53 10.45
CA PRO A 81 16.01 0.91 9.82
C PRO A 81 15.98 -0.61 9.91
N GLU A 82 15.14 -1.12 10.82
CA GLU A 82 15.02 -2.56 11.00
C GLU A 82 14.63 -3.25 9.69
N VAL A 83 13.56 -2.76 9.06
CA VAL A 83 13.09 -3.32 7.81
C VAL A 83 14.04 -3.00 6.67
N SER A 84 14.47 -1.74 6.60
CA SER A 84 15.37 -1.30 5.55
C SER A 84 16.56 -2.25 5.43
N GLU A 85 17.04 -2.73 6.57
CA GLU A 85 18.17 -3.65 6.59
C GLU A 85 17.84 -4.96 5.87
N LYS A 86 16.80 -5.64 6.34
CA LYS A 86 16.37 -6.90 5.75
C LYS A 86 16.43 -6.82 4.23
N TYR A 87 15.65 -5.92 3.66
CA TYR A 87 15.60 -5.75 2.21
C TYR A 87 16.78 -4.92 1.72
N GLU A 88 17.46 -4.27 2.66
CA GLU A 88 18.62 -3.44 2.33
C GLU A 88 18.20 -2.27 1.45
N ILE A 89 17.11 -1.60 1.83
CA ILE A 89 16.62 -0.45 1.08
C ILE A 89 17.39 0.82 1.43
N SER A 90 18.43 1.09 0.67
CA SER A 90 19.26 2.28 0.91
C SER A 90 19.07 3.29 -0.21
N SER A 91 17.83 3.44 -0.68
CA SER A 91 17.51 4.38 -1.75
C SER A 91 16.03 4.73 -1.73
N VAL A 92 15.73 6.00 -2.02
CA VAL A 92 14.36 6.47 -2.03
C VAL A 92 14.15 7.53 -3.11
N PRO A 93 12.92 7.62 -3.64
CA PRO A 93 11.82 6.75 -3.21
C PRO A 93 12.02 5.30 -3.67
N THR A 94 11.25 4.39 -3.08
CA THR A 94 11.34 2.97 -3.41
C THR A 94 10.09 2.23 -2.97
N PHE A 95 9.36 1.70 -3.95
CA PHE A 95 8.13 0.96 -3.67
C PHE A 95 8.40 -0.55 -3.66
N LEU A 96 7.69 -1.27 -2.81
CA LEU A 96 7.84 -2.72 -2.71
C LEU A 96 6.48 -3.41 -2.67
N PHE A 97 6.14 -4.09 -3.74
CA PHE A 97 4.87 -4.80 -3.84
C PHE A 97 4.93 -6.13 -3.08
N PHE A 98 4.00 -6.33 -2.16
CA PHE A 98 3.94 -7.55 -1.37
C PHE A 98 2.59 -8.25 -1.53
N LYS A 99 2.63 -9.50 -1.96
CA LYS A 99 1.41 -10.28 -2.15
C LYS A 99 1.44 -11.56 -1.31
N ASN A 100 0.75 -11.53 -0.18
CA ASN A 100 0.70 -12.68 0.71
C ASN A 100 2.01 -12.84 1.47
N SER A 101 2.59 -11.72 1.89
CA SER A 101 3.85 -11.73 2.62
C SER A 101 4.99 -12.21 1.74
N GLN A 102 4.92 -11.87 0.45
CA GLN A 102 5.94 -12.27 -0.50
C GLN A 102 6.11 -11.21 -1.59
N LYS A 103 7.35 -10.75 -1.77
CA LYS A 103 7.65 -9.73 -2.78
C LYS A 103 7.47 -10.30 -4.18
N ILE A 104 6.57 -9.68 -4.95
CA ILE A 104 6.32 -10.13 -6.31
C ILE A 104 6.89 -9.15 -7.33
N ASP A 105 6.95 -7.87 -6.94
CA ASP A 105 7.49 -6.84 -7.81
C ASP A 105 8.21 -5.76 -7.00
N ARG A 106 8.87 -4.84 -7.70
CA ARG A 106 9.60 -3.76 -7.04
C ARG A 106 9.78 -2.58 -7.98
N LEU A 107 9.70 -1.37 -7.42
CA LEU A 107 9.85 -0.16 -8.22
C LEU A 107 10.86 0.79 -7.57
N ASP A 108 11.96 1.06 -8.28
CA ASP A 108 12.99 1.94 -7.78
C ASP A 108 12.90 3.32 -8.44
N GLY A 109 13.12 4.37 -7.65
CA GLY A 109 13.06 5.72 -8.19
C GLY A 109 11.64 6.27 -8.23
N ALA A 110 11.52 7.58 -8.24
CA ALA A 110 10.22 8.23 -8.28
C ALA A 110 9.61 8.16 -9.68
N HIS A 111 8.60 7.31 -9.85
CA HIS A 111 7.94 7.16 -11.14
C HIS A 111 6.44 7.30 -11.00
N ALA A 112 5.88 8.34 -11.62
CA ALA A 112 4.45 8.59 -11.56
C ALA A 112 3.68 7.53 -12.34
N PRO A 113 3.98 7.42 -13.64
CA PRO A 113 3.32 6.45 -14.52
C PRO A 113 3.72 5.01 -14.20
N GLU A 114 5.02 4.78 -14.01
CA GLU A 114 5.52 3.45 -13.70
C GLU A 114 4.80 2.87 -12.48
N LEU A 115 4.69 3.67 -11.43
CA LEU A 115 4.02 3.25 -10.20
C LEU A 115 2.60 2.80 -10.49
N THR A 116 1.82 3.68 -11.12
CA THR A 116 0.44 3.38 -11.45
C THR A 116 0.33 2.10 -12.25
N LYS A 117 1.11 2.01 -13.32
CA LYS A 117 1.10 0.84 -14.18
C LYS A 117 1.17 -0.45 -13.36
N LYS A 118 2.26 -0.60 -12.60
CA LYS A 118 2.46 -1.77 -11.76
C LYS A 118 1.31 -1.92 -10.77
N VAL A 119 0.95 -0.83 -10.11
CA VAL A 119 -0.13 -0.85 -9.13
C VAL A 119 -1.39 -1.48 -9.72
N GLN A 120 -1.83 -0.96 -10.86
CA GLN A 120 -3.02 -1.48 -11.52
C GLN A 120 -2.83 -2.94 -11.91
N ARG A 121 -1.72 -3.23 -12.56
CA ARG A 121 -1.42 -4.59 -13.00
C ARG A 121 -1.53 -5.57 -11.84
N HIS A 122 -0.70 -5.38 -10.82
CA HIS A 122 -0.70 -6.25 -9.64
C HIS A 122 -2.07 -6.22 -8.95
N ALA A 123 -2.60 -5.02 -8.77
CA ALA A 123 -3.90 -4.85 -8.13
C ALA A 123 -4.83 -6.00 -8.48
N SER A 124 -4.74 -6.49 -9.70
CA SER A 124 -5.58 -7.59 -10.16
C SER A 124 -5.14 -8.91 -9.52
N SER A 125 -5.80 -9.27 -8.42
CA SER A 125 -5.48 -10.50 -7.71
C SER A 125 -6.36 -11.65 -8.20
N GLY A 126 -5.85 -12.87 -8.05
CA GLY A 126 -6.60 -14.04 -8.49
C GLY A 126 -7.11 -14.87 -7.32
N PRO A 127 -8.08 -15.75 -7.60
CA PRO A 127 -8.68 -16.61 -6.59
C PRO A 127 -7.72 -17.67 -6.09
N SER A 128 -7.69 -17.88 -4.78
CA SER A 128 -6.81 -18.88 -4.17
C SER A 128 -7.40 -20.28 -4.31
N SER A 129 -8.70 -20.40 -4.06
CA SER A 129 -9.37 -21.69 -4.16
C SER A 129 -8.95 -22.44 -5.42
N GLY A 130 -8.89 -23.76 -5.33
CA GLY A 130 -8.49 -24.57 -6.47
C GLY A 130 -7.14 -24.15 -7.03
N GLY A 1 -19.48 -3.99 35.25
CA GLY A 1 -20.35 -4.98 34.63
C GLY A 1 -19.93 -5.32 33.21
N SER A 2 -19.60 -6.58 32.97
CA SER A 2 -19.17 -7.03 31.65
C SER A 2 -20.33 -7.70 30.91
N SER A 3 -21.10 -6.90 30.18
CA SER A 3 -22.23 -7.41 29.43
C SER A 3 -21.77 -8.26 28.25
N GLY A 4 -20.95 -7.67 27.39
CA GLY A 4 -20.44 -8.40 26.23
C GLY A 4 -21.33 -8.24 25.02
N SER A 5 -20.86 -7.52 24.02
CA SER A 5 -21.63 -7.30 22.80
C SER A 5 -20.76 -6.64 21.73
N SER A 6 -20.57 -7.34 20.62
CA SER A 6 -19.75 -6.83 19.52
C SER A 6 -20.58 -5.92 18.61
N GLY A 7 -21.30 -4.97 19.23
CA GLY A 7 -22.12 -4.05 18.47
C GLY A 7 -23.56 -4.52 18.36
N MET A 8 -24.46 -3.58 18.14
CA MET A 8 -25.88 -3.89 18.02
C MET A 8 -26.42 -3.47 16.65
N ALA A 9 -26.24 -2.20 16.32
CA ALA A 9 -26.69 -1.66 15.04
C ALA A 9 -25.69 -0.68 14.46
N ALA A 10 -25.66 -0.57 13.14
CA ALA A 10 -24.75 0.35 12.47
C ALA A 10 -25.38 1.73 12.30
N GLY A 11 -24.66 2.76 12.73
CA GLY A 11 -25.16 4.12 12.62
C GLY A 11 -24.12 5.08 12.10
N ALA A 12 -23.96 5.13 10.78
CA ALA A 12 -23.00 6.02 10.15
C ALA A 12 -21.57 5.52 10.38
N ALA A 13 -21.38 4.21 10.27
CA ALA A 13 -20.06 3.61 10.46
C ALA A 13 -19.41 3.29 9.11
N GLU A 14 -18.08 3.32 9.09
CA GLU A 14 -17.33 3.03 7.87
C GLU A 14 -16.18 2.08 8.15
N ALA A 15 -15.92 1.18 7.21
CA ALA A 15 -14.85 0.21 7.36
C ALA A 15 -13.94 0.20 6.14
N ALA A 16 -13.70 1.39 5.57
CA ALA A 16 -12.85 1.52 4.40
C ALA A 16 -11.99 2.77 4.48
N VAL A 17 -10.67 2.58 4.45
CA VAL A 17 -9.73 3.69 4.53
C VAL A 17 -8.94 3.83 3.23
N ALA A 18 -8.88 5.05 2.72
CA ALA A 18 -8.14 5.31 1.47
C ALA A 18 -7.00 6.29 1.72
N ALA A 19 -6.26 6.07 2.80
CA ALA A 19 -5.13 6.93 3.14
C ALA A 19 -3.85 6.12 3.29
N VAL A 20 -2.71 6.77 3.07
CA VAL A 20 -1.42 6.11 3.19
C VAL A 20 -0.98 6.02 4.65
N GLU A 21 -1.00 4.80 5.19
CA GLU A 21 -0.61 4.58 6.57
C GLU A 21 0.91 4.63 6.72
N GLU A 22 1.38 5.45 7.66
CA GLU A 22 2.82 5.60 7.90
C GLU A 22 3.30 4.59 8.93
N VAL A 23 3.98 3.54 8.45
CA VAL A 23 4.49 2.50 9.32
C VAL A 23 5.34 3.09 10.44
N GLY A 24 4.89 2.92 11.68
CA GLY A 24 5.61 3.44 12.81
C GLY A 24 6.87 2.65 13.11
N SER A 25 6.80 1.33 12.92
CA SER A 25 7.93 0.46 13.18
C SER A 25 7.77 -0.87 12.46
N ALA A 26 8.82 -1.70 12.49
CA ALA A 26 8.79 -3.00 11.85
C ALA A 26 7.53 -3.78 12.24
N GLY A 27 7.23 -3.79 13.53
CA GLY A 27 6.05 -4.49 14.01
C GLY A 27 4.81 -4.12 13.24
N GLN A 28 4.60 -2.83 13.03
CA GLN A 28 3.43 -2.35 12.31
C GLN A 28 3.38 -2.93 10.90
N PHE A 29 4.52 -2.83 10.20
CA PHE A 29 4.60 -3.35 8.83
C PHE A 29 4.52 -4.87 8.81
N GLU A 30 5.50 -5.52 9.42
CA GLU A 30 5.54 -6.97 9.48
C GLU A 30 4.15 -7.54 9.79
N GLU A 31 3.46 -6.90 10.72
CA GLU A 31 2.13 -7.35 11.12
C GLU A 31 1.13 -7.18 9.97
N LEU A 32 1.07 -5.97 9.42
CA LEU A 32 0.16 -5.68 8.31
C LEU A 32 0.31 -6.72 7.21
N LEU A 33 1.56 -7.05 6.87
CA LEU A 33 1.83 -8.03 5.83
C LEU A 33 0.86 -9.21 5.92
N ARG A 34 0.62 -9.68 7.13
CA ARG A 34 -0.29 -10.80 7.34
C ARG A 34 -1.74 -10.36 7.17
N LEU A 35 -2.15 -9.32 7.87
CA LEU A 35 -3.50 -8.81 7.79
C LEU A 35 -3.88 -8.50 6.34
N LYS A 36 -3.15 -7.57 5.73
CA LYS A 36 -3.40 -7.18 4.35
C LYS A 36 -2.72 -8.15 3.38
N ALA A 37 -2.75 -9.43 3.72
CA ALA A 37 -2.14 -10.46 2.88
C ALA A 37 -2.97 -10.72 1.63
N LYS A 38 -4.28 -10.89 1.83
CA LYS A 38 -5.20 -11.14 0.72
C LYS A 38 -5.14 -10.02 -0.31
N SER A 39 -5.21 -8.78 0.18
CA SER A 39 -5.17 -7.61 -0.69
C SER A 39 -3.73 -7.28 -1.09
N LEU A 40 -3.58 -6.29 -1.96
CA LEU A 40 -2.26 -5.87 -2.42
C LEU A 40 -1.68 -4.79 -1.52
N LEU A 41 -0.40 -4.94 -1.17
CA LEU A 41 0.27 -3.98 -0.32
C LEU A 41 1.35 -3.22 -1.09
N VAL A 42 1.48 -1.93 -0.80
CA VAL A 42 2.48 -1.09 -1.46
C VAL A 42 3.31 -0.32 -0.44
N VAL A 43 4.55 -0.78 -0.24
CA VAL A 43 5.45 -0.13 0.70
C VAL A 43 6.35 0.88 0.00
N HIS A 44 5.97 2.15 0.08
CA HIS A 44 6.74 3.22 -0.55
C HIS A 44 7.73 3.84 0.44
N PHE A 45 9.01 3.79 0.09
CA PHE A 45 10.05 4.34 0.96
C PHE A 45 10.15 5.85 0.79
N TRP A 46 9.76 6.59 1.82
CA TRP A 46 9.81 8.03 1.79
C TRP A 46 10.88 8.56 2.73
N ALA A 47 11.49 9.69 2.35
CA ALA A 47 12.53 10.30 3.18
C ALA A 47 12.30 11.80 3.32
N PRO A 48 12.61 12.32 4.52
CA PRO A 48 12.44 13.75 4.82
C PRO A 48 13.44 14.63 4.07
N TRP A 49 14.32 13.99 3.30
CA TRP A 49 15.32 14.70 2.53
C TRP A 49 15.02 14.62 1.04
N ALA A 50 14.69 13.42 0.57
CA ALA A 50 14.38 13.21 -0.83
C ALA A 50 13.18 14.04 -1.26
N PRO A 51 13.43 15.04 -2.11
CA PRO A 51 12.39 15.94 -2.62
C PRO A 51 11.43 15.23 -3.59
N GLN A 52 11.80 14.02 -3.99
CA GLN A 52 10.98 13.24 -4.91
C GLN A 52 9.67 12.84 -4.25
N CYS A 53 9.75 12.27 -3.05
CA CYS A 53 8.57 11.84 -2.32
C CYS A 53 7.43 12.83 -2.50
N ALA A 54 7.78 14.11 -2.60
CA ALA A 54 6.78 15.16 -2.77
C ALA A 54 5.63 14.69 -3.65
N GLN A 55 5.91 14.53 -4.94
CA GLN A 55 4.90 14.08 -5.89
C GLN A 55 4.54 12.62 -5.67
N MET A 56 5.56 11.77 -5.62
CA MET A 56 5.35 10.33 -5.40
C MET A 56 4.33 10.10 -4.30
N ASN A 57 4.21 11.05 -3.39
CA ASN A 57 3.26 10.94 -2.29
C ASN A 57 1.83 11.17 -2.77
N GLU A 58 1.56 12.37 -3.26
CA GLU A 58 0.23 12.72 -3.76
C GLU A 58 -0.22 11.71 -4.81
N VAL A 59 0.73 11.11 -5.51
CA VAL A 59 0.41 10.13 -6.54
C VAL A 59 -0.22 8.88 -5.94
N MET A 60 0.28 8.48 -4.77
CA MET A 60 -0.25 7.29 -4.08
C MET A 60 -1.61 7.58 -3.48
N ALA A 61 -1.77 8.77 -2.92
CA ALA A 61 -3.04 9.17 -2.31
C ALA A 61 -4.21 8.96 -3.26
N GLU A 62 -4.07 9.51 -4.47
CA GLU A 62 -5.12 9.37 -5.48
C GLU A 62 -5.40 7.90 -5.79
N LEU A 63 -4.33 7.12 -5.88
CA LEU A 63 -4.46 5.69 -6.16
C LEU A 63 -5.14 4.95 -5.02
N ALA A 64 -4.83 5.37 -3.79
CA ALA A 64 -5.41 4.75 -2.61
C ALA A 64 -6.93 4.66 -2.73
N LYS A 65 -7.57 5.81 -2.93
CA LYS A 65 -9.02 5.87 -3.06
C LYS A 65 -9.48 5.20 -4.36
N GLU A 66 -8.78 5.49 -5.45
CA GLU A 66 -9.11 4.92 -6.74
C GLU A 66 -9.21 3.41 -6.66
N LEU A 67 -8.26 2.78 -5.97
CA LEU A 67 -8.24 1.34 -5.80
C LEU A 67 -8.42 0.95 -4.34
N PRO A 68 -9.67 0.68 -3.95
CA PRO A 68 -10.00 0.29 -2.57
C PRO A 68 -9.48 -1.10 -2.23
N GLN A 69 -9.14 -1.87 -3.25
CA GLN A 69 -8.62 -3.22 -3.06
C GLN A 69 -7.11 -3.22 -2.93
N VAL A 70 -6.54 -2.05 -2.63
CA VAL A 70 -5.10 -1.91 -2.47
C VAL A 70 -4.75 -1.28 -1.14
N SER A 71 -3.54 -1.53 -0.66
CA SER A 71 -3.08 -0.99 0.61
C SER A 71 -1.78 -0.21 0.43
N PHE A 72 -1.89 1.12 0.44
CA PHE A 72 -0.72 1.98 0.29
C PHE A 72 -0.14 2.36 1.64
N VAL A 73 1.10 1.91 1.89
CA VAL A 73 1.77 2.20 3.14
C VAL A 73 3.14 2.83 2.90
N LYS A 74 3.36 4.00 3.49
CA LYS A 74 4.63 4.70 3.34
C LYS A 74 5.48 4.56 4.59
N LEU A 75 6.70 4.04 4.42
CA LEU A 75 7.61 3.85 5.54
C LEU A 75 8.85 4.73 5.38
N GLU A 76 9.27 5.37 6.47
CA GLU A 76 10.44 6.23 6.46
C GLU A 76 11.71 5.43 6.66
N ALA A 77 12.49 5.27 5.59
CA ALA A 77 13.74 4.52 5.66
C ALA A 77 14.52 4.86 6.92
N GLU A 78 14.74 6.16 7.15
CA GLU A 78 15.47 6.61 8.32
C GLU A 78 14.64 6.41 9.59
N GLY A 79 13.32 6.39 9.44
CA GLY A 79 12.45 6.20 10.57
C GLY A 79 12.45 4.77 11.08
N VAL A 80 12.03 3.84 10.23
CA VAL A 80 11.99 2.43 10.61
C VAL A 80 13.09 1.64 9.90
N PRO A 81 14.31 1.70 10.46
CA PRO A 81 15.46 1.00 9.90
C PRO A 81 15.35 -0.51 10.06
N GLU A 82 14.72 -0.95 11.14
CA GLU A 82 14.55 -2.37 11.41
C GLU A 82 14.12 -3.11 10.15
N VAL A 83 13.23 -2.50 9.38
CA VAL A 83 12.74 -3.11 8.14
C VAL A 83 13.70 -2.85 6.99
N SER A 84 14.08 -1.58 6.81
CA SER A 84 14.98 -1.21 5.73
C SER A 84 16.16 -2.17 5.65
N GLU A 85 16.67 -2.56 6.82
CA GLU A 85 17.80 -3.49 6.89
C GLU A 85 17.47 -4.81 6.22
N LYS A 86 16.43 -5.48 6.71
CA LYS A 86 15.99 -6.75 6.16
C LYS A 86 16.13 -6.76 4.63
N TYR A 87 15.38 -5.88 3.98
CA TYR A 87 15.41 -5.78 2.53
C TYR A 87 16.62 -5.00 2.06
N GLU A 88 17.26 -4.30 2.99
CA GLU A 88 18.44 -3.50 2.67
C GLU A 88 18.10 -2.37 1.71
N ILE A 89 17.02 -1.65 2.03
CA ILE A 89 16.58 -0.54 1.20
C ILE A 89 17.36 0.73 1.53
N SER A 90 18.44 0.97 0.78
CA SER A 90 19.27 2.14 1.00
C SER A 90 19.11 3.15 -0.15
N SER A 91 17.87 3.29 -0.63
CA SER A 91 17.57 4.20 -1.72
C SER A 91 16.10 4.60 -1.72
N VAL A 92 15.84 5.88 -1.98
CA VAL A 92 14.47 6.38 -2.01
C VAL A 92 14.31 7.45 -3.08
N PRO A 93 13.09 7.57 -3.62
CA PRO A 93 11.96 6.71 -3.23
C PRO A 93 12.14 5.27 -3.69
N THR A 94 11.35 4.36 -3.11
CA THR A 94 11.42 2.95 -3.46
C THR A 94 10.16 2.22 -3.04
N PHE A 95 9.40 1.75 -4.02
CA PHE A 95 8.16 1.02 -3.73
C PHE A 95 8.41 -0.48 -3.70
N LEU A 96 7.72 -1.16 -2.79
CA LEU A 96 7.87 -2.61 -2.65
C LEU A 96 6.51 -3.30 -2.64
N PHE A 97 6.21 -4.03 -3.71
CA PHE A 97 4.94 -4.74 -3.83
C PHE A 97 4.98 -6.05 -3.06
N PHE A 98 4.14 -6.16 -2.03
CA PHE A 98 4.09 -7.36 -1.21
C PHE A 98 2.71 -8.01 -1.30
N LYS A 99 2.65 -9.18 -1.92
CA LYS A 99 1.39 -9.90 -2.07
C LYS A 99 1.43 -11.23 -1.32
N ASN A 100 0.70 -11.30 -0.20
CA ASN A 100 0.66 -12.50 0.61
C ASN A 100 1.98 -12.71 1.35
N SER A 101 2.53 -11.63 1.88
CA SER A 101 3.78 -11.68 2.62
C SER A 101 4.90 -12.24 1.74
N GLN A 102 4.80 -12.00 0.43
CA GLN A 102 5.79 -12.48 -0.52
C GLN A 102 5.98 -11.47 -1.66
N LYS A 103 7.15 -10.83 -1.68
CA LYS A 103 7.45 -9.85 -2.71
C LYS A 103 7.29 -10.45 -4.10
N ILE A 104 6.52 -9.77 -4.95
CA ILE A 104 6.30 -10.26 -6.31
C ILE A 104 6.88 -9.28 -7.33
N ASP A 105 6.83 -7.99 -7.01
CA ASP A 105 7.36 -6.96 -7.91
C ASP A 105 7.99 -5.82 -7.10
N ARG A 106 8.66 -4.92 -7.81
CA ARG A 106 9.31 -3.78 -7.17
C ARG A 106 9.56 -2.66 -8.18
N LEU A 107 9.46 -1.42 -7.72
CA LEU A 107 9.69 -0.27 -8.58
C LEU A 107 10.73 0.66 -7.98
N ASP A 108 11.84 0.84 -8.69
CA ASP A 108 12.92 1.72 -8.23
C ASP A 108 12.90 3.05 -8.96
N GLY A 109 13.09 4.13 -8.22
CA GLY A 109 13.09 5.46 -8.83
C GLY A 109 11.72 6.11 -8.77
N ALA A 110 11.70 7.41 -8.50
CA ALA A 110 10.45 8.16 -8.42
C ALA A 110 9.77 8.23 -9.79
N HIS A 111 8.82 7.33 -10.01
CA HIS A 111 8.09 7.29 -11.28
C HIS A 111 6.59 7.48 -11.04
N ALA A 112 6.06 8.60 -11.52
CA ALA A 112 4.64 8.91 -11.38
C ALA A 112 3.79 7.94 -12.19
N PRO A 113 4.03 7.90 -13.52
CA PRO A 113 3.29 7.03 -14.44
C PRO A 113 3.63 5.56 -14.23
N GLU A 114 4.92 5.25 -14.23
CA GLU A 114 5.39 3.88 -14.05
C GLU A 114 4.71 3.23 -12.84
N LEU A 115 4.65 3.98 -11.74
CA LEU A 115 4.03 3.49 -10.51
C LEU A 115 2.61 2.98 -10.78
N THR A 116 1.77 3.86 -11.30
CA THR A 116 0.39 3.50 -11.61
C THR A 116 0.32 2.21 -12.41
N LYS A 117 1.19 2.09 -13.41
CA LYS A 117 1.23 0.90 -14.26
C LYS A 117 1.21 -0.36 -13.41
N LYS A 118 2.23 -0.53 -12.58
CA LYS A 118 2.34 -1.70 -11.72
C LYS A 118 1.16 -1.76 -10.75
N VAL A 119 0.82 -0.62 -10.17
CA VAL A 119 -0.29 -0.55 -9.23
C VAL A 119 -1.56 -1.14 -9.82
N GLN A 120 -1.83 -0.81 -11.07
CA GLN A 120 -3.02 -1.31 -11.76
C GLN A 120 -2.92 -2.82 -11.97
N ARG A 121 -1.79 -3.27 -12.49
CA ARG A 121 -1.57 -4.69 -12.73
C ARG A 121 -1.69 -5.50 -11.44
N HIS A 122 -0.84 -5.17 -10.47
CA HIS A 122 -0.85 -5.86 -9.18
C HIS A 122 -2.18 -5.65 -8.47
N ALA A 123 -2.71 -4.43 -8.55
CA ALA A 123 -3.98 -4.09 -7.91
C ALA A 123 -4.92 -5.29 -7.91
N SER A 124 -4.94 -6.02 -9.00
CA SER A 124 -5.81 -7.19 -9.13
C SER A 124 -5.90 -7.93 -7.80
N SER A 125 -7.09 -7.86 -7.19
CA SER A 125 -7.31 -8.53 -5.91
C SER A 125 -6.98 -10.01 -6.00
N GLY A 126 -6.85 -10.52 -7.23
CA GLY A 126 -6.53 -11.91 -7.42
C GLY A 126 -5.67 -12.14 -8.65
N PRO A 127 -5.70 -13.37 -9.18
CA PRO A 127 -4.92 -13.75 -10.37
C PRO A 127 -5.44 -13.08 -11.63
N SER A 128 -6.75 -12.95 -11.74
CA SER A 128 -7.38 -12.33 -12.90
C SER A 128 -7.98 -10.97 -12.54
N SER A 129 -8.08 -10.10 -13.54
CA SER A 129 -8.63 -8.76 -13.33
C SER A 129 -10.15 -8.79 -13.35
N GLY A 130 -10.76 -9.08 -12.20
CA GLY A 130 -12.21 -9.14 -12.12
C GLY A 130 -12.71 -9.01 -10.69
N GLY A 1 -41.13 -32.30 -14.16
CA GLY A 1 -39.95 -31.97 -13.40
C GLY A 1 -40.05 -30.63 -12.68
N SER A 2 -39.00 -30.26 -11.97
CA SER A 2 -38.99 -29.01 -11.23
C SER A 2 -37.62 -28.74 -10.62
N SER A 3 -37.10 -27.54 -10.84
CA SER A 3 -35.79 -27.16 -10.32
C SER A 3 -35.62 -25.64 -10.32
N GLY A 4 -34.56 -25.17 -9.68
CA GLY A 4 -34.30 -23.74 -9.61
C GLY A 4 -33.50 -23.35 -8.39
N SER A 5 -32.68 -22.31 -8.52
CA SER A 5 -31.86 -21.84 -7.42
C SER A 5 -31.83 -20.32 -7.37
N SER A 6 -31.45 -19.78 -6.22
CA SER A 6 -31.39 -18.33 -6.04
C SER A 6 -30.06 -17.92 -5.43
N GLY A 7 -29.61 -16.71 -5.76
CA GLY A 7 -28.35 -16.22 -5.25
C GLY A 7 -28.38 -14.73 -4.97
N MET A 8 -28.88 -14.35 -3.80
CA MET A 8 -28.96 -12.95 -3.42
C MET A 8 -28.33 -12.71 -2.05
N ALA A 9 -27.50 -11.69 -1.94
CA ALA A 9 -26.84 -11.36 -0.69
C ALA A 9 -26.55 -9.87 -0.59
N ALA A 10 -27.09 -9.23 0.44
CA ALA A 10 -26.88 -7.80 0.64
C ALA A 10 -26.07 -7.54 1.90
N GLY A 11 -25.06 -6.69 1.77
CA GLY A 11 -24.21 -6.37 2.91
C GLY A 11 -22.73 -6.60 2.62
N ALA A 12 -22.16 -5.73 1.80
CA ALA A 12 -20.75 -5.83 1.44
C ALA A 12 -20.00 -4.55 1.76
N ALA A 13 -20.32 -3.95 2.90
CA ALA A 13 -19.69 -2.71 3.33
C ALA A 13 -18.56 -2.98 4.31
N GLU A 14 -17.35 -2.58 3.95
CA GLU A 14 -16.19 -2.78 4.81
C GLU A 14 -15.43 -1.47 5.03
N ALA A 15 -15.28 -1.08 6.30
CA ALA A 15 -14.59 0.16 6.64
C ALA A 15 -13.30 0.29 5.84
N ALA A 16 -13.22 1.36 5.05
CA ALA A 16 -12.04 1.61 4.23
C ALA A 16 -11.82 3.11 4.02
N VAL A 17 -10.57 3.55 4.14
CA VAL A 17 -10.23 4.95 3.96
C VAL A 17 -9.26 5.14 2.80
N ALA A 18 -9.50 6.18 2.01
CA ALA A 18 -8.65 6.48 0.87
C ALA A 18 -7.41 7.27 1.29
N ALA A 19 -6.88 6.95 2.46
CA ALA A 19 -5.70 7.62 2.98
C ALA A 19 -4.56 6.64 3.20
N VAL A 20 -3.33 7.15 3.15
CA VAL A 20 -2.15 6.31 3.35
C VAL A 20 -1.76 6.26 4.82
N GLU A 21 -1.32 5.08 5.27
CA GLU A 21 -0.92 4.90 6.66
C GLU A 21 0.58 5.14 6.83
N GLU A 22 0.97 5.68 7.98
CA GLU A 22 2.37 5.96 8.27
C GLU A 22 2.98 4.85 9.10
N VAL A 23 3.82 4.03 8.47
CA VAL A 23 4.48 2.93 9.16
C VAL A 23 5.81 3.36 9.74
N GLY A 24 5.81 3.65 11.04
CA GLY A 24 7.03 4.07 11.71
C GLY A 24 7.59 3.00 12.63
N SER A 25 7.49 1.75 12.19
CA SER A 25 8.00 0.63 12.97
C SER A 25 7.89 -0.67 12.19
N ALA A 26 8.87 -1.55 12.38
CA ALA A 26 8.90 -2.84 11.69
C ALA A 26 7.67 -3.68 12.06
N GLY A 27 7.28 -3.62 13.33
CA GLY A 27 6.13 -4.37 13.79
C GLY A 27 4.88 -4.05 13.01
N GLN A 28 4.65 -2.76 12.76
CA GLN A 28 3.48 -2.33 12.02
C GLN A 28 3.45 -2.94 10.62
N PHE A 29 4.56 -2.82 9.91
CA PHE A 29 4.65 -3.36 8.56
C PHE A 29 4.60 -4.90 8.59
N GLU A 30 5.59 -5.52 9.22
CA GLU A 30 5.65 -6.97 9.31
C GLU A 30 4.29 -7.53 9.70
N GLU A 31 3.61 -6.85 10.62
CA GLU A 31 2.30 -7.30 11.09
C GLU A 31 1.24 -7.11 10.01
N LEU A 32 1.12 -5.88 9.52
CA LEU A 32 0.14 -5.57 8.48
C LEU A 32 0.27 -6.54 7.30
N LEU A 33 1.49 -6.94 7.01
CA LEU A 33 1.75 -7.87 5.91
C LEU A 33 0.77 -9.05 5.96
N ARG A 34 0.44 -9.49 7.17
CA ARG A 34 -0.49 -10.60 7.34
C ARG A 34 -1.94 -10.14 7.21
N LEU A 35 -2.24 -8.98 7.82
CA LEU A 35 -3.59 -8.44 7.78
C LEU A 35 -4.01 -8.15 6.33
N LYS A 36 -3.22 -7.33 5.64
CA LYS A 36 -3.50 -6.98 4.25
C LYS A 36 -2.80 -7.94 3.30
N ALA A 37 -2.79 -9.22 3.65
CA ALA A 37 -2.16 -10.24 2.82
C ALA A 37 -3.00 -10.52 1.57
N LYS A 38 -4.24 -10.93 1.77
CA LYS A 38 -5.13 -11.24 0.66
C LYS A 38 -5.06 -10.14 -0.41
N SER A 39 -5.12 -8.89 0.03
CA SER A 39 -5.05 -7.76 -0.88
C SER A 39 -3.62 -7.41 -1.23
N LEU A 40 -3.44 -6.48 -2.16
CA LEU A 40 -2.11 -6.05 -2.59
C LEU A 40 -1.58 -4.95 -1.67
N LEU A 41 -0.32 -5.10 -1.25
CA LEU A 41 0.31 -4.11 -0.38
C LEU A 41 1.38 -3.32 -1.13
N VAL A 42 1.47 -2.03 -0.85
CA VAL A 42 2.44 -1.17 -1.49
C VAL A 42 3.25 -0.38 -0.46
N VAL A 43 4.50 -0.79 -0.27
CA VAL A 43 5.38 -0.13 0.69
C VAL A 43 6.26 0.91 0.01
N HIS A 44 5.90 2.18 0.14
CA HIS A 44 6.66 3.25 -0.47
C HIS A 44 7.67 3.83 0.51
N PHE A 45 8.91 4.00 0.05
CA PHE A 45 9.97 4.53 0.89
C PHE A 45 10.07 6.05 0.74
N TRP A 46 9.94 6.75 1.85
CA TRP A 46 10.01 8.21 1.86
C TRP A 46 11.08 8.70 2.82
N ALA A 47 11.92 9.63 2.36
CA ALA A 47 12.98 10.18 3.18
C ALA A 47 12.72 11.65 3.50
N PRO A 48 13.16 12.09 4.69
CA PRO A 48 12.99 13.47 5.13
C PRO A 48 13.86 14.45 4.35
N TRP A 49 14.59 13.93 3.38
CA TRP A 49 15.46 14.76 2.55
C TRP A 49 15.05 14.68 1.09
N ALA A 50 14.98 13.46 0.56
CA ALA A 50 14.60 13.25 -0.83
C ALA A 50 13.32 14.00 -1.18
N PRO A 51 13.46 15.08 -1.96
CA PRO A 51 12.32 15.91 -2.38
C PRO A 51 11.41 15.19 -3.36
N GLN A 52 11.74 13.93 -3.65
CA GLN A 52 10.94 13.14 -4.58
C GLN A 52 9.65 12.67 -3.93
N CYS A 53 9.76 12.01 -2.78
CA CYS A 53 8.60 11.51 -2.06
C CYS A 53 7.48 12.54 -2.06
N ALA A 54 7.86 13.81 -2.20
CA ALA A 54 6.88 14.90 -2.20
C ALA A 54 5.72 14.59 -3.15
N GLN A 55 6.00 14.60 -4.44
CA GLN A 55 4.97 14.33 -5.44
C GLN A 55 4.52 12.88 -5.37
N MET A 56 5.48 11.96 -5.41
CA MET A 56 5.18 10.53 -5.34
C MET A 56 4.11 10.25 -4.30
N ASN A 57 4.19 10.94 -3.17
CA ASN A 57 3.24 10.75 -2.09
C ASN A 57 1.83 11.16 -2.54
N GLU A 58 1.73 12.31 -3.18
CA GLU A 58 0.45 12.81 -3.67
C GLU A 58 -0.18 11.82 -4.65
N VAL A 59 0.64 11.28 -5.54
CA VAL A 59 0.16 10.33 -6.53
C VAL A 59 -0.56 9.16 -5.87
N MET A 60 0.01 8.65 -4.78
CA MET A 60 -0.57 7.53 -4.06
C MET A 60 -1.98 7.87 -3.57
N ALA A 61 -2.09 8.97 -2.82
CA ALA A 61 -3.37 9.41 -2.30
C ALA A 61 -4.49 9.17 -3.32
N GLU A 62 -4.28 9.62 -4.56
CA GLU A 62 -5.26 9.45 -5.61
C GLU A 62 -5.46 7.97 -5.94
N LEU A 63 -4.37 7.21 -5.89
CA LEU A 63 -4.43 5.78 -6.19
C LEU A 63 -5.24 5.04 -5.13
N ALA A 64 -5.02 5.39 -3.87
CA ALA A 64 -5.73 4.76 -2.76
C ALA A 64 -7.24 4.75 -3.02
N LYS A 65 -7.80 5.91 -3.31
CA LYS A 65 -9.22 6.04 -3.57
C LYS A 65 -9.59 5.32 -4.87
N GLU A 66 -8.80 5.54 -5.91
CA GLU A 66 -9.04 4.91 -7.21
C GLU A 66 -9.19 3.40 -7.05
N LEU A 67 -8.27 2.79 -6.30
CA LEU A 67 -8.30 1.35 -6.09
C LEU A 67 -8.62 1.03 -4.63
N PRO A 68 -9.90 0.80 -4.33
CA PRO A 68 -10.36 0.48 -2.99
C PRO A 68 -9.91 -0.91 -2.53
N GLN A 69 -9.48 -1.73 -3.49
CA GLN A 69 -9.02 -3.08 -3.19
C GLN A 69 -7.50 -3.13 -3.10
N VAL A 70 -6.90 -2.01 -2.73
CA VAL A 70 -5.45 -1.92 -2.61
C VAL A 70 -5.05 -1.31 -1.27
N SER A 71 -3.87 -1.69 -0.78
CA SER A 71 -3.37 -1.18 0.49
C SER A 71 -2.08 -0.40 0.30
N PHE A 72 -2.17 0.92 0.45
CA PHE A 72 -1.00 1.79 0.29
C PHE A 72 -0.41 2.18 1.65
N VAL A 73 0.88 1.91 1.83
CA VAL A 73 1.56 2.23 3.08
C VAL A 73 2.92 2.84 2.81
N LYS A 74 3.19 3.98 3.44
CA LYS A 74 4.47 4.67 3.28
C LYS A 74 5.30 4.57 4.56
N LEU A 75 6.54 4.10 4.40
CA LEU A 75 7.44 3.96 5.54
C LEU A 75 8.70 4.78 5.34
N GLU A 76 9.20 5.38 6.42
CA GLU A 76 10.40 6.19 6.36
C GLU A 76 11.65 5.33 6.50
N ALA A 77 12.44 5.25 5.44
CA ALA A 77 13.66 4.46 5.45
C ALA A 77 14.50 4.75 6.69
N GLU A 78 14.67 6.04 7.00
CA GLU A 78 15.45 6.45 8.16
C GLU A 78 14.68 6.20 9.45
N GLY A 79 13.35 6.22 9.35
CA GLY A 79 12.52 5.99 10.51
C GLY A 79 12.55 4.55 10.98
N VAL A 80 12.38 3.63 10.05
CA VAL A 80 12.39 2.20 10.36
C VAL A 80 13.56 1.49 9.67
N PRO A 81 14.73 1.52 10.33
CA PRO A 81 15.94 0.89 9.79
C PRO A 81 15.85 -0.64 9.81
N GLU A 82 15.06 -1.17 10.74
CA GLU A 82 14.89 -2.61 10.86
C GLU A 82 14.47 -3.23 9.54
N VAL A 83 13.38 -2.71 8.96
CA VAL A 83 12.89 -3.20 7.69
C VAL A 83 13.85 -2.88 6.55
N SER A 84 14.31 -1.62 6.52
CA SER A 84 15.23 -1.19 5.48
C SER A 84 16.46 -2.11 5.40
N GLU A 85 16.90 -2.59 6.57
CA GLU A 85 18.05 -3.48 6.63
C GLU A 85 17.74 -4.81 5.94
N LYS A 86 16.69 -5.47 6.40
CA LYS A 86 16.29 -6.75 5.84
C LYS A 86 16.32 -6.71 4.31
N TYR A 87 15.52 -5.81 3.73
CA TYR A 87 15.45 -5.67 2.28
C TYR A 87 16.66 -4.89 1.75
N GLU A 88 17.40 -4.27 2.67
CA GLU A 88 18.57 -3.49 2.29
C GLU A 88 18.18 -2.32 1.40
N ILE A 89 17.12 -1.61 1.79
CA ILE A 89 16.65 -0.47 1.02
C ILE A 89 17.49 0.77 1.30
N SER A 90 18.58 0.93 0.55
CA SER A 90 19.47 2.06 0.72
C SER A 90 19.27 3.08 -0.40
N SER A 91 18.02 3.28 -0.80
CA SER A 91 17.70 4.23 -1.86
C SER A 91 16.23 4.61 -1.81
N VAL A 92 15.94 5.88 -2.10
CA VAL A 92 14.57 6.38 -2.09
C VAL A 92 14.37 7.44 -3.17
N PRO A 93 13.13 7.55 -3.67
CA PRO A 93 12.02 6.69 -3.22
C PRO A 93 12.19 5.24 -3.66
N THR A 94 11.41 4.36 -3.04
CA THR A 94 11.46 2.94 -3.38
C THR A 94 10.18 2.22 -2.95
N PHE A 95 9.48 1.65 -3.91
CA PHE A 95 8.24 0.93 -3.63
C PHE A 95 8.48 -0.58 -3.59
N LEU A 96 7.76 -1.27 -2.72
CA LEU A 96 7.89 -2.71 -2.58
C LEU A 96 6.52 -3.38 -2.57
N PHE A 97 6.19 -4.02 -3.70
CA PHE A 97 4.90 -4.71 -3.82
C PHE A 97 4.94 -6.07 -3.12
N PHE A 98 3.98 -6.29 -2.23
CA PHE A 98 3.91 -7.54 -1.49
C PHE A 98 2.57 -8.24 -1.73
N LYS A 99 2.63 -9.53 -2.06
CA LYS A 99 1.43 -10.31 -2.33
C LYS A 99 1.37 -11.53 -1.42
N ASN A 100 0.53 -11.46 -0.40
CA ASN A 100 0.37 -12.57 0.54
C ASN A 100 1.62 -12.73 1.40
N SER A 101 2.16 -11.59 1.86
CA SER A 101 3.35 -11.60 2.70
C SER A 101 4.56 -12.09 1.91
N GLN A 102 4.57 -11.81 0.61
CA GLN A 102 5.67 -12.22 -0.25
C GLN A 102 5.88 -11.22 -1.38
N LYS A 103 7.06 -10.61 -1.43
CA LYS A 103 7.39 -9.65 -2.46
C LYS A 103 7.28 -10.27 -3.85
N ILE A 104 6.36 -9.73 -4.66
CA ILE A 104 6.16 -10.24 -6.01
C ILE A 104 6.76 -9.29 -7.05
N ASP A 105 6.73 -8.00 -6.74
CA ASP A 105 7.26 -6.99 -7.64
C ASP A 105 7.97 -5.88 -6.86
N ARG A 106 8.63 -4.98 -7.59
CA ARG A 106 9.34 -3.87 -6.95
C ARG A 106 9.64 -2.77 -7.96
N LEU A 107 9.55 -1.52 -7.52
CA LEU A 107 9.81 -0.38 -8.39
C LEU A 107 10.85 0.56 -7.77
N ASP A 108 11.98 0.72 -8.45
CA ASP A 108 13.04 1.59 -7.96
C ASP A 108 13.02 2.93 -8.69
N GLY A 109 13.22 4.00 -7.93
CA GLY A 109 13.21 5.34 -8.50
C GLY A 109 11.83 5.96 -8.51
N ALA A 110 11.78 7.27 -8.29
CA ALA A 110 10.50 7.99 -8.26
C ALA A 110 9.86 8.03 -9.64
N HIS A 111 8.87 7.17 -9.85
CA HIS A 111 8.17 7.11 -11.13
C HIS A 111 6.67 7.28 -10.94
N ALA A 112 6.14 8.38 -11.46
CA ALA A 112 4.71 8.66 -11.35
C ALA A 112 3.89 7.69 -12.19
N PRO A 113 4.16 7.66 -13.50
CA PRO A 113 3.46 6.78 -14.44
C PRO A 113 3.82 5.32 -14.25
N GLU A 114 5.12 5.05 -14.12
CA GLU A 114 5.61 3.69 -13.93
C GLU A 114 4.95 3.04 -12.73
N LEU A 115 4.82 3.81 -11.65
CA LEU A 115 4.20 3.30 -10.42
C LEU A 115 2.77 2.83 -10.69
N THR A 116 1.94 3.74 -11.17
CA THR A 116 0.54 3.42 -11.47
C THR A 116 0.43 2.09 -12.19
N LYS A 117 1.31 1.88 -13.16
CA LYS A 117 1.32 0.65 -13.95
C LYS A 117 1.35 -0.57 -13.03
N LYS A 118 2.41 -0.67 -12.23
CA LYS A 118 2.56 -1.79 -11.30
C LYS A 118 1.40 -1.85 -10.32
N VAL A 119 1.01 -0.68 -9.79
CA VAL A 119 -0.09 -0.61 -8.84
C VAL A 119 -1.35 -1.23 -9.41
N GLN A 120 -1.85 -0.65 -10.51
CA GLN A 120 -3.06 -1.15 -11.15
C GLN A 120 -2.87 -2.59 -11.62
N ARG A 121 -1.73 -2.87 -12.24
CA ARG A 121 -1.43 -4.21 -12.74
C ARG A 121 -1.58 -5.24 -11.62
N HIS A 122 -0.76 -5.11 -10.59
CA HIS A 122 -0.80 -6.03 -9.45
C HIS A 122 -2.15 -5.99 -8.77
N ALA A 123 -2.66 -4.78 -8.54
CA ALA A 123 -3.95 -4.61 -7.88
C ALA A 123 -4.92 -5.73 -8.27
N SER A 124 -4.90 -6.11 -9.54
CA SER A 124 -5.77 -7.17 -10.04
C SER A 124 -5.69 -8.41 -9.14
N SER A 125 -6.79 -8.71 -8.46
CA SER A 125 -6.84 -9.86 -7.58
C SER A 125 -7.96 -10.82 -7.98
N GLY A 126 -7.71 -11.61 -9.02
CA GLY A 126 -8.70 -12.55 -9.49
C GLY A 126 -9.99 -11.87 -9.94
N PRO A 127 -10.57 -12.35 -11.04
CA PRO A 127 -11.81 -11.80 -11.59
C PRO A 127 -13.02 -12.09 -10.70
N SER A 128 -13.51 -11.06 -10.03
CA SER A 128 -14.67 -11.21 -9.15
C SER A 128 -15.95 -10.81 -9.85
N SER A 129 -16.54 -11.76 -10.57
CA SER A 129 -17.77 -11.51 -11.30
C SER A 129 -18.80 -12.61 -11.05
N GLY A 130 -20.03 -12.38 -11.48
CA GLY A 130 -21.08 -13.37 -11.29
C GLY A 130 -22.46 -12.74 -11.23
N GLY A 1 -33.85 15.18 30.80
CA GLY A 1 -34.68 14.03 31.09
C GLY A 1 -35.60 13.67 29.94
N SER A 2 -36.41 12.63 30.13
CA SER A 2 -37.35 12.19 29.11
C SER A 2 -36.74 12.35 27.72
N SER A 3 -35.46 11.98 27.59
CA SER A 3 -34.76 12.08 26.31
C SER A 3 -34.39 10.70 25.78
N GLY A 4 -33.88 10.66 24.56
CA GLY A 4 -33.47 9.40 23.96
C GLY A 4 -32.98 9.56 22.54
N SER A 5 -33.90 9.48 21.59
CA SER A 5 -33.55 9.62 20.18
C SER A 5 -32.56 8.55 19.76
N SER A 6 -32.78 7.32 20.23
CA SER A 6 -31.91 6.21 19.90
C SER A 6 -32.44 5.42 18.71
N GLY A 7 -31.52 4.87 17.92
CA GLY A 7 -31.92 4.10 16.75
C GLY A 7 -31.15 2.80 16.62
N MET A 8 -31.85 1.74 16.25
CA MET A 8 -31.22 0.43 16.08
C MET A 8 -30.03 0.51 15.14
N ALA A 9 -30.29 0.98 13.91
CA ALA A 9 -29.23 1.11 12.91
C ALA A 9 -28.90 2.57 12.65
N ALA A 10 -28.11 3.16 13.53
CA ALA A 10 -27.72 4.56 13.39
C ALA A 10 -26.21 4.73 13.54
N GLY A 11 -25.56 5.16 12.46
CA GLY A 11 -24.13 5.35 12.49
C GLY A 11 -23.37 4.19 11.87
N ALA A 12 -23.57 3.00 12.44
CA ALA A 12 -22.91 1.80 11.94
C ALA A 12 -23.07 1.66 10.43
N ALA A 13 -21.95 1.67 9.71
CA ALA A 13 -21.97 1.54 8.26
C ALA A 13 -20.57 1.29 7.71
N GLU A 14 -20.50 0.72 6.51
CA GLU A 14 -19.22 0.42 5.89
C GLU A 14 -18.32 1.66 5.87
N ALA A 15 -17.16 1.54 6.48
CA ALA A 15 -16.20 2.65 6.54
C ALA A 15 -14.87 2.25 5.92
N ALA A 16 -14.69 2.58 4.65
CA ALA A 16 -13.47 2.26 3.94
C ALA A 16 -12.53 3.47 3.89
N VAL A 17 -11.36 3.33 4.48
CA VAL A 17 -10.38 4.41 4.50
C VAL A 17 -9.32 4.22 3.41
N ALA A 18 -9.25 5.18 2.49
CA ALA A 18 -8.30 5.12 1.39
C ALA A 18 -7.17 6.12 1.61
N ALA A 19 -6.51 6.03 2.76
CA ALA A 19 -5.40 6.92 3.09
C ALA A 19 -4.13 6.14 3.34
N VAL A 20 -2.98 6.79 3.11
CA VAL A 20 -1.69 6.15 3.33
C VAL A 20 -1.36 6.04 4.81
N GLU A 21 -1.08 4.82 5.26
CA GLU A 21 -0.75 4.58 6.66
C GLU A 21 0.74 4.77 6.91
N GLU A 22 1.08 5.60 7.89
CA GLU A 22 2.47 5.86 8.23
C GLU A 22 3.05 4.73 9.06
N VAL A 23 4.04 4.03 8.50
CA VAL A 23 4.68 2.92 9.18
C VAL A 23 6.03 3.34 9.75
N GLY A 24 6.02 3.82 10.99
CA GLY A 24 7.25 4.25 11.64
C GLY A 24 7.78 3.21 12.62
N SER A 25 7.65 1.94 12.26
CA SER A 25 8.11 0.85 13.11
C SER A 25 7.99 -0.49 12.41
N ALA A 26 8.99 -1.34 12.58
CA ALA A 26 8.99 -2.66 11.95
C ALA A 26 7.69 -3.40 12.24
N GLY A 27 7.37 -3.55 13.52
CA GLY A 27 6.15 -4.25 13.91
C GLY A 27 4.96 -3.83 13.08
N GLN A 28 4.80 -2.53 12.89
CA GLN A 28 3.69 -1.99 12.10
C GLN A 28 3.60 -2.69 10.75
N PHE A 29 4.69 -2.67 10.00
CA PHE A 29 4.75 -3.29 8.68
C PHE A 29 4.60 -4.81 8.80
N GLU A 30 5.54 -5.44 9.49
CA GLU A 30 5.51 -6.88 9.67
C GLU A 30 4.11 -7.36 10.03
N GLU A 31 3.44 -6.61 10.89
CA GLU A 31 2.09 -6.96 11.33
C GLU A 31 1.12 -6.88 10.16
N LEU A 32 1.07 -5.73 9.49
CA LEU A 32 0.18 -5.52 8.37
C LEU A 32 0.36 -6.61 7.32
N LEU A 33 1.62 -6.86 6.94
CA LEU A 33 1.94 -7.89 5.95
C LEU A 33 0.98 -9.08 6.07
N ARG A 34 0.59 -9.38 7.31
CA ARG A 34 -0.33 -10.49 7.56
C ARG A 34 -1.76 -10.10 7.25
N LEU A 35 -2.26 -9.08 7.95
CA LEU A 35 -3.62 -8.60 7.76
C LEU A 35 -3.91 -8.35 6.29
N LYS A 36 -3.02 -7.61 5.64
CA LYS A 36 -3.17 -7.28 4.22
C LYS A 36 -2.51 -8.35 3.35
N ALA A 37 -2.67 -9.61 3.75
CA ALA A 37 -2.09 -10.72 3.00
C ALA A 37 -3.06 -11.25 1.95
N LYS A 38 -4.03 -10.41 1.59
CA LYS A 38 -5.03 -10.79 0.60
C LYS A 38 -5.03 -9.80 -0.58
N SER A 39 -5.08 -8.52 -0.25
CA SER A 39 -5.09 -7.47 -1.26
C SER A 39 -3.67 -7.06 -1.63
N LEU A 40 -3.53 -6.38 -2.77
CA LEU A 40 -2.23 -5.94 -3.24
C LEU A 40 -1.67 -4.85 -2.33
N LEU A 41 -0.60 -5.18 -1.62
CA LEU A 41 0.04 -4.23 -0.71
C LEU A 41 1.15 -3.46 -1.40
N VAL A 42 1.20 -2.16 -1.19
CA VAL A 42 2.21 -1.31 -1.81
C VAL A 42 2.96 -0.50 -0.75
N VAL A 43 4.21 -0.86 -0.51
CA VAL A 43 5.04 -0.16 0.48
C VAL A 43 5.95 0.86 -0.19
N HIS A 44 5.65 2.13 0.03
CA HIS A 44 6.44 3.22 -0.56
C HIS A 44 7.44 3.76 0.46
N PHE A 45 8.68 3.95 0.01
CA PHE A 45 9.73 4.46 0.88
C PHE A 45 9.84 5.97 0.76
N TRP A 46 9.56 6.67 1.86
CA TRP A 46 9.62 8.13 1.88
C TRP A 46 10.72 8.61 2.82
N ALA A 47 11.44 9.64 2.41
CA ALA A 47 12.52 10.20 3.21
C ALA A 47 12.36 11.70 3.38
N PRO A 48 12.69 12.21 4.58
CA PRO A 48 12.58 13.65 4.89
C PRO A 48 13.63 14.47 4.15
N TRP A 49 14.68 13.80 3.69
CA TRP A 49 15.75 14.48 2.96
C TRP A 49 15.49 14.47 1.47
N ALA A 50 14.89 13.39 0.99
CA ALA A 50 14.58 13.25 -0.43
C ALA A 50 13.28 13.97 -0.78
N PRO A 51 13.39 15.06 -1.57
CA PRO A 51 12.24 15.86 -1.99
C PRO A 51 11.35 15.10 -2.97
N GLN A 52 11.82 13.95 -3.44
CA GLN A 52 11.06 13.15 -4.39
C GLN A 52 9.83 12.54 -3.74
N CYS A 53 10.04 11.84 -2.62
CA CYS A 53 8.95 11.22 -1.90
C CYS A 53 7.71 12.11 -1.89
N ALA A 54 7.93 13.42 -2.02
CA ALA A 54 6.83 14.38 -2.03
C ALA A 54 5.88 14.10 -3.19
N GLN A 55 6.35 14.34 -4.40
CA GLN A 55 5.53 14.12 -5.60
C GLN A 55 4.94 12.71 -5.60
N MET A 56 5.73 11.75 -5.14
CA MET A 56 5.28 10.36 -5.08
C MET A 56 4.14 10.19 -4.08
N ASN A 57 4.26 10.87 -2.95
CA ASN A 57 3.24 10.80 -1.90
C ASN A 57 1.87 11.18 -2.46
N GLU A 58 1.77 12.38 -3.01
CA GLU A 58 0.52 12.86 -3.56
C GLU A 58 -0.02 11.90 -4.61
N VAL A 59 0.89 11.22 -5.31
CA VAL A 59 0.50 10.26 -6.34
C VAL A 59 -0.17 9.04 -5.72
N MET A 60 0.37 8.59 -4.60
CA MET A 60 -0.18 7.42 -3.91
C MET A 60 -1.63 7.67 -3.48
N ALA A 61 -1.83 8.70 -2.67
CA ALA A 61 -3.17 9.04 -2.21
C ALA A 61 -4.21 8.88 -3.32
N GLU A 62 -4.03 9.63 -4.39
CA GLU A 62 -4.96 9.57 -5.53
C GLU A 62 -5.22 8.13 -5.92
N LEU A 63 -4.18 7.30 -5.90
CA LEU A 63 -4.30 5.89 -6.26
C LEU A 63 -5.06 5.12 -5.19
N ALA A 64 -4.85 5.50 -3.93
CA ALA A 64 -5.52 4.85 -2.81
C ALA A 64 -7.03 4.74 -3.06
N LYS A 65 -7.67 5.89 -3.23
CA LYS A 65 -9.12 5.91 -3.48
C LYS A 65 -9.46 5.21 -4.79
N GLU A 66 -8.74 5.55 -5.85
CA GLU A 66 -8.97 4.94 -7.15
C GLU A 66 -8.99 3.41 -7.05
N LEU A 67 -8.06 2.87 -6.27
CA LEU A 67 -7.96 1.43 -6.09
C LEU A 67 -8.27 1.04 -4.64
N PRO A 68 -9.55 0.76 -4.37
CA PRO A 68 -10.00 0.38 -3.02
C PRO A 68 -9.51 -1.02 -2.63
N GLN A 69 -9.17 -1.82 -3.62
CA GLN A 69 -8.69 -3.18 -3.38
C GLN A 69 -7.17 -3.20 -3.22
N VAL A 70 -6.61 -2.04 -2.89
CA VAL A 70 -5.17 -1.92 -2.70
C VAL A 70 -4.84 -1.23 -1.39
N SER A 71 -3.66 -1.51 -0.85
CA SER A 71 -3.22 -0.91 0.40
C SER A 71 -1.93 -0.10 0.21
N PHE A 72 -2.02 1.20 0.44
CA PHE A 72 -0.87 2.08 0.29
C PHE A 72 -0.27 2.43 1.65
N VAL A 73 0.95 1.97 1.88
CA VAL A 73 1.63 2.25 3.15
C VAL A 73 3.03 2.82 2.90
N LYS A 74 3.28 4.00 3.47
CA LYS A 74 4.58 4.65 3.32
C LYS A 74 5.45 4.42 4.55
N LEU A 75 6.69 4.00 4.32
CA LEU A 75 7.63 3.75 5.42
C LEU A 75 8.77 4.76 5.39
N GLU A 76 9.16 5.22 6.58
CA GLU A 76 10.24 6.19 6.70
C GLU A 76 11.61 5.48 6.67
N ALA A 77 12.29 5.57 5.54
CA ALA A 77 13.59 4.95 5.38
C ALA A 77 14.53 5.37 6.51
N GLU A 78 14.46 6.63 6.89
CA GLU A 78 15.30 7.16 7.96
C GLU A 78 14.57 7.14 9.30
N GLY A 79 13.55 6.30 9.39
CA GLY A 79 12.76 6.21 10.62
C GLY A 79 12.73 4.80 11.18
N VAL A 80 12.68 3.82 10.29
CA VAL A 80 12.63 2.42 10.70
C VAL A 80 13.70 1.60 9.97
N PRO A 81 14.95 1.72 10.44
CA PRO A 81 16.08 0.99 9.86
C PRO A 81 16.02 -0.50 10.13
N GLU A 82 15.06 -0.91 10.95
CA GLU A 82 14.90 -2.31 11.30
C GLU A 82 14.40 -3.11 10.10
N VAL A 83 13.61 -2.47 9.25
CA VAL A 83 13.06 -3.12 8.07
C VAL A 83 13.93 -2.84 6.84
N SER A 84 14.42 -1.61 6.75
CA SER A 84 15.26 -1.21 5.62
C SER A 84 16.49 -2.13 5.50
N GLU A 85 16.96 -2.60 6.65
CA GLU A 85 18.12 -3.48 6.68
C GLU A 85 17.80 -4.84 6.06
N LYS A 86 16.67 -5.42 6.47
CA LYS A 86 16.24 -6.71 5.95
C LYS A 86 16.22 -6.71 4.43
N TYR A 87 15.44 -5.79 3.86
CA TYR A 87 15.33 -5.68 2.41
C TYR A 87 16.50 -4.89 1.82
N GLU A 88 17.27 -4.25 2.70
CA GLU A 88 18.42 -3.46 2.28
C GLU A 88 17.98 -2.30 1.39
N ILE A 89 16.92 -1.61 1.80
CA ILE A 89 16.41 -0.48 1.04
C ILE A 89 17.22 0.78 1.32
N SER A 90 18.30 0.96 0.59
CA SER A 90 19.16 2.13 0.76
C SER A 90 19.01 3.09 -0.41
N SER A 91 17.78 3.25 -0.89
CA SER A 91 17.50 4.14 -2.00
C SER A 91 16.04 4.59 -1.99
N VAL A 92 15.81 5.86 -2.28
CA VAL A 92 14.47 6.41 -2.30
C VAL A 92 14.33 7.48 -3.38
N PRO A 93 13.11 7.62 -3.93
CA PRO A 93 11.96 6.81 -3.52
C PRO A 93 12.10 5.35 -3.97
N THR A 94 11.34 4.46 -3.32
CA THR A 94 11.38 3.05 -3.64
C THR A 94 10.14 2.33 -3.14
N PHE A 95 9.36 1.77 -4.05
CA PHE A 95 8.14 1.05 -3.69
C PHE A 95 8.40 -0.45 -3.62
N LEU A 96 7.62 -1.14 -2.78
CA LEU A 96 7.76 -2.58 -2.62
C LEU A 96 6.39 -3.26 -2.62
N PHE A 97 6.09 -3.93 -3.73
CA PHE A 97 4.81 -4.63 -3.87
C PHE A 97 4.87 -6.00 -3.21
N PHE A 98 4.02 -6.22 -2.21
CA PHE A 98 3.97 -7.48 -1.50
C PHE A 98 2.64 -8.19 -1.72
N LYS A 99 2.69 -9.49 -1.95
CA LYS A 99 1.49 -10.29 -2.17
C LYS A 99 1.43 -11.46 -1.21
N ASN A 100 0.73 -11.27 -0.09
CA ASN A 100 0.60 -12.32 0.92
C ASN A 100 1.92 -12.55 1.64
N SER A 101 2.55 -11.47 2.10
CA SER A 101 3.82 -11.58 2.80
C SER A 101 4.90 -12.15 1.89
N GLN A 102 4.84 -11.78 0.61
CA GLN A 102 5.82 -12.25 -0.36
C GLN A 102 6.01 -11.23 -1.48
N LYS A 103 7.21 -10.65 -1.53
CA LYS A 103 7.52 -9.65 -2.55
C LYS A 103 7.37 -10.24 -3.96
N ILE A 104 6.42 -9.70 -4.72
CA ILE A 104 6.18 -10.17 -6.08
C ILE A 104 6.73 -9.17 -7.11
N ASP A 105 6.66 -7.89 -6.77
CA ASP A 105 7.14 -6.84 -7.67
C ASP A 105 7.82 -5.73 -6.88
N ARG A 106 8.45 -4.81 -7.60
CA ARG A 106 9.14 -3.69 -6.97
C ARG A 106 9.41 -2.57 -7.97
N LEU A 107 9.42 -1.34 -7.50
CA LEU A 107 9.66 -0.19 -8.35
C LEU A 107 10.66 0.76 -7.72
N ASP A 108 11.76 1.02 -8.43
CA ASP A 108 12.80 1.92 -7.93
C ASP A 108 12.81 3.22 -8.71
N GLY A 109 12.92 4.34 -8.00
CA GLY A 109 12.94 5.64 -8.65
C GLY A 109 11.62 6.36 -8.55
N ALA A 110 11.62 7.65 -8.85
CA ALA A 110 10.41 8.46 -8.79
C ALA A 110 9.63 8.39 -10.11
N HIS A 111 8.76 7.40 -10.23
CA HIS A 111 7.96 7.24 -11.43
C HIS A 111 6.47 7.42 -11.13
N ALA A 112 5.90 8.48 -11.69
CA ALA A 112 4.48 8.78 -11.48
C ALA A 112 3.60 7.75 -12.19
N PRO A 113 3.78 7.63 -13.51
CA PRO A 113 3.00 6.68 -14.33
C PRO A 113 3.37 5.22 -14.03
N GLU A 114 4.67 4.93 -14.07
CA GLU A 114 5.15 3.58 -13.82
C GLU A 114 4.53 3.01 -12.55
N LEU A 115 4.51 3.82 -11.49
CA LEU A 115 3.95 3.39 -10.21
C LEU A 115 2.51 2.91 -10.39
N THR A 116 1.67 3.76 -10.97
CA THR A 116 0.28 3.42 -11.19
C THR A 116 0.15 2.16 -12.05
N LYS A 117 0.86 2.14 -13.17
CA LYS A 117 0.83 0.99 -14.08
C LYS A 117 1.03 -0.31 -13.31
N LYS A 118 2.12 -0.38 -12.54
CA LYS A 118 2.42 -1.57 -11.76
C LYS A 118 1.33 -1.85 -10.73
N VAL A 119 0.93 -0.80 -10.01
CA VAL A 119 -0.12 -0.93 -8.99
C VAL A 119 -1.35 -1.58 -9.57
N GLN A 120 -1.87 -1.02 -10.66
CA GLN A 120 -3.06 -1.55 -11.32
C GLN A 120 -2.79 -2.92 -11.92
N ARG A 121 -1.61 -3.07 -12.51
CA ARG A 121 -1.23 -4.33 -13.13
C ARG A 121 -1.48 -5.50 -12.19
N HIS A 122 -0.80 -5.49 -11.04
CA HIS A 122 -0.96 -6.55 -10.05
C HIS A 122 -2.37 -6.53 -9.44
N ALA A 123 -2.77 -5.36 -8.97
CA ALA A 123 -4.09 -5.20 -8.36
C ALA A 123 -5.17 -5.83 -9.24
N SER A 124 -5.03 -5.68 -10.55
CA SER A 124 -6.00 -6.23 -11.49
C SER A 124 -5.71 -7.70 -11.76
N SER A 125 -4.49 -7.98 -12.19
CA SER A 125 -4.08 -9.36 -12.49
C SER A 125 -2.62 -9.59 -12.11
N GLY A 126 -2.38 -10.66 -11.36
CA GLY A 126 -1.03 -10.98 -10.94
C GLY A 126 -0.05 -11.03 -12.08
N PRO A 127 1.18 -11.49 -11.82
CA PRO A 127 2.23 -11.60 -12.84
C PRO A 127 1.93 -12.69 -13.86
N SER A 128 0.80 -13.35 -13.70
CA SER A 128 0.40 -14.42 -14.61
C SER A 128 0.84 -14.11 -16.03
N SER A 129 1.35 -15.13 -16.73
CA SER A 129 1.80 -14.97 -18.10
C SER A 129 0.84 -15.64 -19.07
N GLY A 130 0.02 -14.83 -19.74
CA GLY A 130 -0.94 -15.37 -20.69
C GLY A 130 -0.71 -14.84 -22.09
N GLY A 1 -28.84 -26.47 -18.51
CA GLY A 1 -29.79 -27.02 -19.45
C GLY A 1 -31.22 -26.86 -18.97
N SER A 2 -31.87 -27.99 -18.67
CA SER A 2 -33.25 -27.98 -18.21
C SER A 2 -33.30 -27.95 -16.68
N SER A 3 -33.19 -26.74 -16.12
CA SER A 3 -33.23 -26.57 -14.67
C SER A 3 -33.24 -25.09 -14.29
N GLY A 4 -34.00 -24.76 -13.26
CA GLY A 4 -34.10 -23.38 -12.82
C GLY A 4 -33.64 -23.20 -11.39
N SER A 5 -33.34 -21.95 -11.01
CA SER A 5 -32.89 -21.65 -9.66
C SER A 5 -33.45 -20.32 -9.19
N SER A 6 -33.28 -20.04 -7.90
CA SER A 6 -33.78 -18.80 -7.32
C SER A 6 -33.02 -18.45 -6.04
N GLY A 7 -32.39 -17.28 -6.04
CA GLY A 7 -31.64 -16.84 -4.88
C GLY A 7 -31.39 -15.35 -4.88
N MET A 8 -30.44 -14.92 -4.05
CA MET A 8 -30.11 -13.50 -3.95
C MET A 8 -28.61 -13.27 -4.16
N ALA A 9 -28.23 -12.01 -4.31
CA ALA A 9 -26.82 -11.66 -4.53
C ALA A 9 -26.16 -11.27 -3.21
N ALA A 10 -25.02 -11.90 -2.92
CA ALA A 10 -24.29 -11.61 -1.69
C ALA A 10 -23.19 -10.59 -1.93
N GLY A 11 -23.47 -9.33 -1.58
CA GLY A 11 -22.50 -8.28 -1.77
C GLY A 11 -21.28 -8.44 -0.87
N ALA A 12 -21.48 -8.24 0.43
CA ALA A 12 -20.40 -8.37 1.40
C ALA A 12 -19.16 -7.61 0.93
N ALA A 13 -19.36 -6.44 0.33
CA ALA A 13 -18.27 -5.63 -0.16
C ALA A 13 -17.17 -5.49 0.90
N GLU A 14 -15.98 -5.99 0.57
CA GLU A 14 -14.85 -5.92 1.49
C GLU A 14 -14.72 -4.51 2.08
N ALA A 15 -14.86 -4.43 3.41
CA ALA A 15 -14.76 -3.15 4.10
C ALA A 15 -13.30 -2.74 4.27
N ALA A 16 -12.99 -1.52 3.83
CA ALA A 16 -11.63 -1.01 3.94
C ALA A 16 -11.57 0.47 3.58
N VAL A 17 -10.52 1.15 4.04
CA VAL A 17 -10.35 2.58 3.76
C VAL A 17 -9.49 2.79 2.52
N ALA A 18 -9.88 3.76 1.70
CA ALA A 18 -9.14 4.08 0.48
C ALA A 18 -8.09 5.14 0.74
N ALA A 19 -7.43 5.06 1.88
CA ALA A 19 -6.39 6.03 2.24
C ALA A 19 -5.08 5.33 2.57
N VAL A 20 -3.97 6.01 2.27
CA VAL A 20 -2.65 5.46 2.53
C VAL A 20 -2.29 5.56 4.00
N GLU A 21 -1.83 4.46 4.57
CA GLU A 21 -1.45 4.42 5.98
C GLU A 21 0.05 4.64 6.14
N GLU A 22 0.45 5.12 7.32
CA GLU A 22 1.85 5.38 7.62
C GLU A 22 2.41 4.33 8.59
N VAL A 23 3.64 3.90 8.34
CA VAL A 23 4.30 2.92 9.19
C VAL A 23 5.52 3.50 9.89
N GLY A 24 5.47 3.55 11.21
CA GLY A 24 6.58 4.09 11.97
C GLY A 24 7.23 3.05 12.88
N SER A 25 7.02 1.78 12.55
CA SER A 25 7.58 0.69 13.35
C SER A 25 7.56 -0.62 12.57
N ALA A 26 8.65 -1.38 12.69
CA ALA A 26 8.76 -2.66 11.99
C ALA A 26 7.64 -3.61 12.41
N GLY A 27 7.23 -3.52 13.67
CA GLY A 27 6.18 -4.37 14.17
C GLY A 27 4.87 -4.20 13.41
N GLN A 28 4.56 -2.95 13.09
CA GLN A 28 3.32 -2.65 12.35
C GLN A 28 3.35 -3.27 10.96
N PHE A 29 4.42 -3.00 10.22
CA PHE A 29 4.57 -3.53 8.87
C PHE A 29 4.43 -5.05 8.86
N GLU A 30 5.33 -5.72 9.57
CA GLU A 30 5.30 -7.18 9.63
C GLU A 30 3.91 -7.68 10.01
N GLU A 31 3.23 -6.95 10.88
CA GLU A 31 1.89 -7.32 11.32
C GLU A 31 0.90 -7.23 10.16
N LEU A 32 0.82 -6.05 9.57
CA LEU A 32 -0.10 -5.82 8.45
C LEU A 32 0.08 -6.89 7.37
N LEU A 33 1.33 -7.19 7.06
CA LEU A 33 1.64 -8.20 6.04
C LEU A 33 0.63 -9.34 6.09
N ARG A 34 0.25 -9.75 7.29
CA ARG A 34 -0.70 -10.82 7.47
C ARG A 34 -2.13 -10.33 7.20
N LEU A 35 -2.44 -9.14 7.69
CA LEU A 35 -3.77 -8.55 7.49
C LEU A 35 -4.05 -8.31 6.02
N LYS A 36 -3.17 -7.54 5.38
CA LYS A 36 -3.31 -7.23 3.96
C LYS A 36 -2.50 -8.20 3.11
N ALA A 37 -2.49 -9.47 3.49
CA ALA A 37 -1.77 -10.48 2.76
C ALA A 37 -2.48 -10.85 1.46
N LYS A 38 -3.79 -11.07 1.56
CA LYS A 38 -4.59 -11.43 0.39
C LYS A 38 -4.65 -10.28 -0.61
N SER A 39 -4.77 -9.05 -0.09
CA SER A 39 -4.83 -7.87 -0.94
C SER A 39 -3.43 -7.45 -1.39
N LEU A 40 -3.37 -6.45 -2.26
CA LEU A 40 -2.10 -5.96 -2.77
C LEU A 40 -1.58 -4.81 -1.91
N LEU A 41 -0.40 -5.01 -1.31
CA LEU A 41 0.21 -3.99 -0.47
C LEU A 41 1.26 -3.19 -1.25
N VAL A 42 1.41 -1.92 -0.89
CA VAL A 42 2.38 -1.05 -1.54
C VAL A 42 3.20 -0.29 -0.53
N VAL A 43 4.47 -0.67 -0.39
CA VAL A 43 5.38 -0.02 0.55
C VAL A 43 6.24 1.02 -0.16
N HIS A 44 5.86 2.29 -0.02
CA HIS A 44 6.61 3.38 -0.64
C HIS A 44 7.60 3.99 0.36
N PHE A 45 8.85 4.11 -0.07
CA PHE A 45 9.90 4.66 0.77
C PHE A 45 9.99 6.18 0.58
N TRP A 46 9.63 6.92 1.62
CA TRP A 46 9.67 8.38 1.57
C TRP A 46 10.59 8.94 2.65
N ALA A 47 11.40 9.93 2.29
CA ALA A 47 12.32 10.54 3.23
C ALA A 47 12.22 12.07 3.19
N PRO A 48 12.34 12.70 4.36
CA PRO A 48 12.25 14.16 4.49
C PRO A 48 13.45 14.86 3.87
N TRP A 49 14.42 14.08 3.40
CA TRP A 49 15.62 14.63 2.79
C TRP A 49 15.61 14.41 1.28
N ALA A 50 14.50 13.89 0.77
CA ALA A 50 14.36 13.62 -0.65
C ALA A 50 13.16 14.36 -1.24
N PRO A 51 13.42 15.19 -2.27
CA PRO A 51 12.37 15.97 -2.93
C PRO A 51 11.43 15.10 -3.75
N GLN A 52 11.98 14.06 -4.37
CA GLN A 52 11.19 13.15 -5.18
C GLN A 52 10.09 12.50 -4.36
N CYS A 53 10.45 11.99 -3.18
CA CYS A 53 9.49 11.34 -2.30
C CYS A 53 8.29 12.25 -2.04
N ALA A 54 8.45 13.54 -2.34
CA ALA A 54 7.39 14.51 -2.14
C ALA A 54 6.19 14.21 -3.02
N GLN A 55 6.38 14.29 -4.34
CA GLN A 55 5.31 14.02 -5.29
C GLN A 55 4.83 12.57 -5.18
N MET A 56 5.78 11.66 -5.02
CA MET A 56 5.46 10.24 -4.90
C MET A 56 4.40 10.01 -3.82
N ASN A 57 4.59 10.66 -2.66
CA ASN A 57 3.65 10.53 -1.56
C ASN A 57 2.26 10.97 -1.98
N GLU A 58 2.18 12.11 -2.65
CA GLU A 58 0.90 12.64 -3.10
C GLU A 58 0.26 11.73 -4.14
N VAL A 59 1.04 11.31 -5.13
CA VAL A 59 0.55 10.43 -6.17
C VAL A 59 -0.19 9.24 -5.59
N MET A 60 0.43 8.58 -4.61
CA MET A 60 -0.17 7.42 -3.96
C MET A 60 -1.51 7.79 -3.33
N ALA A 61 -1.55 8.96 -2.69
CA ALA A 61 -2.77 9.43 -2.04
C ALA A 61 -3.99 9.20 -2.93
N GLU A 62 -3.89 9.62 -4.18
CA GLU A 62 -4.99 9.45 -5.13
C GLU A 62 -5.22 7.98 -5.45
N LEU A 63 -4.13 7.27 -5.74
CA LEU A 63 -4.21 5.86 -6.07
C LEU A 63 -4.97 5.09 -4.98
N ALA A 64 -4.67 5.40 -3.73
CA ALA A 64 -5.32 4.75 -2.61
C ALA A 64 -6.84 4.88 -2.69
N LYS A 65 -7.31 6.03 -3.16
CA LYS A 65 -8.73 6.28 -3.29
C LYS A 65 -9.31 5.50 -4.47
N GLU A 66 -8.58 5.47 -5.58
CA GLU A 66 -9.03 4.75 -6.77
C GLU A 66 -9.07 3.24 -6.51
N LEU A 67 -8.05 2.74 -5.82
CA LEU A 67 -7.97 1.32 -5.51
C LEU A 67 -8.06 1.09 -4.00
N PRO A 68 -9.27 0.80 -3.51
CA PRO A 68 -9.52 0.55 -2.09
C PRO A 68 -8.90 -0.77 -1.62
N GLN A 69 -9.07 -1.82 -2.42
CA GLN A 69 -8.53 -3.13 -2.09
C GLN A 69 -7.03 -3.06 -1.86
N VAL A 70 -6.38 -2.08 -2.50
CA VAL A 70 -4.94 -1.90 -2.38
C VAL A 70 -4.59 -1.09 -1.14
N SER A 71 -3.73 -1.63 -0.30
CA SER A 71 -3.31 -0.94 0.93
C SER A 71 -1.96 -0.27 0.73
N PHE A 72 -1.99 1.04 0.52
CA PHE A 72 -0.77 1.81 0.32
C PHE A 72 -0.17 2.25 1.66
N VAL A 73 1.01 1.73 1.98
CA VAL A 73 1.69 2.06 3.22
C VAL A 73 3.01 2.77 2.96
N LYS A 74 3.16 3.96 3.54
CA LYS A 74 4.39 4.74 3.36
C LYS A 74 5.24 4.70 4.63
N LEU A 75 6.48 4.27 4.50
CA LEU A 75 7.40 4.19 5.63
C LEU A 75 8.65 5.04 5.38
N GLU A 76 9.16 5.64 6.44
CA GLU A 76 10.35 6.48 6.35
C GLU A 76 11.61 5.66 6.59
N ALA A 77 12.43 5.51 5.55
CA ALA A 77 13.67 4.75 5.66
C ALA A 77 14.41 5.09 6.96
N GLU A 78 14.62 6.39 7.20
CA GLU A 78 15.31 6.84 8.39
C GLU A 78 14.45 6.62 9.63
N GLY A 79 13.14 6.63 9.45
CA GLY A 79 12.23 6.43 10.56
C GLY A 79 12.26 5.00 11.08
N VAL A 80 12.24 4.04 10.17
CA VAL A 80 12.25 2.63 10.54
C VAL A 80 13.37 1.88 9.81
N PRO A 81 14.59 1.95 10.37
CA PRO A 81 15.76 1.29 9.78
C PRO A 81 15.68 -0.23 9.90
N GLU A 82 14.92 -0.71 10.88
CA GLU A 82 14.76 -2.14 11.09
C GLU A 82 14.38 -2.85 9.79
N VAL A 83 13.31 -2.38 9.16
CA VAL A 83 12.85 -2.97 7.91
C VAL A 83 13.79 -2.63 6.76
N SER A 84 14.14 -1.36 6.64
CA SER A 84 15.04 -0.91 5.58
C SER A 84 16.27 -1.81 5.49
N GLU A 85 16.79 -2.22 6.64
CA GLU A 85 17.96 -3.07 6.70
C GLU A 85 17.67 -4.42 6.04
N LYS A 86 16.63 -5.09 6.52
CA LYS A 86 16.24 -6.39 5.99
C LYS A 86 16.33 -6.41 4.46
N TYR A 87 15.52 -5.56 3.83
CA TYR A 87 15.51 -5.48 2.37
C TYR A 87 16.70 -4.67 1.86
N GLU A 88 17.36 -3.96 2.77
CA GLU A 88 18.52 -3.14 2.41
C GLU A 88 18.11 -1.99 1.50
N ILE A 89 17.00 -1.34 1.83
CA ILE A 89 16.51 -0.22 1.05
C ILE A 89 17.30 1.05 1.33
N SER A 90 18.43 1.20 0.64
CA SER A 90 19.28 2.38 0.83
C SER A 90 19.11 3.35 -0.33
N SER A 91 17.88 3.51 -0.79
CA SER A 91 17.59 4.41 -1.91
C SER A 91 16.12 4.78 -1.93
N VAL A 92 15.83 6.05 -2.24
CA VAL A 92 14.46 6.54 -2.30
C VAL A 92 14.29 7.58 -3.40
N PRO A 93 13.07 7.67 -3.94
CA PRO A 93 11.95 6.83 -3.52
C PRO A 93 12.14 5.37 -3.94
N THR A 94 11.34 4.49 -3.33
CA THR A 94 11.41 3.06 -3.64
C THR A 94 10.14 2.34 -3.22
N PHE A 95 9.47 1.72 -4.19
CA PHE A 95 8.24 1.00 -3.91
C PHE A 95 8.48 -0.50 -3.87
N LEU A 96 7.79 -1.20 -2.97
CA LEU A 96 7.94 -2.64 -2.83
C LEU A 96 6.58 -3.32 -2.75
N PHE A 97 6.23 -4.07 -3.79
CA PHE A 97 4.95 -4.78 -3.84
C PHE A 97 5.02 -6.07 -3.02
N PHE A 98 4.06 -6.23 -2.12
CA PHE A 98 4.01 -7.41 -1.27
C PHE A 98 2.66 -8.11 -1.39
N LYS A 99 2.68 -9.35 -1.87
CA LYS A 99 1.45 -10.12 -2.03
C LYS A 99 1.47 -11.37 -1.17
N ASN A 100 0.52 -11.48 -0.25
CA ASN A 100 0.43 -12.63 0.64
C ASN A 100 1.69 -12.77 1.48
N SER A 101 2.31 -11.63 1.80
CA SER A 101 3.54 -11.63 2.59
C SER A 101 4.71 -12.20 1.79
N GLN A 102 4.83 -11.77 0.54
CA GLN A 102 5.90 -12.24 -0.33
C GLN A 102 6.11 -11.29 -1.50
N LYS A 103 7.26 -10.61 -1.51
CA LYS A 103 7.59 -9.68 -2.56
C LYS A 103 7.50 -10.34 -3.94
N ILE A 104 6.81 -9.69 -4.87
CA ILE A 104 6.65 -10.22 -6.21
C ILE A 104 7.07 -9.20 -7.26
N ASP A 105 6.94 -7.91 -6.91
CA ASP A 105 7.30 -6.84 -7.83
C ASP A 105 8.04 -5.73 -7.09
N ARG A 106 8.69 -4.84 -7.84
CA ARG A 106 9.43 -3.73 -7.25
C ARG A 106 9.65 -2.63 -8.28
N LEU A 107 9.53 -1.38 -7.83
CA LEU A 107 9.72 -0.24 -8.71
C LEU A 107 10.79 0.71 -8.16
N ASP A 108 11.85 0.91 -8.94
CA ASP A 108 12.93 1.78 -8.53
C ASP A 108 12.97 3.04 -9.38
N GLY A 109 13.03 4.20 -8.73
CA GLY A 109 13.06 5.47 -9.45
C GLY A 109 11.73 6.18 -9.43
N ALA A 110 11.75 7.44 -9.00
CA ALA A 110 10.52 8.23 -8.95
C ALA A 110 9.78 8.20 -10.27
N HIS A 111 8.71 7.41 -10.32
CA HIS A 111 7.91 7.28 -11.53
C HIS A 111 6.42 7.45 -11.22
N ALA A 112 5.84 8.53 -11.74
CA ALA A 112 4.43 8.81 -11.51
C ALA A 112 3.55 7.81 -12.26
N PRO A 113 3.71 7.74 -13.58
CA PRO A 113 2.94 6.83 -14.43
C PRO A 113 3.32 5.37 -14.22
N GLU A 114 4.61 5.09 -14.27
CA GLU A 114 5.12 3.73 -14.08
C GLU A 114 4.50 3.11 -12.84
N LEU A 115 4.49 3.86 -11.74
CA LEU A 115 3.93 3.37 -10.48
C LEU A 115 2.51 2.87 -10.67
N THR A 116 1.64 3.74 -11.18
CA THR A 116 0.25 3.38 -11.41
C THR A 116 0.14 2.08 -12.20
N LYS A 117 0.76 2.05 -13.38
CA LYS A 117 0.72 0.86 -14.22
C LYS A 117 0.92 -0.40 -13.39
N LYS A 118 2.08 -0.50 -12.74
CA LYS A 118 2.38 -1.67 -11.91
C LYS A 118 1.29 -1.89 -10.87
N VAL A 119 0.98 -0.85 -10.10
CA VAL A 119 -0.05 -0.94 -9.07
C VAL A 119 -1.31 -1.61 -9.61
N GLN A 120 -1.81 -1.10 -10.72
CA GLN A 120 -3.01 -1.65 -11.34
C GLN A 120 -2.78 -3.08 -11.80
N ARG A 121 -1.72 -3.29 -12.57
CA ARG A 121 -1.40 -4.62 -13.08
C ARG A 121 -1.60 -5.67 -12.00
N HIS A 122 -1.02 -5.44 -10.83
CA HIS A 122 -1.14 -6.37 -9.71
C HIS A 122 -2.53 -6.28 -9.08
N ALA A 123 -2.96 -5.07 -8.79
CA ALA A 123 -4.27 -4.86 -8.17
C ALA A 123 -5.32 -5.76 -8.80
N SER A 124 -5.29 -5.88 -10.12
CA SER A 124 -6.24 -6.71 -10.84
C SER A 124 -6.61 -7.95 -10.02
N SER A 125 -7.79 -7.91 -9.41
CA SER A 125 -8.26 -9.02 -8.60
C SER A 125 -8.94 -10.09 -9.46
N GLY A 126 -9.26 -11.22 -8.84
CA GLY A 126 -9.91 -12.30 -9.57
C GLY A 126 -11.32 -12.56 -9.09
N PRO A 127 -11.90 -13.69 -9.54
CA PRO A 127 -13.27 -14.07 -9.16
C PRO A 127 -13.36 -14.49 -7.70
N SER A 128 -12.24 -14.41 -6.99
CA SER A 128 -12.20 -14.78 -5.57
C SER A 128 -12.85 -16.14 -5.35
N SER A 129 -12.48 -17.11 -6.18
CA SER A 129 -13.03 -18.46 -6.08
C SER A 129 -12.47 -19.17 -4.86
N GLY A 130 -12.82 -20.45 -4.72
CA GLY A 130 -12.34 -21.24 -3.60
C GLY A 130 -13.30 -21.20 -2.42
N GLY A 1 -47.00 -7.95 -26.07
CA GLY A 1 -46.61 -7.26 -24.85
C GLY A 1 -45.20 -6.73 -24.91
N SER A 2 -44.96 -5.61 -24.24
CA SER A 2 -43.64 -4.99 -24.23
C SER A 2 -42.81 -5.50 -23.05
N SER A 3 -41.56 -5.07 -22.98
CA SER A 3 -40.66 -5.48 -21.90
C SER A 3 -40.21 -4.27 -21.09
N GLY A 4 -39.45 -4.53 -20.03
CA GLY A 4 -38.96 -3.46 -19.19
C GLY A 4 -37.64 -3.81 -18.51
N SER A 5 -36.86 -2.78 -18.18
CA SER A 5 -35.57 -2.99 -17.53
C SER A 5 -35.27 -1.85 -16.56
N SER A 6 -34.53 -2.16 -15.50
CA SER A 6 -34.16 -1.17 -14.50
C SER A 6 -32.94 -1.62 -13.70
N GLY A 7 -31.83 -0.92 -13.89
CA GLY A 7 -30.61 -1.25 -13.18
C GLY A 7 -29.72 -0.06 -12.96
N MET A 8 -29.77 0.50 -11.76
CA MET A 8 -28.95 1.66 -11.42
C MET A 8 -28.57 1.65 -9.93
N ALA A 9 -27.29 1.45 -9.67
CA ALA A 9 -26.79 1.41 -8.30
C ALA A 9 -26.13 2.74 -7.92
N ALA A 10 -26.69 3.40 -6.91
CA ALA A 10 -26.15 4.67 -6.45
C ALA A 10 -24.64 4.60 -6.25
N GLY A 11 -24.20 3.57 -5.53
CA GLY A 11 -22.79 3.40 -5.28
C GLY A 11 -22.48 3.16 -3.81
N ALA A 12 -23.23 2.25 -3.19
CA ALA A 12 -23.04 1.94 -1.78
C ALA A 12 -21.56 1.78 -1.44
N ALA A 13 -20.98 2.81 -0.84
CA ALA A 13 -19.57 2.78 -0.47
C ALA A 13 -19.40 2.67 1.04
N GLU A 14 -18.96 1.50 1.49
CA GLU A 14 -18.76 1.26 2.92
C GLU A 14 -17.58 2.08 3.45
N ALA A 15 -17.64 2.45 4.71
CA ALA A 15 -16.58 3.22 5.34
C ALA A 15 -15.21 2.79 4.83
N ALA A 16 -14.59 3.64 4.03
CA ALA A 16 -13.27 3.35 3.47
C ALA A 16 -12.37 4.58 3.50
N VAL A 17 -11.24 4.47 4.19
CA VAL A 17 -10.30 5.58 4.29
C VAL A 17 -9.33 5.58 3.12
N ALA A 18 -9.24 6.71 2.43
CA ALA A 18 -8.35 6.85 1.29
C ALA A 18 -7.07 7.58 1.68
N ALA A 19 -6.48 7.18 2.80
CA ALA A 19 -5.26 7.80 3.28
C ALA A 19 -4.15 6.76 3.49
N VAL A 20 -2.91 7.17 3.34
CA VAL A 20 -1.77 6.28 3.51
C VAL A 20 -1.39 6.15 4.97
N GLU A 21 -1.29 4.91 5.45
CA GLU A 21 -0.93 4.66 6.84
C GLU A 21 0.55 4.92 7.08
N GLU A 22 0.87 5.47 8.25
CA GLU A 22 2.25 5.78 8.60
C GLU A 22 2.83 4.69 9.51
N VAL A 23 3.75 3.91 8.96
CA VAL A 23 4.39 2.84 9.72
C VAL A 23 5.74 3.28 10.28
N GLY A 24 5.80 3.48 11.60
CA GLY A 24 7.04 3.90 12.23
C GLY A 24 7.66 2.80 13.06
N SER A 25 7.53 1.56 12.62
CA SER A 25 8.08 0.42 13.33
C SER A 25 7.96 -0.85 12.51
N ALA A 26 8.93 -1.75 12.66
CA ALA A 26 8.95 -3.00 11.93
C ALA A 26 7.76 -3.89 12.33
N GLY A 27 7.44 -3.85 13.62
CA GLY A 27 6.33 -4.65 14.12
C GLY A 27 5.02 -4.33 13.43
N GLN A 28 4.75 -3.04 13.25
CA GLN A 28 3.52 -2.60 12.61
C GLN A 28 3.46 -3.09 11.16
N PHE A 29 4.53 -2.81 10.41
CA PHE A 29 4.60 -3.22 9.01
C PHE A 29 4.45 -4.73 8.87
N GLU A 30 5.39 -5.46 9.45
CA GLU A 30 5.35 -6.92 9.40
C GLU A 30 3.97 -7.46 9.76
N GLU A 31 3.33 -6.82 10.73
CA GLU A 31 2.01 -7.23 11.17
C GLU A 31 0.98 -7.03 10.06
N LEU A 32 0.87 -5.80 9.57
CA LEU A 32 -0.06 -5.47 8.51
C LEU A 32 -0.01 -6.51 7.39
N LEU A 33 1.19 -6.84 6.96
CA LEU A 33 1.38 -7.83 5.91
C LEU A 33 0.46 -9.02 6.10
N ARG A 34 0.22 -9.38 7.36
CA ARG A 34 -0.65 -10.51 7.68
C ARG A 34 -2.10 -10.19 7.33
N LEU A 35 -2.62 -9.10 7.89
CA LEU A 35 -3.99 -8.69 7.63
C LEU A 35 -4.21 -8.43 6.15
N LYS A 36 -3.34 -7.63 5.56
CA LYS A 36 -3.44 -7.30 4.14
C LYS A 36 -2.68 -8.32 3.30
N ALA A 37 -2.70 -9.57 3.72
CA ALA A 37 -2.02 -10.63 3.00
C ALA A 37 -2.72 -10.96 1.68
N LYS A 38 -4.05 -11.00 1.72
CA LYS A 38 -4.84 -11.29 0.53
C LYS A 38 -4.92 -10.08 -0.38
N SER A 39 -4.80 -8.89 0.21
CA SER A 39 -4.86 -7.65 -0.56
C SER A 39 -3.47 -7.22 -1.00
N LEU A 40 -3.39 -6.57 -2.15
CA LEU A 40 -2.12 -6.10 -2.69
C LEU A 40 -1.55 -4.98 -1.82
N LEU A 41 -0.38 -5.23 -1.23
CA LEU A 41 0.27 -4.24 -0.37
C LEU A 41 1.35 -3.50 -1.14
N VAL A 42 1.50 -2.21 -0.84
CA VAL A 42 2.51 -1.38 -1.49
C VAL A 42 3.23 -0.48 -0.50
N VAL A 43 4.47 -0.84 -0.17
CA VAL A 43 5.27 -0.08 0.77
C VAL A 43 6.09 1.00 0.06
N HIS A 44 5.73 2.26 0.29
CA HIS A 44 6.44 3.37 -0.34
C HIS A 44 7.48 3.96 0.62
N PHE A 45 8.70 4.10 0.14
CA PHE A 45 9.78 4.64 0.95
C PHE A 45 9.89 6.15 0.76
N TRP A 46 9.53 6.89 1.80
CA TRP A 46 9.59 8.35 1.75
C TRP A 46 10.68 8.88 2.68
N ALA A 47 11.36 9.93 2.23
CA ALA A 47 12.43 10.55 3.02
C ALA A 47 12.17 12.03 3.25
N PRO A 48 12.54 12.53 4.44
CA PRO A 48 12.36 13.94 4.80
C PRO A 48 13.28 14.86 4.02
N TRP A 49 14.19 14.28 3.26
CA TRP A 49 15.14 15.04 2.45
C TRP A 49 14.84 14.89 0.97
N ALA A 50 14.92 13.67 0.47
CA ALA A 50 14.64 13.39 -0.94
C ALA A 50 13.40 14.13 -1.42
N PRO A 51 13.60 15.18 -2.23
CA PRO A 51 12.50 15.98 -2.77
C PRO A 51 11.68 15.22 -3.79
N GLN A 52 12.03 13.96 -4.01
CA GLN A 52 11.31 13.12 -4.97
C GLN A 52 10.06 12.52 -4.34
N CYS A 53 10.22 11.94 -3.15
CA CYS A 53 9.10 11.33 -2.45
C CYS A 53 7.90 12.27 -2.42
N ALA A 54 8.16 13.55 -2.63
CA ALA A 54 7.09 14.56 -2.62
C ALA A 54 5.96 14.17 -3.58
N GLN A 55 6.25 14.22 -4.88
CA GLN A 55 5.26 13.87 -5.88
C GLN A 55 4.77 12.44 -5.70
N MET A 56 5.70 11.54 -5.43
CA MET A 56 5.36 10.13 -5.23
C MET A 56 4.30 9.98 -4.14
N ASN A 57 4.30 10.91 -3.19
CA ASN A 57 3.33 10.87 -2.10
C ASN A 57 1.94 11.24 -2.59
N GLU A 58 1.79 12.46 -3.07
CA GLU A 58 0.49 12.94 -3.57
C GLU A 58 -0.10 11.94 -4.56
N VAL A 59 0.76 11.36 -5.40
CA VAL A 59 0.32 10.40 -6.40
C VAL A 59 -0.34 9.20 -5.74
N MET A 60 0.23 8.75 -4.62
CA MET A 60 -0.32 7.60 -3.90
C MET A 60 -1.75 7.87 -3.47
N ALA A 61 -1.95 8.88 -2.63
CA ALA A 61 -3.28 9.23 -2.15
C ALA A 61 -4.32 9.05 -3.25
N GLU A 62 -4.06 9.63 -4.41
CA GLU A 62 -4.98 9.55 -5.54
C GLU A 62 -5.27 8.09 -5.89
N LEU A 63 -4.24 7.25 -5.83
CA LEU A 63 -4.37 5.84 -6.13
C LEU A 63 -5.19 5.12 -5.06
N ALA A 64 -4.91 5.44 -3.80
CA ALA A 64 -5.62 4.84 -2.68
C ALA A 64 -7.11 4.71 -2.99
N LYS A 65 -7.76 5.85 -3.20
CA LYS A 65 -9.19 5.86 -3.49
C LYS A 65 -9.48 5.20 -4.84
N GLU A 66 -8.66 5.52 -5.84
CA GLU A 66 -8.83 4.95 -7.17
C GLU A 66 -8.91 3.43 -7.10
N LEU A 67 -8.15 2.84 -6.20
CA LEU A 67 -8.14 1.39 -6.03
C LEU A 67 -8.44 1.01 -4.58
N PRO A 68 -9.73 0.75 -4.30
CA PRO A 68 -10.19 0.37 -2.96
C PRO A 68 -9.72 -1.03 -2.58
N GLN A 69 -9.29 -1.80 -3.56
CA GLN A 69 -8.82 -3.16 -3.33
C GLN A 69 -7.30 -3.19 -3.16
N VAL A 70 -6.73 -2.05 -2.84
CA VAL A 70 -5.28 -1.94 -2.66
C VAL A 70 -4.94 -1.33 -1.31
N SER A 71 -3.74 -1.62 -0.82
CA SER A 71 -3.29 -1.10 0.47
C SER A 71 -2.01 -0.31 0.32
N PHE A 72 -2.10 1.01 0.52
CA PHE A 72 -0.94 1.88 0.40
C PHE A 72 -0.38 2.24 1.78
N VAL A 73 0.90 1.93 1.99
CA VAL A 73 1.54 2.21 3.26
C VAL A 73 2.93 2.81 3.04
N LYS A 74 3.15 3.98 3.65
CA LYS A 74 4.44 4.67 3.52
C LYS A 74 5.29 4.46 4.76
N LEU A 75 6.56 4.15 4.55
CA LEU A 75 7.49 3.92 5.66
C LEU A 75 8.70 4.85 5.56
N GLU A 76 9.04 5.48 6.68
CA GLU A 76 10.18 6.39 6.71
C GLU A 76 11.49 5.62 6.82
N ALA A 77 12.25 5.60 5.73
CA ALA A 77 13.53 4.90 5.72
C ALA A 77 14.34 5.19 6.98
N GLU A 78 14.34 6.46 7.39
CA GLU A 78 15.08 6.87 8.58
C GLU A 78 14.29 6.52 9.84
N GLY A 79 12.99 6.32 9.69
CA GLY A 79 12.16 5.98 10.83
C GLY A 79 12.31 4.54 11.25
N VAL A 80 12.08 3.63 10.32
CA VAL A 80 12.18 2.20 10.60
C VAL A 80 13.34 1.57 9.82
N PRO A 81 14.56 1.71 10.36
CA PRO A 81 15.76 1.16 9.75
C PRO A 81 15.80 -0.37 9.80
N GLU A 82 15.11 -0.94 10.79
CA GLU A 82 15.08 -2.39 10.95
C GLU A 82 14.68 -3.07 9.64
N VAL A 83 13.54 -2.64 9.09
CA VAL A 83 13.05 -3.21 7.84
C VAL A 83 13.95 -2.84 6.67
N SER A 84 14.32 -1.56 6.60
CA SER A 84 15.17 -1.07 5.52
C SER A 84 16.35 -2.02 5.29
N GLU A 85 16.94 -2.49 6.38
CA GLU A 85 18.07 -3.41 6.28
C GLU A 85 17.69 -4.68 5.55
N LYS A 86 16.70 -5.40 6.09
CA LYS A 86 16.23 -6.64 5.49
C LYS A 86 16.20 -6.52 3.96
N TYR A 87 15.39 -5.59 3.47
CA TYR A 87 15.26 -5.39 2.03
C TYR A 87 16.43 -4.57 1.49
N GLU A 88 17.19 -3.97 2.40
CA GLU A 88 18.34 -3.15 2.02
C GLU A 88 17.89 -1.93 1.23
N ILE A 89 16.81 -1.31 1.67
CA ILE A 89 16.28 -0.13 1.00
C ILE A 89 17.03 1.13 1.43
N SER A 90 18.14 1.40 0.77
CA SER A 90 18.96 2.57 1.09
C SER A 90 18.86 3.62 -0.02
N SER A 91 17.66 3.78 -0.57
CA SER A 91 17.44 4.74 -1.64
C SER A 91 15.96 5.09 -1.76
N VAL A 92 15.68 6.30 -2.23
CA VAL A 92 14.30 6.75 -2.40
C VAL A 92 14.17 7.67 -3.61
N PRO A 93 12.97 7.67 -4.22
CA PRO A 93 11.85 6.86 -3.76
C PRO A 93 12.07 5.37 -4.00
N THR A 94 11.27 4.54 -3.35
CA THR A 94 11.38 3.09 -3.50
C THR A 94 10.09 2.39 -3.06
N PHE A 95 9.50 1.63 -3.97
CA PHE A 95 8.26 0.90 -3.68
C PHE A 95 8.52 -0.60 -3.61
N LEU A 96 7.73 -1.29 -2.79
CA LEU A 96 7.88 -2.73 -2.63
C LEU A 96 6.51 -3.41 -2.60
N PHE A 97 6.17 -4.09 -3.69
CA PHE A 97 4.90 -4.79 -3.79
C PHE A 97 4.95 -6.13 -3.06
N PHE A 98 4.00 -6.34 -2.16
CA PHE A 98 3.94 -7.58 -1.40
C PHE A 98 2.60 -8.29 -1.60
N LYS A 99 2.66 -9.54 -2.03
CA LYS A 99 1.45 -10.32 -2.26
C LYS A 99 1.41 -11.56 -1.37
N ASN A 100 0.62 -11.50 -0.30
CA ASN A 100 0.51 -12.61 0.63
C ASN A 100 1.77 -12.75 1.48
N SER A 101 2.42 -11.62 1.76
CA SER A 101 3.64 -11.62 2.56
C SER A 101 4.82 -12.13 1.74
N GLN A 102 4.81 -11.84 0.45
CA GLN A 102 5.89 -12.27 -0.43
C GLN A 102 6.10 -11.26 -1.56
N LYS A 103 7.32 -10.74 -1.65
CA LYS A 103 7.67 -9.77 -2.68
C LYS A 103 7.57 -10.39 -4.07
N ILE A 104 6.85 -9.72 -4.96
CA ILE A 104 6.68 -10.20 -6.32
C ILE A 104 7.11 -9.15 -7.34
N ASP A 105 7.09 -7.89 -6.92
CA ASP A 105 7.48 -6.79 -7.80
C ASP A 105 8.15 -5.68 -7.00
N ARG A 106 8.77 -4.74 -7.71
CA ARG A 106 9.45 -3.62 -7.06
C ARG A 106 9.69 -2.48 -8.06
N LEU A 107 9.63 -1.26 -7.57
CA LEU A 107 9.85 -0.08 -8.43
C LEU A 107 10.84 0.87 -7.78
N ASP A 108 12.01 1.01 -8.40
CA ASP A 108 13.05 1.90 -7.89
C ASP A 108 13.15 3.17 -8.74
N GLY A 109 12.88 4.31 -8.12
CA GLY A 109 12.95 5.57 -8.83
C GLY A 109 11.63 6.34 -8.77
N ALA A 110 11.73 7.66 -8.85
CA ALA A 110 10.55 8.51 -8.80
C ALA A 110 9.79 8.50 -10.12
N HIS A 111 8.94 7.49 -10.28
CA HIS A 111 8.15 7.35 -11.52
C HIS A 111 6.67 7.49 -11.22
N ALA A 112 6.06 8.55 -11.73
CA ALA A 112 4.63 8.79 -11.53
C ALA A 112 3.79 7.75 -12.23
N PRO A 113 3.95 7.65 -13.56
CA PRO A 113 3.21 6.68 -14.38
C PRO A 113 3.65 5.25 -14.13
N GLU A 114 4.95 5.01 -14.19
CA GLU A 114 5.50 3.68 -13.96
C GLU A 114 4.89 3.04 -12.71
N LEU A 115 4.69 3.86 -11.68
CA LEU A 115 4.11 3.37 -10.43
C LEU A 115 2.67 2.92 -10.64
N THR A 116 1.83 3.83 -11.14
CA THR A 116 0.43 3.52 -11.38
C THR A 116 0.28 2.21 -12.15
N LYS A 117 0.92 2.12 -13.30
CA LYS A 117 0.86 0.92 -14.12
C LYS A 117 1.03 -0.33 -13.26
N LYS A 118 2.14 -0.41 -12.55
CA LYS A 118 2.43 -1.54 -11.68
C LYS A 118 1.31 -1.76 -10.67
N VAL A 119 0.91 -0.68 -10.01
CA VAL A 119 -0.15 -0.74 -9.01
C VAL A 119 -1.41 -1.37 -9.59
N GLN A 120 -1.79 -0.92 -10.78
CA GLN A 120 -2.99 -1.44 -11.45
C GLN A 120 -2.80 -2.90 -11.84
N ARG A 121 -1.69 -3.18 -12.52
CA ARG A 121 -1.39 -4.54 -12.96
C ARG A 121 -1.60 -5.54 -11.82
N HIS A 122 -0.87 -5.33 -10.72
CA HIS A 122 -0.97 -6.21 -9.56
C HIS A 122 -2.34 -6.10 -8.92
N ALA A 123 -2.82 -4.87 -8.76
CA ALA A 123 -4.13 -4.63 -8.16
C ALA A 123 -5.13 -5.70 -8.57
N SER A 124 -5.07 -6.10 -9.84
CA SER A 124 -5.98 -7.11 -10.35
C SER A 124 -6.14 -8.27 -9.36
N SER A 125 -7.28 -8.30 -8.68
CA SER A 125 -7.55 -9.34 -7.69
C SER A 125 -8.43 -10.43 -8.29
N GLY A 126 -7.87 -11.62 -8.44
CA GLY A 126 -8.63 -12.74 -8.99
C GLY A 126 -9.79 -13.15 -8.11
N PRO A 127 -9.59 -14.20 -7.31
CA PRO A 127 -10.61 -14.73 -6.40
C PRO A 127 -10.89 -13.78 -5.24
N SER A 128 -11.85 -12.87 -5.43
CA SER A 128 -12.21 -11.91 -4.40
C SER A 128 -13.61 -12.18 -3.86
N SER A 129 -13.81 -11.92 -2.58
CA SER A 129 -15.10 -12.14 -1.94
C SER A 129 -16.11 -11.07 -2.37
N GLY A 130 -15.68 -9.81 -2.35
CA GLY A 130 -16.57 -8.73 -2.74
C GLY A 130 -17.54 -8.35 -1.65
N GLY A 1 -56.23 17.12 12.39
CA GLY A 1 -54.85 16.63 12.40
C GLY A 1 -54.74 15.27 13.05
N SER A 2 -54.11 15.23 14.23
CA SER A 2 -53.93 13.97 14.95
C SER A 2 -53.33 12.91 14.04
N SER A 3 -52.35 13.30 13.24
CA SER A 3 -51.69 12.38 12.32
C SER A 3 -50.17 12.43 12.50
N GLY A 4 -49.48 11.45 11.93
CA GLY A 4 -48.04 11.39 12.03
C GLY A 4 -47.43 10.36 11.11
N SER A 5 -46.52 10.81 10.24
CA SER A 5 -45.87 9.92 9.28
C SER A 5 -44.40 9.74 9.64
N SER A 6 -43.94 8.49 9.59
CA SER A 6 -42.56 8.18 9.91
C SER A 6 -42.08 6.95 9.13
N GLY A 7 -41.05 7.14 8.32
CA GLY A 7 -40.52 6.04 7.53
C GLY A 7 -39.08 6.25 7.14
N MET A 8 -38.17 5.51 7.76
CA MET A 8 -36.76 5.63 7.47
C MET A 8 -35.99 4.39 7.94
N ALA A 9 -35.56 3.58 6.98
CA ALA A 9 -34.81 2.36 7.31
C ALA A 9 -33.46 2.35 6.61
N ALA A 10 -32.41 2.16 7.40
CA ALA A 10 -31.05 2.13 6.85
C ALA A 10 -30.04 1.76 7.94
N GLY A 11 -28.97 1.07 7.53
CA GLY A 11 -27.95 0.66 8.47
C GLY A 11 -26.91 -0.23 7.85
N ALA A 12 -25.83 0.37 7.35
CA ALA A 12 -24.75 -0.38 6.72
C ALA A 12 -23.41 0.35 6.86
N ALA A 13 -22.51 -0.23 7.63
CA ALA A 13 -21.19 0.37 7.85
C ALA A 13 -20.13 -0.34 7.01
N GLU A 14 -19.27 0.45 6.37
CA GLU A 14 -18.20 -0.10 5.54
C GLU A 14 -16.84 0.13 6.18
N ALA A 15 -16.20 -0.95 6.61
CA ALA A 15 -14.89 -0.86 7.23
C ALA A 15 -13.77 -0.86 6.19
N ALA A 16 -13.46 0.32 5.67
CA ALA A 16 -12.42 0.46 4.66
C ALA A 16 -12.01 1.91 4.48
N VAL A 17 -10.74 2.21 4.73
CA VAL A 17 -10.23 3.56 4.60
C VAL A 17 -9.41 3.72 3.32
N ALA A 18 -9.64 4.81 2.60
CA ALA A 18 -8.92 5.09 1.36
C ALA A 18 -7.73 6.00 1.60
N ALA A 19 -7.08 5.82 2.75
CA ALA A 19 -5.92 6.63 3.09
C ALA A 19 -4.69 5.76 3.35
N VAL A 20 -3.51 6.33 3.12
CA VAL A 20 -2.26 5.60 3.32
C VAL A 20 -1.93 5.48 4.80
N GLU A 21 -1.40 4.32 5.19
CA GLU A 21 -1.05 4.07 6.59
C GLU A 21 0.43 4.35 6.82
N GLU A 22 0.73 5.05 7.92
CA GLU A 22 2.11 5.36 8.26
C GLU A 22 2.69 4.33 9.23
N VAL A 23 3.84 3.77 8.86
CA VAL A 23 4.49 2.77 9.68
C VAL A 23 5.52 3.41 10.62
N GLY A 24 5.43 3.07 11.90
CA GLY A 24 6.34 3.62 12.88
C GLY A 24 7.49 2.69 13.20
N SER A 25 7.29 1.41 12.92
CA SER A 25 8.32 0.39 13.18
C SER A 25 7.98 -0.91 12.48
N ALA A 26 8.99 -1.79 12.36
CA ALA A 26 8.80 -3.08 11.72
C ALA A 26 7.55 -3.78 12.23
N GLY A 27 7.15 -3.44 13.45
CA GLY A 27 5.97 -4.05 14.04
C GLY A 27 4.72 -3.80 13.23
N GLN A 28 4.47 -2.53 12.91
CA GLN A 28 3.30 -2.16 12.13
C GLN A 28 3.32 -2.83 10.76
N PHE A 29 4.46 -2.74 10.09
CA PHE A 29 4.62 -3.34 8.77
C PHE A 29 4.53 -4.86 8.83
N GLU A 30 5.49 -5.48 9.52
CA GLU A 30 5.53 -6.93 9.66
C GLU A 30 4.15 -7.46 10.05
N GLU A 31 3.36 -6.62 10.70
CA GLU A 31 2.02 -7.01 11.12
C GLU A 31 1.02 -6.86 9.98
N LEU A 32 1.04 -5.69 9.34
CA LEU A 32 0.13 -5.41 8.23
C LEU A 32 0.35 -6.39 7.08
N LEU A 33 1.49 -7.08 7.10
CA LEU A 33 1.82 -8.05 6.07
C LEU A 33 0.82 -9.20 6.06
N ARG A 34 0.48 -9.69 7.25
CA ARG A 34 -0.46 -10.79 7.39
C ARG A 34 -1.90 -10.28 7.29
N LEU A 35 -2.16 -9.12 7.88
CA LEU A 35 -3.49 -8.54 7.86
C LEU A 35 -3.94 -8.25 6.43
N LYS A 36 -3.10 -7.54 5.68
CA LYS A 36 -3.40 -7.21 4.30
C LYS A 36 -2.77 -8.21 3.34
N ALA A 37 -2.54 -9.42 3.82
CA ALA A 37 -1.94 -10.47 3.01
C ALA A 37 -2.74 -10.73 1.75
N LYS A 38 -4.04 -10.95 1.92
CA LYS A 38 -4.93 -11.21 0.80
C LYS A 38 -4.95 -10.02 -0.16
N SER A 39 -5.02 -8.82 0.40
CA SER A 39 -5.06 -7.60 -0.41
C SER A 39 -3.66 -7.25 -0.91
N LEU A 40 -3.60 -6.45 -1.98
CA LEU A 40 -2.33 -6.04 -2.56
C LEU A 40 -1.71 -4.91 -1.76
N LEU A 41 -0.55 -5.19 -1.17
CA LEU A 41 0.15 -4.18 -0.37
C LEU A 41 1.22 -3.48 -1.20
N VAL A 42 1.36 -2.18 -0.98
CA VAL A 42 2.35 -1.39 -1.71
C VAL A 42 3.16 -0.51 -0.76
N VAL A 43 4.40 -0.92 -0.49
CA VAL A 43 5.27 -0.17 0.39
C VAL A 43 6.02 0.93 -0.35
N HIS A 44 5.94 2.15 0.16
CA HIS A 44 6.60 3.29 -0.46
C HIS A 44 7.64 3.90 0.48
N PHE A 45 8.87 4.03 0.00
CA PHE A 45 9.94 4.60 0.81
C PHE A 45 10.02 6.11 0.63
N TRP A 46 9.79 6.84 1.71
CA TRP A 46 9.83 8.30 1.66
C TRP A 46 10.81 8.85 2.69
N ALA A 47 11.56 9.87 2.31
CA ALA A 47 12.52 10.49 3.20
C ALA A 47 12.24 11.98 3.38
N PRO A 48 12.47 12.48 4.59
CA PRO A 48 12.25 13.90 4.92
C PRO A 48 13.27 14.82 4.24
N TRP A 49 14.26 14.21 3.60
CA TRP A 49 15.30 14.97 2.92
C TRP A 49 15.11 14.93 1.41
N ALA A 50 14.74 13.75 0.90
CA ALA A 50 14.51 13.58 -0.54
C ALA A 50 13.24 14.27 -0.98
N PRO A 51 13.39 15.30 -1.84
CA PRO A 51 12.25 16.07 -2.35
C PRO A 51 11.40 15.26 -3.32
N GLN A 52 11.87 14.06 -3.66
CA GLN A 52 11.15 13.20 -4.58
C GLN A 52 9.93 12.57 -3.90
N CYS A 53 10.17 11.80 -2.85
CA CYS A 53 9.09 11.15 -2.12
C CYS A 53 7.87 12.06 -2.01
N ALA A 54 8.13 13.36 -1.91
CA ALA A 54 7.06 14.35 -1.80
C ALA A 54 6.05 14.19 -2.94
N GLN A 55 6.48 14.55 -4.15
CA GLN A 55 5.61 14.45 -5.32
C GLN A 55 5.03 13.05 -5.45
N MET A 56 5.80 12.05 -5.01
CA MET A 56 5.36 10.66 -5.08
C MET A 56 4.26 10.39 -4.06
N ASN A 57 4.35 11.04 -2.90
CA ASN A 57 3.37 10.87 -1.84
C ASN A 57 1.98 11.25 -2.32
N GLU A 58 1.88 12.40 -2.98
CA GLU A 58 0.60 12.88 -3.50
C GLU A 58 -0.04 11.84 -4.41
N VAL A 59 0.69 11.46 -5.46
CA VAL A 59 0.19 10.47 -6.42
C VAL A 59 -0.46 9.29 -5.70
N MET A 60 0.23 8.77 -4.69
CA MET A 60 -0.28 7.63 -3.92
C MET A 60 -1.73 7.90 -3.48
N ALA A 61 -1.91 8.90 -2.62
CA ALA A 61 -3.22 9.24 -2.12
C ALA A 61 -4.29 9.03 -3.19
N GLU A 62 -4.08 9.63 -4.35
CA GLU A 62 -5.04 9.51 -5.45
C GLU A 62 -5.34 8.04 -5.75
N LEU A 63 -4.29 7.23 -5.81
CA LEU A 63 -4.43 5.80 -6.07
C LEU A 63 -5.21 5.11 -4.96
N ALA A 64 -4.85 5.43 -3.71
CA ALA A 64 -5.51 4.84 -2.56
C ALA A 64 -7.02 4.89 -2.70
N LYS A 65 -7.56 6.08 -2.94
CA LYS A 65 -8.99 6.26 -3.11
C LYS A 65 -9.48 5.59 -4.39
N GLU A 66 -8.71 5.76 -5.46
CA GLU A 66 -9.06 5.17 -6.75
C GLU A 66 -9.02 3.65 -6.69
N LEU A 67 -8.27 3.12 -5.72
CA LEU A 67 -8.15 1.68 -5.55
C LEU A 67 -8.34 1.28 -4.09
N PRO A 68 -9.61 1.02 -3.71
CA PRO A 68 -9.95 0.62 -2.35
C PRO A 68 -9.46 -0.77 -2.01
N GLN A 69 -9.53 -1.68 -2.97
CA GLN A 69 -9.09 -3.05 -2.78
C GLN A 69 -7.58 -3.12 -2.58
N VAL A 70 -6.92 -1.98 -2.75
CA VAL A 70 -5.47 -1.90 -2.59
C VAL A 70 -5.10 -1.24 -1.27
N SER A 71 -4.00 -1.70 -0.67
CA SER A 71 -3.54 -1.15 0.59
C SER A 71 -2.19 -0.45 0.43
N PHE A 72 -2.21 0.88 0.46
CA PHE A 72 -0.99 1.67 0.32
C PHE A 72 -0.40 2.01 1.68
N VAL A 73 0.91 1.78 1.82
CA VAL A 73 1.60 2.06 3.07
C VAL A 73 2.99 2.65 2.81
N LYS A 74 3.31 3.74 3.49
CA LYS A 74 4.61 4.38 3.34
C LYS A 74 5.50 4.09 4.54
N LEU A 75 6.82 4.13 4.31
CA LEU A 75 7.78 3.88 5.37
C LEU A 75 9.00 4.78 5.23
N GLU A 76 9.39 5.42 6.32
CA GLU A 76 10.53 6.32 6.32
C GLU A 76 11.83 5.53 6.53
N ALA A 77 12.62 5.41 5.47
CA ALA A 77 13.89 4.69 5.54
C ALA A 77 14.73 5.16 6.73
N GLU A 78 14.72 6.46 6.98
CA GLU A 78 15.47 7.03 8.08
C GLU A 78 14.74 6.85 9.40
N GLY A 79 13.44 6.58 9.32
CA GLY A 79 12.64 6.38 10.51
C GLY A 79 12.67 4.94 10.99
N VAL A 80 12.22 4.02 10.15
CA VAL A 80 12.20 2.60 10.50
C VAL A 80 13.27 1.83 9.73
N PRO A 81 14.51 1.89 10.24
CA PRO A 81 15.65 1.20 9.62
C PRO A 81 15.55 -0.31 9.75
N GLU A 82 14.84 -0.77 10.78
CA GLU A 82 14.67 -2.20 11.02
C GLU A 82 14.20 -2.91 9.76
N VAL A 83 13.24 -2.28 9.07
CA VAL A 83 12.70 -2.86 7.84
C VAL A 83 13.63 -2.63 6.66
N SER A 84 13.98 -1.37 6.43
CA SER A 84 14.87 -1.01 5.33
C SER A 84 16.07 -1.97 5.27
N GLU A 85 16.63 -2.26 6.43
CA GLU A 85 17.79 -3.16 6.51
C GLU A 85 17.48 -4.50 5.86
N LYS A 86 16.46 -5.18 6.39
CA LYS A 86 16.06 -6.48 5.86
C LYS A 86 16.20 -6.52 4.34
N TYR A 87 15.43 -5.69 3.66
CA TYR A 87 15.47 -5.62 2.20
C TYR A 87 16.68 -4.83 1.73
N GLU A 88 17.35 -4.17 2.66
CA GLU A 88 18.54 -3.39 2.33
C GLU A 88 18.18 -2.24 1.38
N ILE A 89 17.05 -1.58 1.66
CA ILE A 89 16.59 -0.47 0.83
C ILE A 89 17.39 0.80 1.13
N SER A 90 18.54 0.93 0.49
CA SER A 90 19.40 2.10 0.68
C SER A 90 19.28 3.07 -0.48
N SER A 91 18.05 3.24 -0.98
CA SER A 91 17.79 4.14 -2.09
C SER A 91 16.33 4.59 -2.11
N VAL A 92 16.12 5.87 -2.36
CA VAL A 92 14.77 6.43 -2.40
C VAL A 92 14.66 7.53 -3.45
N PRO A 93 13.44 7.72 -3.99
CA PRO A 93 12.27 6.94 -3.58
C PRO A 93 12.35 5.50 -4.06
N THR A 94 11.57 4.62 -3.43
CA THR A 94 11.55 3.21 -3.80
C THR A 94 10.28 2.53 -3.30
N PHE A 95 9.65 1.76 -4.18
CA PHE A 95 8.42 1.06 -3.84
C PHE A 95 8.65 -0.44 -3.76
N LEU A 96 7.81 -1.14 -3.00
CA LEU A 96 7.93 -2.58 -2.85
C LEU A 96 6.55 -3.22 -2.68
N PHE A 97 6.10 -3.92 -3.73
CA PHE A 97 4.80 -4.58 -3.69
C PHE A 97 4.90 -5.91 -2.96
N PHE A 98 4.06 -6.07 -1.93
CA PHE A 98 4.05 -7.30 -1.14
C PHE A 98 2.71 -8.01 -1.27
N LYS A 99 2.72 -9.17 -1.92
CA LYS A 99 1.50 -9.94 -2.11
C LYS A 99 1.50 -11.19 -1.22
N ASN A 100 0.62 -11.19 -0.22
CA ASN A 100 0.53 -12.32 0.70
C ASN A 100 1.82 -12.49 1.49
N SER A 101 2.41 -11.38 1.90
CA SER A 101 3.65 -11.41 2.66
C SER A 101 4.79 -12.00 1.83
N GLN A 102 4.77 -11.70 0.53
CA GLN A 102 5.79 -12.21 -0.38
C GLN A 102 6.03 -11.23 -1.53
N LYS A 103 7.23 -10.66 -1.58
CA LYS A 103 7.58 -9.70 -2.62
C LYS A 103 7.40 -10.33 -4.00
N ILE A 104 6.62 -9.69 -4.85
CA ILE A 104 6.37 -10.18 -6.20
C ILE A 104 6.86 -9.19 -7.25
N ASP A 105 6.84 -7.90 -6.90
CA ASP A 105 7.30 -6.86 -7.81
C ASP A 105 7.87 -5.68 -7.03
N ARG A 106 8.74 -4.91 -7.68
CA ARG A 106 9.37 -3.76 -7.06
C ARG A 106 9.69 -2.68 -8.09
N LEU A 107 9.51 -1.43 -7.71
CA LEU A 107 9.78 -0.30 -8.60
C LEU A 107 10.93 0.55 -8.07
N ASP A 108 11.92 0.79 -8.92
CA ASP A 108 13.08 1.60 -8.53
C ASP A 108 13.05 2.95 -9.24
N GLY A 109 13.32 4.01 -8.48
CA GLY A 109 13.32 5.35 -9.05
C GLY A 109 11.95 6.00 -9.00
N ALA A 110 11.93 7.30 -8.76
CA ALA A 110 10.67 8.04 -8.68
C ALA A 110 9.98 8.08 -10.04
N HIS A 111 8.89 7.34 -10.17
CA HIS A 111 8.14 7.29 -11.42
C HIS A 111 6.65 7.42 -11.15
N ALA A 112 6.03 8.46 -11.72
CA ALA A 112 4.60 8.70 -11.54
C ALA A 112 3.78 7.63 -12.24
N PRO A 113 3.95 7.52 -13.57
CA PRO A 113 3.24 6.54 -14.39
C PRO A 113 3.68 5.11 -14.11
N GLU A 114 4.99 4.89 -14.15
CA GLU A 114 5.56 3.56 -13.90
C GLU A 114 4.93 2.93 -12.66
N LEU A 115 4.65 3.76 -11.66
CA LEU A 115 4.05 3.28 -10.42
C LEU A 115 2.62 2.80 -10.66
N THR A 116 1.77 3.69 -11.17
CA THR A 116 0.38 3.36 -11.44
C THR A 116 0.28 2.05 -12.21
N LYS A 117 1.10 1.90 -13.24
CA LYS A 117 1.10 0.69 -14.06
C LYS A 117 1.25 -0.55 -13.20
N LYS A 118 2.34 -0.62 -12.45
CA LYS A 118 2.61 -1.75 -11.57
C LYS A 118 1.47 -1.95 -10.58
N VAL A 119 0.91 -0.84 -10.09
CA VAL A 119 -0.18 -0.90 -9.14
C VAL A 119 -1.41 -1.56 -9.74
N GLN A 120 -1.80 -1.09 -10.92
CA GLN A 120 -2.96 -1.63 -11.61
C GLN A 120 -2.74 -3.09 -12.00
N ARG A 121 -1.59 -3.36 -12.62
CA ARG A 121 -1.25 -4.71 -13.05
C ARG A 121 -1.48 -5.71 -11.92
N HIS A 122 -0.83 -5.49 -10.79
CA HIS A 122 -0.97 -6.37 -9.64
C HIS A 122 -2.37 -6.24 -9.03
N ALA A 123 -2.81 -5.01 -8.82
CA ALA A 123 -4.13 -4.76 -8.24
C ALA A 123 -5.16 -5.74 -8.80
N SER A 124 -5.14 -5.94 -10.11
CA SER A 124 -6.07 -6.85 -10.76
C SER A 124 -5.56 -7.26 -12.14
N SER A 125 -5.99 -8.44 -12.59
CA SER A 125 -5.57 -8.94 -13.89
C SER A 125 -6.67 -8.77 -14.93
N GLY A 126 -6.31 -8.87 -16.20
CA GLY A 126 -7.28 -8.72 -17.26
C GLY A 126 -8.13 -9.95 -17.46
N PRO A 127 -8.69 -10.11 -18.67
CA PRO A 127 -9.55 -11.25 -19.01
C PRO A 127 -8.75 -12.55 -19.10
N SER A 128 -9.01 -13.47 -18.17
CA SER A 128 -8.32 -14.75 -18.15
C SER A 128 -8.59 -15.53 -19.43
N SER A 129 -7.55 -16.15 -19.98
CA SER A 129 -7.67 -16.93 -21.20
C SER A 129 -6.95 -18.26 -21.07
N GLY A 130 -7.69 -19.31 -20.74
CA GLY A 130 -7.10 -20.63 -20.61
C GLY A 130 -5.98 -20.65 -19.59
N GLY A 1 -54.64 -9.69 -12.74
CA GLY A 1 -53.94 -10.77 -13.40
C GLY A 1 -52.44 -10.67 -13.29
N SER A 2 -51.91 -9.51 -13.66
CA SER A 2 -50.47 -9.27 -13.60
C SER A 2 -50.12 -8.31 -12.47
N SER A 3 -49.21 -8.75 -11.59
CA SER A 3 -48.79 -7.93 -10.46
C SER A 3 -47.28 -7.71 -10.49
N GLY A 4 -46.88 -6.44 -10.50
CA GLY A 4 -45.47 -6.10 -10.53
C GLY A 4 -45.18 -4.75 -9.90
N SER A 5 -43.93 -4.54 -9.52
CA SER A 5 -43.52 -3.28 -8.89
C SER A 5 -42.01 -3.10 -8.97
N SER A 6 -41.56 -1.85 -8.87
CA SER A 6 -40.14 -1.54 -8.95
C SER A 6 -39.72 -0.68 -7.75
N GLY A 7 -38.48 -0.89 -7.30
CA GLY A 7 -37.97 -0.13 -6.16
C GLY A 7 -36.48 0.11 -6.25
N MET A 8 -35.70 -0.97 -6.29
CA MET A 8 -34.25 -0.87 -6.38
C MET A 8 -33.75 0.33 -5.58
N ALA A 9 -34.31 0.52 -4.39
CA ALA A 9 -33.90 1.62 -3.52
C ALA A 9 -33.43 1.11 -2.17
N ALA A 10 -32.64 0.04 -2.19
CA ALA A 10 -32.12 -0.55 -0.96
C ALA A 10 -30.59 -0.67 -1.02
N GLY A 11 -29.91 0.37 -0.56
CA GLY A 11 -28.46 0.36 -0.59
C GLY A 11 -27.86 1.63 0.00
N ALA A 12 -26.88 1.47 0.88
CA ALA A 12 -26.23 2.61 1.51
C ALA A 12 -24.73 2.61 1.23
N ALA A 13 -24.21 3.76 0.81
CA ALA A 13 -22.79 3.90 0.50
C ALA A 13 -21.94 3.75 1.76
N GLU A 14 -21.16 2.68 1.82
CA GLU A 14 -20.30 2.42 2.97
C GLU A 14 -19.17 3.45 3.05
N ALA A 15 -18.85 3.87 4.27
CA ALA A 15 -17.79 4.84 4.48
C ALA A 15 -16.42 4.17 4.48
N ALA A 16 -15.69 4.33 3.38
CA ALA A 16 -14.36 3.74 3.25
C ALA A 16 -13.29 4.82 3.23
N VAL A 17 -12.16 4.53 3.87
CA VAL A 17 -11.05 5.47 3.93
C VAL A 17 -9.99 5.16 2.89
N ALA A 18 -9.56 6.18 2.15
CA ALA A 18 -8.55 6.01 1.11
C ALA A 18 -7.33 6.87 1.39
N ALA A 19 -6.82 6.78 2.62
CA ALA A 19 -5.65 7.55 3.01
C ALA A 19 -4.44 6.65 3.23
N VAL A 20 -3.25 7.20 3.06
CA VAL A 20 -2.02 6.44 3.23
C VAL A 20 -1.65 6.32 4.71
N GLU A 21 -1.27 5.11 5.12
CA GLU A 21 -0.89 4.86 6.51
C GLU A 21 0.58 5.14 6.73
N GLU A 22 0.93 5.56 7.96
CA GLU A 22 2.31 5.86 8.30
C GLU A 22 2.91 4.76 9.16
N VAL A 23 3.89 4.05 8.61
CA VAL A 23 4.55 2.96 9.32
C VAL A 23 5.88 3.41 9.90
N GLY A 24 5.95 3.50 11.22
CA GLY A 24 7.17 3.93 11.88
C GLY A 24 7.74 2.86 12.79
N SER A 25 7.61 1.60 12.37
CA SER A 25 8.12 0.49 13.17
C SER A 25 7.97 -0.83 12.41
N ALA A 26 8.97 -1.70 12.55
CA ALA A 26 8.96 -2.99 11.88
C ALA A 26 7.72 -3.80 12.25
N GLY A 27 7.42 -3.84 13.55
CA GLY A 27 6.27 -4.57 14.02
C GLY A 27 4.99 -4.19 13.29
N GLN A 28 4.78 -2.88 13.13
CA GLN A 28 3.59 -2.38 12.45
C GLN A 28 3.50 -2.93 11.03
N PHE A 29 4.58 -2.75 10.26
CA PHE A 29 4.62 -3.23 8.89
C PHE A 29 4.49 -4.75 8.83
N GLU A 30 5.46 -5.43 9.44
CA GLU A 30 5.45 -6.90 9.46
C GLU A 30 4.10 -7.43 9.92
N GLU A 31 3.49 -6.74 10.87
CA GLU A 31 2.19 -7.14 11.39
C GLU A 31 1.10 -6.98 10.34
N LEU A 32 1.04 -5.81 9.73
CA LEU A 32 0.05 -5.53 8.70
C LEU A 32 0.14 -6.55 7.56
N LEU A 33 1.37 -6.83 7.12
CA LEU A 33 1.60 -7.78 6.04
C LEU A 33 0.61 -8.93 6.12
N ARG A 34 0.41 -9.46 7.33
CA ARG A 34 -0.50 -10.57 7.54
C ARG A 34 -1.93 -10.17 7.19
N LEU A 35 -2.47 -9.18 7.90
CA LEU A 35 -3.82 -8.70 7.65
C LEU A 35 -4.04 -8.41 6.18
N LYS A 36 -3.14 -7.63 5.60
CA LYS A 36 -3.22 -7.28 4.18
C LYS A 36 -2.49 -8.29 3.32
N ALA A 37 -2.63 -9.57 3.66
CA ALA A 37 -1.98 -10.63 2.91
C ALA A 37 -2.74 -10.95 1.63
N LYS A 38 -4.06 -11.14 1.75
CA LYS A 38 -4.90 -11.44 0.60
C LYS A 38 -4.88 -10.29 -0.41
N SER A 39 -5.07 -9.07 0.09
CA SER A 39 -5.07 -7.89 -0.76
C SER A 39 -3.67 -7.55 -1.23
N LEU A 40 -3.57 -6.61 -2.17
CA LEU A 40 -2.28 -6.19 -2.70
C LEU A 40 -1.70 -5.04 -1.89
N LEU A 41 -0.57 -5.30 -1.22
CA LEU A 41 0.08 -4.28 -0.41
C LEU A 41 1.12 -3.52 -1.22
N VAL A 42 1.25 -2.23 -0.94
CA VAL A 42 2.22 -1.39 -1.64
C VAL A 42 2.98 -0.50 -0.66
N VAL A 43 4.25 -0.82 -0.44
CA VAL A 43 5.09 -0.05 0.47
C VAL A 43 5.84 1.05 -0.28
N HIS A 44 5.88 2.23 0.32
CA HIS A 44 6.56 3.37 -0.29
C HIS A 44 7.62 3.93 0.66
N PHE A 45 8.84 4.05 0.16
CA PHE A 45 9.95 4.58 0.96
C PHE A 45 10.06 6.09 0.80
N TRP A 46 9.76 6.81 1.88
CA TRP A 46 9.84 8.27 1.86
C TRP A 46 10.93 8.78 2.80
N ALA A 47 11.72 9.72 2.32
CA ALA A 47 12.80 10.30 3.12
C ALA A 47 12.54 11.77 3.42
N PRO A 48 12.89 12.19 4.65
CA PRO A 48 12.70 13.59 5.08
C PRO A 48 13.65 14.54 4.37
N TRP A 49 14.44 14.02 3.45
CA TRP A 49 15.40 14.82 2.69
C TRP A 49 15.11 14.76 1.19
N ALA A 50 14.83 13.56 0.71
CA ALA A 50 14.54 13.36 -0.71
C ALA A 50 13.23 14.05 -1.09
N PRO A 51 13.35 15.12 -1.90
CA PRO A 51 12.19 15.89 -2.37
C PRO A 51 11.33 15.11 -3.35
N GLN A 52 11.74 13.88 -3.66
CA GLN A 52 11.01 13.04 -4.58
C GLN A 52 9.82 12.37 -3.89
N CYS A 53 10.05 11.87 -2.68
CA CYS A 53 9.01 11.21 -1.92
C CYS A 53 7.77 12.10 -1.80
N ALA A 54 7.96 13.40 -2.02
CA ALA A 54 6.86 14.35 -1.95
C ALA A 54 5.86 14.13 -3.07
N GLN A 55 6.28 14.43 -4.29
CA GLN A 55 5.41 14.27 -5.46
C GLN A 55 4.84 12.85 -5.52
N MET A 56 5.66 11.87 -5.15
CA MET A 56 5.23 10.48 -5.15
C MET A 56 4.12 10.24 -4.14
N ASN A 57 4.31 10.76 -2.93
CA ASN A 57 3.32 10.61 -1.87
C ASN A 57 1.96 11.10 -2.32
N GLU A 58 1.94 12.24 -3.01
CA GLU A 58 0.70 12.81 -3.50
C GLU A 58 0.00 11.86 -4.46
N VAL A 59 0.75 11.34 -5.42
CA VAL A 59 0.19 10.41 -6.40
C VAL A 59 -0.50 9.23 -5.71
N MET A 60 0.17 8.65 -4.73
CA MET A 60 -0.38 7.52 -3.99
C MET A 60 -1.81 7.81 -3.54
N ALA A 61 -1.96 8.85 -2.72
CA ALA A 61 -3.28 9.24 -2.22
C ALA A 61 -4.33 9.16 -3.32
N GLU A 62 -4.03 9.78 -4.46
CA GLU A 62 -4.96 9.79 -5.59
C GLU A 62 -5.31 8.36 -6.01
N LEU A 63 -4.37 7.44 -5.83
CA LEU A 63 -4.58 6.05 -6.20
C LEU A 63 -5.38 5.33 -5.11
N ALA A 64 -5.04 5.59 -3.86
CA ALA A 64 -5.73 4.96 -2.73
C ALA A 64 -7.22 4.84 -3.00
N LYS A 65 -7.89 5.98 -3.16
CA LYS A 65 -9.32 6.00 -3.42
C LYS A 65 -9.64 5.32 -4.75
N GLU A 66 -8.83 5.61 -5.77
CA GLU A 66 -9.03 5.02 -7.09
C GLU A 66 -9.12 3.50 -7.00
N LEU A 67 -8.32 2.92 -6.12
CA LEU A 67 -8.31 1.47 -5.94
C LEU A 67 -8.51 1.10 -4.47
N PRO A 68 -9.78 0.90 -4.08
CA PRO A 68 -10.13 0.54 -2.71
C PRO A 68 -9.70 -0.88 -2.35
N GLN A 69 -9.36 -1.66 -3.36
CA GLN A 69 -8.92 -3.03 -3.15
C GLN A 69 -7.41 -3.11 -2.97
N VAL A 70 -6.80 -1.97 -2.68
CA VAL A 70 -5.36 -1.90 -2.49
C VAL A 70 -5.01 -1.20 -1.18
N SER A 71 -3.83 -1.50 -0.65
CA SER A 71 -3.38 -0.90 0.60
C SER A 71 -2.07 -0.14 0.41
N PHE A 72 -2.13 1.17 0.47
CA PHE A 72 -0.95 2.01 0.29
C PHE A 72 -0.35 2.40 1.65
N VAL A 73 0.84 1.88 1.92
CA VAL A 73 1.52 2.16 3.18
C VAL A 73 2.90 2.77 2.94
N LYS A 74 3.15 3.92 3.58
CA LYS A 74 4.42 4.61 3.43
C LYS A 74 5.28 4.45 4.68
N LEU A 75 6.55 4.15 4.48
CA LEU A 75 7.48 3.98 5.60
C LEU A 75 8.74 4.81 5.40
N GLU A 76 9.18 5.47 6.47
CA GLU A 76 10.37 6.32 6.42
C GLU A 76 11.63 5.48 6.61
N ALA A 77 12.45 5.41 5.57
CA ALA A 77 13.69 4.64 5.61
C ALA A 77 14.43 4.90 6.91
N GLU A 78 14.68 6.18 7.21
CA GLU A 78 15.39 6.56 8.42
C GLU A 78 14.54 6.28 9.67
N GLY A 79 13.23 6.16 9.45
CA GLY A 79 12.33 5.90 10.57
C GLY A 79 12.36 4.44 11.01
N VAL A 80 12.31 3.53 10.03
CA VAL A 80 12.32 2.11 10.31
C VAL A 80 13.53 1.43 9.66
N PRO A 81 14.68 1.51 10.34
CA PRO A 81 15.93 0.90 9.85
C PRO A 81 15.89 -0.62 9.90
N GLU A 82 15.09 -1.16 10.81
CA GLU A 82 14.97 -2.61 10.95
C GLU A 82 14.56 -3.26 9.63
N VAL A 83 13.50 -2.73 9.02
CA VAL A 83 13.00 -3.25 7.76
C VAL A 83 13.94 -2.89 6.61
N SER A 84 14.25 -1.60 6.49
CA SER A 84 15.12 -1.13 5.42
C SER A 84 16.37 -2.02 5.31
N GLU A 85 16.89 -2.44 6.46
CA GLU A 85 18.07 -3.29 6.50
C GLU A 85 17.81 -4.62 5.80
N LYS A 86 16.78 -5.33 6.28
CA LYS A 86 16.41 -6.63 5.70
C LYS A 86 16.41 -6.55 4.17
N TYR A 87 15.60 -5.67 3.62
CA TYR A 87 15.49 -5.51 2.18
C TYR A 87 16.67 -4.70 1.64
N GLU A 88 17.40 -4.07 2.54
CA GLU A 88 18.56 -3.25 2.16
C GLU A 88 18.13 -2.10 1.27
N ILE A 89 17.01 -1.46 1.63
CA ILE A 89 16.50 -0.33 0.87
C ILE A 89 17.28 0.95 1.18
N SER A 90 18.41 1.12 0.50
CA SER A 90 19.25 2.29 0.70
C SER A 90 19.09 3.28 -0.45
N SER A 91 17.86 3.43 -0.92
CA SER A 91 17.57 4.34 -2.02
C SER A 91 16.10 4.74 -2.03
N VAL A 92 15.84 6.01 -2.29
CA VAL A 92 14.47 6.53 -2.33
C VAL A 92 14.31 7.61 -3.39
N PRO A 93 13.09 7.73 -3.94
CA PRO A 93 11.96 6.88 -3.54
C PRO A 93 12.13 5.43 -4.00
N THR A 94 11.38 4.54 -3.39
CA THR A 94 11.45 3.12 -3.72
C THR A 94 10.21 2.38 -3.25
N PHE A 95 9.45 1.83 -4.18
CA PHE A 95 8.23 1.08 -3.85
C PHE A 95 8.51 -0.41 -3.77
N LEU A 96 7.74 -1.10 -2.93
CA LEU A 96 7.90 -2.54 -2.75
C LEU A 96 6.55 -3.24 -2.71
N PHE A 97 6.22 -3.96 -3.78
CA PHE A 97 4.96 -4.68 -3.86
C PHE A 97 5.03 -5.99 -3.07
N PHE A 98 4.09 -6.16 -2.15
CA PHE A 98 4.04 -7.37 -1.33
C PHE A 98 2.69 -8.07 -1.46
N LYS A 99 2.72 -9.31 -1.95
CA LYS A 99 1.51 -10.09 -2.13
C LYS A 99 1.51 -11.32 -1.23
N ASN A 100 0.56 -11.37 -0.30
CA ASN A 100 0.46 -12.50 0.61
C ASN A 100 1.75 -12.69 1.39
N SER A 101 2.33 -11.58 1.83
CA SER A 101 3.59 -11.62 2.59
C SER A 101 4.72 -12.18 1.74
N GLN A 102 4.72 -11.82 0.46
CA GLN A 102 5.75 -12.29 -0.46
C GLN A 102 5.97 -11.28 -1.59
N LYS A 103 7.09 -10.59 -1.54
CA LYS A 103 7.42 -9.59 -2.57
C LYS A 103 7.41 -10.22 -3.96
N ILE A 104 6.57 -9.68 -4.83
CA ILE A 104 6.47 -10.20 -6.20
C ILE A 104 6.97 -9.16 -7.21
N ASP A 105 6.88 -7.90 -6.83
CA ASP A 105 7.32 -6.80 -7.70
C ASP A 105 8.03 -5.72 -6.90
N ARG A 106 8.68 -4.80 -7.61
CA ARG A 106 9.40 -3.72 -6.96
C ARG A 106 9.70 -2.59 -7.96
N LEU A 107 9.55 -1.36 -7.50
CA LEU A 107 9.81 -0.20 -8.36
C LEU A 107 10.79 0.77 -7.69
N ASP A 108 11.85 1.10 -8.41
CA ASP A 108 12.86 2.03 -7.88
C ASP A 108 12.90 3.31 -8.70
N GLY A 109 12.96 4.45 -8.01
CA GLY A 109 13.01 5.72 -8.70
C GLY A 109 11.65 6.41 -8.75
N ALA A 110 11.65 7.72 -8.60
CA ALA A 110 10.42 8.49 -8.63
C ALA A 110 9.72 8.37 -9.98
N HIS A 111 8.78 7.43 -10.08
CA HIS A 111 8.06 7.21 -11.32
C HIS A 111 6.55 7.37 -11.09
N ALA A 112 5.98 8.42 -11.66
CA ALA A 112 4.55 8.68 -11.53
C ALA A 112 3.73 7.65 -12.29
N PRO A 113 3.96 7.58 -13.62
CA PRO A 113 3.26 6.64 -14.49
C PRO A 113 3.66 5.20 -14.24
N GLU A 114 4.97 4.95 -14.24
CA GLU A 114 5.48 3.60 -14.00
C GLU A 114 4.83 2.97 -12.79
N LEU A 115 4.72 3.74 -11.71
CA LEU A 115 4.11 3.23 -10.48
C LEU A 115 2.70 2.70 -10.74
N THR A 116 1.84 3.55 -11.28
CA THR A 116 0.47 3.17 -11.58
C THR A 116 0.42 1.82 -12.30
N LYS A 117 1.00 1.77 -13.49
CA LYS A 117 1.03 0.54 -14.27
C LYS A 117 1.19 -0.67 -13.38
N LYS A 118 2.31 -0.74 -12.66
CA LYS A 118 2.58 -1.85 -11.76
C LYS A 118 1.45 -2.02 -10.75
N VAL A 119 1.09 -0.93 -10.07
CA VAL A 119 0.03 -0.97 -9.08
C VAL A 119 -1.22 -1.64 -9.65
N GLN A 120 -1.81 -1.03 -10.66
CA GLN A 120 -3.02 -1.57 -11.29
C GLN A 120 -2.78 -3.00 -11.76
N ARG A 121 -1.71 -3.19 -12.52
CA ARG A 121 -1.39 -4.51 -13.04
C ARG A 121 -1.49 -5.57 -11.95
N HIS A 122 -0.79 -5.34 -10.85
CA HIS A 122 -0.81 -6.28 -9.72
C HIS A 122 -2.15 -6.24 -9.00
N ALA A 123 -2.85 -5.11 -9.12
CA ALA A 123 -4.16 -4.95 -8.49
C ALA A 123 -5.27 -5.48 -9.38
N SER A 124 -4.92 -6.35 -10.32
CA SER A 124 -5.89 -6.93 -11.24
C SER A 124 -6.17 -8.39 -10.90
N SER A 125 -6.34 -8.66 -9.61
CA SER A 125 -6.61 -10.02 -9.15
C SER A 125 -8.05 -10.15 -8.65
N GLY A 126 -8.62 -11.34 -8.81
CA GLY A 126 -9.98 -11.56 -8.37
C GLY A 126 -10.99 -10.69 -9.09
N PRO A 127 -11.60 -9.75 -8.36
CA PRO A 127 -12.58 -8.83 -8.93
C PRO A 127 -11.97 -7.83 -9.89
N SER A 128 -12.76 -7.35 -10.84
CA SER A 128 -12.29 -6.39 -11.84
C SER A 128 -13.23 -5.18 -11.91
N SER A 129 -12.74 -4.03 -11.45
CA SER A 129 -13.53 -2.82 -11.46
C SER A 129 -12.65 -1.59 -11.21
N GLY A 130 -12.54 -0.74 -12.24
CA GLY A 130 -11.72 0.45 -12.11
C GLY A 130 -11.74 1.30 -13.36
N GLY A 1 -42.40 -14.82 17.45
CA GLY A 1 -42.37 -14.71 16.01
C GLY A 1 -41.07 -15.25 15.43
N SER A 2 -40.94 -16.58 15.41
CA SER A 2 -39.75 -17.22 14.89
C SER A 2 -39.94 -17.62 13.42
N SER A 3 -39.64 -16.68 12.52
CA SER A 3 -39.80 -16.93 11.09
C SER A 3 -38.92 -15.98 10.28
N GLY A 4 -38.21 -16.53 9.30
CA GLY A 4 -37.34 -15.71 8.46
C GLY A 4 -38.05 -14.52 7.87
N SER A 5 -37.40 -13.36 7.89
CA SER A 5 -37.98 -12.14 7.34
C SER A 5 -37.81 -12.07 5.84
N SER A 6 -38.61 -11.24 5.19
CA SER A 6 -38.54 -11.08 3.74
C SER A 6 -37.98 -9.72 3.37
N GLY A 7 -36.69 -9.68 3.10
CA GLY A 7 -36.03 -8.43 2.73
C GLY A 7 -35.38 -7.75 3.91
N MET A 8 -34.07 -7.95 4.07
CA MET A 8 -33.34 -7.35 5.16
C MET A 8 -32.20 -6.49 4.64
N ALA A 9 -32.37 -5.17 4.70
CA ALA A 9 -31.35 -4.24 4.23
C ALA A 9 -30.68 -3.53 5.40
N ALA A 10 -30.39 -4.29 6.46
CA ALA A 10 -29.75 -3.72 7.64
C ALA A 10 -28.39 -4.39 7.89
N GLY A 11 -27.34 -3.79 7.35
CA GLY A 11 -26.01 -4.33 7.52
C GLY A 11 -25.09 -3.99 6.36
N ALA A 12 -25.12 -2.74 5.93
CA ALA A 12 -24.28 -2.29 4.82
C ALA A 12 -23.32 -1.20 5.27
N ALA A 13 -22.11 -1.61 5.66
CA ALA A 13 -21.10 -0.67 6.12
C ALA A 13 -19.75 -1.36 6.29
N GLU A 14 -18.68 -0.70 5.86
CA GLU A 14 -17.34 -1.25 5.97
C GLU A 14 -16.30 -0.14 6.09
N ALA A 15 -15.18 -0.45 6.71
CA ALA A 15 -14.11 0.51 6.90
C ALA A 15 -13.27 0.66 5.63
N ALA A 16 -13.14 1.89 5.15
CA ALA A 16 -12.37 2.16 3.94
C ALA A 16 -11.69 3.53 4.01
N VAL A 17 -10.37 3.52 4.17
CA VAL A 17 -9.61 4.75 4.26
C VAL A 17 -8.87 5.03 2.96
N ALA A 18 -8.95 6.27 2.49
CA ALA A 18 -8.28 6.67 1.24
C ALA A 18 -7.00 7.44 1.54
N ALA A 19 -6.35 7.08 2.64
CA ALA A 19 -5.10 7.73 3.04
C ALA A 19 -3.98 6.71 3.21
N VAL A 20 -2.75 7.14 3.00
CA VAL A 20 -1.59 6.26 3.15
C VAL A 20 -1.17 6.14 4.60
N GLU A 21 -1.05 4.90 5.08
CA GLU A 21 -0.65 4.64 6.45
C GLU A 21 0.85 4.83 6.63
N GLU A 22 1.25 5.42 7.75
CA GLU A 22 2.65 5.65 8.05
C GLU A 22 3.20 4.57 8.97
N VAL A 23 4.22 3.85 8.50
CA VAL A 23 4.83 2.79 9.29
C VAL A 23 5.75 3.36 10.36
N GLY A 24 5.44 3.08 11.62
CA GLY A 24 6.24 3.57 12.72
C GLY A 24 7.41 2.66 13.03
N SER A 25 7.22 1.37 12.83
CA SER A 25 8.26 0.38 13.11
C SER A 25 7.98 -0.92 12.38
N ALA A 26 8.95 -1.83 12.40
CA ALA A 26 8.81 -3.12 11.74
C ALA A 26 7.52 -3.80 12.15
N GLY A 27 7.35 -4.04 13.45
CA GLY A 27 6.14 -4.68 13.94
C GLY A 27 4.90 -4.24 13.19
N GLN A 28 4.76 -2.92 13.02
CA GLN A 28 3.61 -2.37 12.31
C GLN A 28 3.52 -2.91 10.90
N PHE A 29 4.65 -2.90 10.18
CA PHE A 29 4.69 -3.39 8.82
C PHE A 29 4.54 -4.90 8.78
N GLU A 30 5.47 -5.61 9.42
CA GLU A 30 5.44 -7.07 9.45
C GLU A 30 4.04 -7.57 9.81
N GLU A 31 3.39 -6.89 10.75
CA GLU A 31 2.05 -7.27 11.18
C GLU A 31 1.04 -7.07 10.06
N LEU A 32 1.00 -5.85 9.52
CA LEU A 32 0.07 -5.52 8.44
C LEU A 32 0.22 -6.50 7.28
N LEU A 33 1.46 -6.76 6.89
CA LEU A 33 1.73 -7.69 5.80
C LEU A 33 0.71 -8.83 5.78
N ARG A 34 0.41 -9.36 6.96
CA ARG A 34 -0.54 -10.46 7.10
C ARG A 34 -1.97 -9.96 6.90
N LEU A 35 -2.37 -8.98 7.70
CA LEU A 35 -3.71 -8.42 7.62
C LEU A 35 -4.08 -8.09 6.17
N LYS A 36 -3.26 -7.27 5.53
CA LYS A 36 -3.49 -6.87 4.15
C LYS A 36 -2.81 -7.84 3.19
N ALA A 37 -2.87 -9.13 3.51
CA ALA A 37 -2.27 -10.16 2.67
C ALA A 37 -3.16 -10.50 1.48
N LYS A 38 -4.45 -10.68 1.75
CA LYS A 38 -5.41 -11.01 0.71
C LYS A 38 -5.46 -9.91 -0.34
N SER A 39 -5.06 -8.70 0.03
CA SER A 39 -5.06 -7.57 -0.88
C SER A 39 -3.64 -7.15 -1.23
N LEU A 40 -3.49 -6.44 -2.34
CA LEU A 40 -2.18 -5.98 -2.79
C LEU A 40 -1.65 -4.87 -1.88
N LEU A 41 -0.40 -5.03 -1.45
CA LEU A 41 0.24 -4.05 -0.58
C LEU A 41 1.27 -3.22 -1.34
N VAL A 42 1.49 -2.00 -0.88
CA VAL A 42 2.46 -1.11 -1.52
C VAL A 42 3.25 -0.31 -0.48
N VAL A 43 4.51 -0.68 -0.29
CA VAL A 43 5.37 0.00 0.68
C VAL A 43 6.24 1.05 0.00
N HIS A 44 5.81 2.30 0.05
CA HIS A 44 6.56 3.40 -0.56
C HIS A 44 7.55 4.00 0.43
N PHE A 45 8.84 3.84 0.16
CA PHE A 45 9.88 4.38 1.02
C PHE A 45 9.96 5.90 0.91
N TRP A 46 9.43 6.58 1.91
CA TRP A 46 9.44 8.05 1.92
C TRP A 46 10.58 8.58 2.78
N ALA A 47 11.31 9.55 2.25
CA ALA A 47 12.44 10.14 2.97
C ALA A 47 12.16 11.61 3.29
N PRO A 48 12.67 12.07 4.45
CA PRO A 48 12.50 13.45 4.89
C PRO A 48 13.29 14.44 4.04
N TRP A 49 14.43 13.99 3.52
CA TRP A 49 15.28 14.83 2.70
C TRP A 49 14.90 14.71 1.22
N ALA A 50 14.72 13.48 0.77
CA ALA A 50 14.35 13.23 -0.62
C ALA A 50 13.07 13.96 -0.99
N PRO A 51 13.22 15.02 -1.82
CA PRO A 51 12.08 15.83 -2.26
C PRO A 51 11.17 15.08 -3.22
N GLN A 52 11.69 14.01 -3.81
CA GLN A 52 10.91 13.20 -4.75
C GLN A 52 9.61 12.73 -4.12
N CYS A 53 9.69 12.31 -2.86
CA CYS A 53 8.52 11.83 -2.13
C CYS A 53 7.35 12.79 -2.32
N ALA A 54 7.65 14.03 -2.65
CA ALA A 54 6.61 15.04 -2.85
C ALA A 54 5.51 14.52 -3.76
N GLN A 55 5.86 14.30 -5.03
CA GLN A 55 4.90 13.80 -6.00
C GLN A 55 4.54 12.34 -5.73
N MET A 56 5.56 11.54 -5.44
CA MET A 56 5.36 10.12 -5.15
C MET A 56 4.37 9.94 -4.01
N ASN A 57 4.14 11.00 -3.25
CA ASN A 57 3.22 10.95 -2.12
C ASN A 57 1.78 11.13 -2.59
N GLU A 58 1.54 12.20 -3.34
CA GLU A 58 0.20 12.49 -3.85
C GLU A 58 -0.23 11.44 -4.87
N VAL A 59 0.73 10.94 -5.64
CA VAL A 59 0.44 9.93 -6.66
C VAL A 59 -0.16 8.69 -6.03
N MET A 60 0.34 8.31 -4.86
CA MET A 60 -0.15 7.14 -4.16
C MET A 60 -1.55 7.38 -3.60
N ALA A 61 -1.74 8.54 -2.98
CA ALA A 61 -3.03 8.90 -2.41
C ALA A 61 -4.16 8.69 -3.43
N GLU A 62 -4.02 9.33 -4.59
CA GLU A 62 -5.02 9.22 -5.63
C GLU A 62 -5.32 7.75 -5.96
N LEU A 63 -4.28 6.93 -5.95
CA LEU A 63 -4.42 5.51 -6.23
C LEU A 63 -5.06 4.78 -5.06
N ALA A 64 -4.76 5.23 -3.85
CA ALA A 64 -5.31 4.62 -2.65
C ALA A 64 -6.83 4.65 -2.66
N LYS A 65 -7.38 5.84 -2.88
CA LYS A 65 -8.84 6.02 -2.91
C LYS A 65 -9.42 5.39 -4.17
N GLU A 66 -8.69 5.48 -5.28
CA GLU A 66 -9.15 4.91 -6.55
C GLU A 66 -9.25 3.40 -6.46
N LEU A 67 -8.30 2.78 -5.75
CA LEU A 67 -8.28 1.33 -5.59
C LEU A 67 -8.47 0.95 -4.12
N PRO A 68 -9.71 0.68 -3.73
CA PRO A 68 -10.06 0.30 -2.35
C PRO A 68 -9.55 -1.10 -2.01
N GLN A 69 -9.24 -1.88 -3.03
CA GLN A 69 -8.74 -3.24 -2.83
C GLN A 69 -7.23 -3.25 -2.70
N VAL A 70 -6.64 -2.07 -2.51
CA VAL A 70 -5.20 -1.94 -2.36
C VAL A 70 -4.83 -1.27 -1.04
N SER A 71 -3.62 -1.52 -0.57
CA SER A 71 -3.14 -0.94 0.68
C SER A 71 -1.85 -0.17 0.46
N PHE A 72 -1.94 1.16 0.59
CA PHE A 72 -0.77 2.01 0.42
C PHE A 72 -0.19 2.44 1.75
N VAL A 73 1.01 1.95 2.07
CA VAL A 73 1.67 2.26 3.32
C VAL A 73 3.05 2.88 3.08
N LYS A 74 3.25 4.09 3.59
CA LYS A 74 4.52 4.79 3.42
C LYS A 74 5.39 4.61 4.66
N LEU A 75 6.61 4.11 4.45
CA LEU A 75 7.54 3.89 5.54
C LEU A 75 8.79 4.75 5.37
N GLU A 76 9.32 5.25 6.48
CA GLU A 76 10.51 6.09 6.45
C GLU A 76 11.78 5.24 6.48
N ALA A 77 12.55 5.32 5.40
CA ALA A 77 13.79 4.56 5.30
C ALA A 77 14.74 4.89 6.43
N GLU A 78 14.71 6.14 6.89
CA GLU A 78 15.57 6.58 7.98
C GLU A 78 14.86 6.43 9.32
N GLY A 79 13.54 6.38 9.28
CA GLY A 79 12.77 6.23 10.51
C GLY A 79 12.73 4.81 11.00
N VAL A 80 12.40 3.87 10.12
CA VAL A 80 12.33 2.46 10.46
C VAL A 80 13.40 1.66 9.74
N PRO A 81 14.63 1.69 10.28
CA PRO A 81 15.77 0.97 9.70
C PRO A 81 15.64 -0.54 9.85
N GLU A 82 14.93 -0.96 10.90
CA GLU A 82 14.74 -2.39 11.15
C GLU A 82 14.32 -3.12 9.88
N VAL A 83 13.38 -2.52 9.14
CA VAL A 83 12.90 -3.11 7.90
C VAL A 83 13.86 -2.83 6.74
N SER A 84 14.26 -1.56 6.61
CA SER A 84 15.17 -1.17 5.55
C SER A 84 16.36 -2.12 5.45
N GLU A 85 16.87 -2.52 6.61
CA GLU A 85 18.01 -3.43 6.67
C GLU A 85 17.66 -4.78 6.04
N LYS A 86 16.62 -5.42 6.57
CA LYS A 86 16.17 -6.71 6.07
C LYS A 86 16.15 -6.72 4.54
N TYR A 87 15.39 -5.81 3.96
CA TYR A 87 15.28 -5.72 2.51
C TYR A 87 16.48 -4.98 1.91
N GLU A 88 17.24 -4.32 2.78
CA GLU A 88 18.41 -3.57 2.35
C GLU A 88 18.02 -2.42 1.42
N ILE A 89 17.01 -1.66 1.83
CA ILE A 89 16.54 -0.54 1.03
C ILE A 89 17.37 0.71 1.30
N SER A 90 18.44 0.89 0.53
CA SER A 90 19.32 2.04 0.69
C SER A 90 19.10 3.04 -0.45
N SER A 91 17.84 3.23 -0.83
CA SER A 91 17.50 4.16 -1.89
C SER A 91 16.03 4.55 -1.83
N VAL A 92 15.76 5.84 -2.01
CA VAL A 92 14.39 6.34 -1.97
C VAL A 92 14.18 7.45 -2.99
N PRO A 93 12.94 7.59 -3.47
CA PRO A 93 11.83 6.73 -3.06
C PRO A 93 11.98 5.30 -3.58
N THR A 94 11.21 4.39 -3.00
CA THR A 94 11.25 2.98 -3.41
C THR A 94 10.01 2.24 -2.97
N PHE A 95 9.24 1.77 -3.95
CA PHE A 95 8.00 1.04 -3.66
C PHE A 95 8.24 -0.46 -3.66
N LEU A 96 7.62 -1.15 -2.73
CA LEU A 96 7.77 -2.60 -2.61
C LEU A 96 6.40 -3.29 -2.61
N PHE A 97 6.14 -4.05 -3.67
CA PHE A 97 4.86 -4.76 -3.79
C PHE A 97 4.93 -6.10 -3.05
N PHE A 98 4.07 -6.25 -2.04
CA PHE A 98 4.03 -7.47 -1.25
C PHE A 98 2.63 -8.10 -1.31
N LYS A 99 2.55 -9.26 -1.95
CA LYS A 99 1.28 -9.98 -2.07
C LYS A 99 1.32 -11.30 -1.31
N ASN A 100 0.55 -11.37 -0.24
CA ASN A 100 0.49 -12.58 0.57
C ASN A 100 1.79 -12.77 1.36
N SER A 101 2.34 -11.67 1.87
CA SER A 101 3.58 -11.72 2.63
C SER A 101 4.73 -12.25 1.78
N GLN A 102 4.71 -11.90 0.50
CA GLN A 102 5.75 -12.34 -0.42
C GLN A 102 5.98 -11.33 -1.53
N LYS A 103 7.17 -10.76 -1.58
CA LYS A 103 7.51 -9.77 -2.60
C LYS A 103 7.36 -10.35 -4.00
N ILE A 104 6.58 -9.69 -4.84
CA ILE A 104 6.37 -10.14 -6.20
C ILE A 104 6.86 -9.10 -7.21
N ASP A 105 6.84 -7.84 -6.82
CA ASP A 105 7.30 -6.76 -7.68
C ASP A 105 8.03 -5.69 -6.88
N ARG A 106 8.70 -4.78 -7.58
CA ARG A 106 9.44 -3.71 -6.93
C ARG A 106 9.74 -2.59 -7.92
N LEU A 107 9.53 -1.35 -7.48
CA LEU A 107 9.77 -0.18 -8.32
C LEU A 107 10.84 0.71 -7.70
N ASP A 108 11.97 0.83 -8.38
CA ASP A 108 13.07 1.67 -7.91
C ASP A 108 13.13 2.98 -8.69
N GLY A 109 13.17 4.10 -7.97
CA GLY A 109 13.24 5.39 -8.61
C GLY A 109 11.89 6.07 -8.68
N ALA A 110 11.86 7.37 -8.36
CA ALA A 110 10.62 8.13 -8.39
C ALA A 110 10.00 8.12 -9.78
N HIS A 111 8.87 7.41 -9.91
CA HIS A 111 8.18 7.31 -11.19
C HIS A 111 6.68 7.48 -11.01
N ALA A 112 6.12 8.53 -11.60
CA ALA A 112 4.69 8.80 -11.49
C ALA A 112 3.88 7.76 -12.25
N PRO A 113 4.12 7.66 -13.56
CA PRO A 113 3.42 6.71 -14.43
C PRO A 113 3.83 5.27 -14.15
N GLU A 114 5.13 5.02 -14.11
CA GLU A 114 5.65 3.68 -13.85
C GLU A 114 4.99 3.07 -12.62
N LEU A 115 4.73 3.90 -11.61
CA LEU A 115 4.10 3.44 -10.39
C LEU A 115 2.66 2.99 -10.64
N THR A 116 1.83 3.92 -11.10
CA THR A 116 0.44 3.61 -11.40
C THR A 116 0.31 2.28 -12.14
N LYS A 117 0.97 2.19 -13.29
CA LYS A 117 0.93 0.98 -14.09
C LYS A 117 1.08 -0.26 -13.22
N LYS A 118 2.22 -0.38 -12.55
CA LYS A 118 2.49 -1.51 -11.68
C LYS A 118 1.38 -1.69 -10.66
N VAL A 119 0.90 -0.58 -10.10
CA VAL A 119 -0.18 -0.62 -9.12
C VAL A 119 -1.43 -1.27 -9.69
N GLN A 120 -1.97 -0.67 -10.75
CA GLN A 120 -3.17 -1.20 -11.39
C GLN A 120 -3.00 -2.67 -11.74
N ARG A 121 -1.91 -2.98 -12.44
CA ARG A 121 -1.63 -4.35 -12.84
C ARG A 121 -1.67 -5.30 -11.63
N HIS A 122 -0.78 -5.07 -10.69
CA HIS A 122 -0.72 -5.89 -9.48
C HIS A 122 -1.99 -5.74 -8.65
N ALA A 123 -2.79 -4.74 -8.98
CA ALA A 123 -4.04 -4.49 -8.27
C ALA A 123 -5.21 -5.19 -8.97
N SER A 124 -4.90 -6.22 -9.74
CA SER A 124 -5.93 -6.96 -10.47
C SER A 124 -5.97 -8.42 -10.00
N SER A 125 -6.53 -8.64 -8.82
CA SER A 125 -6.62 -9.99 -8.25
C SER A 125 -7.89 -10.13 -7.43
N GLY A 126 -8.28 -11.38 -7.15
CA GLY A 126 -9.47 -11.64 -6.37
C GLY A 126 -10.73 -11.66 -7.23
N PRO A 127 -11.18 -12.87 -7.59
CA PRO A 127 -12.39 -13.05 -8.40
C PRO A 127 -13.66 -12.68 -7.65
N SER A 128 -13.51 -12.22 -6.41
CA SER A 128 -14.65 -11.84 -5.59
C SER A 128 -15.74 -11.22 -6.44
N SER A 129 -15.41 -10.16 -7.17
CA SER A 129 -16.38 -9.49 -8.02
C SER A 129 -16.70 -10.32 -9.25
N GLY A 130 -17.99 -10.42 -9.57
CA GLY A 130 -18.42 -11.20 -10.72
C GLY A 130 -18.74 -10.33 -11.91
N GLY A 1 -13.09 14.83 18.79
CA GLY A 1 -14.33 14.51 19.48
C GLY A 1 -14.90 13.17 19.05
N SER A 2 -15.12 12.29 20.00
CA SER A 2 -15.67 10.97 19.72
C SER A 2 -16.99 11.07 18.96
N SER A 3 -16.97 10.68 17.69
CA SER A 3 -18.16 10.73 16.85
C SER A 3 -17.99 9.87 15.61
N GLY A 4 -19.04 9.14 15.26
CA GLY A 4 -18.99 8.27 14.09
C GLY A 4 -20.06 7.20 14.10
N SER A 5 -21.02 7.32 13.20
CA SER A 5 -22.11 6.36 13.11
C SER A 5 -22.37 5.95 11.66
N SER A 6 -22.40 4.64 11.42
CA SER A 6 -22.64 4.13 10.07
C SER A 6 -23.42 2.82 10.13
N GLY A 7 -23.98 2.42 8.98
CA GLY A 7 -24.74 1.19 8.92
C GLY A 7 -23.85 -0.05 8.99
N MET A 8 -24.19 -0.95 9.90
CA MET A 8 -23.42 -2.18 10.08
C MET A 8 -23.22 -2.89 8.75
N ALA A 9 -21.99 -3.29 8.47
CA ALA A 9 -21.68 -3.98 7.22
C ALA A 9 -22.09 -5.45 7.29
N ALA A 10 -23.08 -5.82 6.49
CA ALA A 10 -23.57 -7.19 6.46
C ALA A 10 -22.62 -8.09 5.67
N GLY A 11 -22.21 -9.19 6.30
CA GLY A 11 -21.30 -10.11 5.64
C GLY A 11 -19.85 -9.69 5.77
N ALA A 12 -19.27 -9.23 4.65
CA ALA A 12 -17.89 -8.79 4.64
C ALA A 12 -17.71 -7.51 5.44
N ALA A 13 -17.55 -7.65 6.75
CA ALA A 13 -17.36 -6.50 7.63
C ALA A 13 -15.89 -6.08 7.69
N GLU A 14 -15.47 -5.34 6.68
CA GLU A 14 -14.08 -4.87 6.61
C GLU A 14 -14.03 -3.36 6.36
N ALA A 15 -13.57 -2.61 7.35
CA ALA A 15 -13.48 -1.17 7.23
C ALA A 15 -12.80 -0.77 5.93
N ALA A 16 -13.45 0.12 5.18
CA ALA A 16 -12.91 0.58 3.90
C ALA A 16 -12.00 1.78 4.10
N VAL A 17 -10.69 1.56 3.97
CA VAL A 17 -9.72 2.62 4.14
C VAL A 17 -8.90 2.81 2.87
N ALA A 18 -8.93 4.02 2.32
CA ALA A 18 -8.18 4.34 1.10
C ALA A 18 -7.20 5.47 1.34
N ALA A 19 -6.56 5.45 2.51
CA ALA A 19 -5.57 6.46 2.86
C ALA A 19 -4.22 5.85 3.14
N VAL A 20 -3.16 6.62 2.92
CA VAL A 20 -1.80 6.15 3.17
C VAL A 20 -1.47 6.14 4.65
N GLU A 21 -1.29 4.93 5.20
CA GLU A 21 -0.97 4.79 6.62
C GLU A 21 0.51 5.05 6.87
N GLU A 22 0.81 5.69 8.00
CA GLU A 22 2.19 5.99 8.36
C GLU A 22 2.78 4.90 9.24
N VAL A 23 3.64 4.07 8.66
CA VAL A 23 4.28 2.98 9.39
C VAL A 23 5.64 3.41 9.94
N GLY A 24 5.69 3.59 11.26
CA GLY A 24 6.94 4.00 11.88
C GLY A 24 7.48 2.94 12.82
N SER A 25 7.37 1.69 12.42
CA SER A 25 7.86 0.57 13.23
C SER A 25 7.76 -0.75 12.47
N ALA A 26 8.80 -1.56 12.57
CA ALA A 26 8.84 -2.84 11.89
C ALA A 26 7.62 -3.69 12.26
N GLY A 27 7.20 -3.60 13.51
CA GLY A 27 6.05 -4.37 13.97
C GLY A 27 4.80 -4.04 13.19
N GLN A 28 4.52 -2.75 13.02
CA GLN A 28 3.34 -2.31 12.28
C GLN A 28 3.33 -2.88 10.87
N PHE A 29 4.46 -2.74 10.18
CA PHE A 29 4.58 -3.24 8.82
C PHE A 29 4.53 -4.77 8.79
N GLU A 30 5.52 -5.40 9.41
CA GLU A 30 5.58 -6.85 9.45
C GLU A 30 4.25 -7.45 9.90
N GLU A 31 3.58 -6.78 10.83
CA GLU A 31 2.29 -7.23 11.33
C GLU A 31 1.23 -7.16 10.24
N LEU A 32 1.11 -5.99 9.62
CA LEU A 32 0.13 -5.78 8.57
C LEU A 32 0.27 -6.83 7.47
N LEU A 33 1.52 -7.11 7.10
CA LEU A 33 1.79 -8.10 6.05
C LEU A 33 0.85 -9.29 6.16
N ARG A 34 0.49 -9.65 7.40
CA ARG A 34 -0.41 -10.76 7.64
C ARG A 34 -1.86 -10.36 7.37
N LEU A 35 -2.29 -9.29 8.01
CA LEU A 35 -3.66 -8.80 7.84
C LEU A 35 -3.96 -8.53 6.37
N LYS A 36 -3.12 -7.72 5.73
CA LYS A 36 -3.29 -7.38 4.33
C LYS A 36 -2.60 -8.41 3.44
N ALA A 37 -2.71 -9.67 3.80
CA ALA A 37 -2.10 -10.75 3.03
C ALA A 37 -2.91 -11.06 1.78
N LYS A 38 -4.22 -11.17 1.95
CA LYS A 38 -5.11 -11.47 0.83
C LYS A 38 -5.08 -10.34 -0.20
N SER A 39 -5.16 -9.11 0.28
CA SER A 39 -5.14 -7.95 -0.60
C SER A 39 -3.71 -7.59 -1.01
N LEU A 40 -3.58 -6.62 -1.90
CA LEU A 40 -2.27 -6.19 -2.37
C LEU A 40 -1.73 -5.04 -1.52
N LEU A 41 -0.51 -5.19 -1.03
CA LEU A 41 0.12 -4.18 -0.20
C LEU A 41 1.14 -3.38 -1.00
N VAL A 42 1.22 -2.08 -0.71
CA VAL A 42 2.15 -1.19 -1.41
C VAL A 42 2.95 -0.35 -0.41
N VAL A 43 4.20 -0.74 -0.20
CA VAL A 43 5.07 -0.02 0.72
C VAL A 43 5.90 1.03 -0.01
N HIS A 44 5.68 2.29 0.36
CA HIS A 44 6.40 3.41 -0.26
C HIS A 44 7.45 3.97 0.69
N PHE A 45 8.71 3.94 0.27
CA PHE A 45 9.80 4.46 1.09
C PHE A 45 9.88 5.97 1.01
N TRP A 46 9.74 6.62 2.16
CA TRP A 46 9.79 8.08 2.21
C TRP A 46 10.87 8.56 3.18
N ALA A 47 11.83 9.32 2.67
CA ALA A 47 12.92 9.83 3.48
C ALA A 47 12.83 11.35 3.65
N PRO A 48 13.23 11.84 4.82
CA PRO A 48 13.20 13.28 5.12
C PRO A 48 14.24 14.07 4.32
N TRP A 49 15.09 13.34 3.61
CA TRP A 49 16.14 13.97 2.80
C TRP A 49 15.87 13.75 1.31
N ALA A 50 14.66 13.31 0.98
CA ALA A 50 14.29 13.05 -0.40
C ALA A 50 13.05 13.86 -0.79
N PRO A 51 13.25 14.89 -1.63
CA PRO A 51 12.17 15.76 -2.09
C PRO A 51 11.21 15.04 -3.04
N GLN A 52 11.73 14.03 -3.73
CA GLN A 52 10.92 13.27 -4.68
C GLN A 52 9.66 12.72 -4.00
N CYS A 53 9.78 12.37 -2.73
CA CYS A 53 8.66 11.85 -1.97
C CYS A 53 7.44 12.75 -2.10
N ALA A 54 7.68 14.01 -2.47
CA ALA A 54 6.60 14.97 -2.63
C ALA A 54 5.66 14.57 -3.75
N GLN A 55 6.16 14.60 -4.98
CA GLN A 55 5.35 14.23 -6.14
C GLN A 55 4.82 12.81 -6.00
N MET A 56 5.65 11.93 -5.45
CA MET A 56 5.26 10.53 -5.26
C MET A 56 4.13 10.41 -4.25
N ASN A 57 4.16 11.27 -3.24
CA ASN A 57 3.13 11.26 -2.20
C ASN A 57 1.77 11.58 -2.79
N GLU A 58 1.70 12.65 -3.58
CA GLU A 58 0.45 13.07 -4.20
C GLU A 58 -0.15 11.94 -5.02
N VAL A 59 0.61 11.44 -5.99
CA VAL A 59 0.15 10.35 -6.85
C VAL A 59 -0.46 9.23 -6.02
N MET A 60 0.20 8.89 -4.91
CA MET A 60 -0.28 7.83 -4.04
C MET A 60 -1.71 8.10 -3.58
N ALA A 61 -1.90 9.19 -2.83
CA ALA A 61 -3.21 9.55 -2.33
C ALA A 61 -4.29 9.24 -3.35
N GLU A 62 -4.20 9.86 -4.52
CA GLU A 62 -5.17 9.65 -5.58
C GLU A 62 -5.36 8.16 -5.85
N LEU A 63 -4.25 7.43 -5.95
CA LEU A 63 -4.29 6.00 -6.22
C LEU A 63 -5.06 5.27 -5.12
N ALA A 64 -4.71 5.55 -3.87
CA ALA A 64 -5.38 4.92 -2.73
C ALA A 64 -6.89 4.87 -2.94
N LYS A 65 -7.49 6.04 -3.14
CA LYS A 65 -8.93 6.14 -3.35
C LYS A 65 -9.33 5.49 -4.67
N GLU A 66 -8.51 5.71 -5.70
CA GLU A 66 -8.79 5.15 -7.02
C GLU A 66 -8.91 3.63 -6.95
N LEU A 67 -8.11 3.02 -6.09
CA LEU A 67 -8.13 1.56 -5.92
C LEU A 67 -8.38 1.19 -4.47
N PRO A 68 -9.67 1.02 -4.12
CA PRO A 68 -10.07 0.65 -2.75
C PRO A 68 -9.69 -0.79 -2.41
N GLN A 69 -9.35 -1.57 -3.42
CA GLN A 69 -8.97 -2.97 -3.21
C GLN A 69 -7.46 -3.08 -2.98
N VAL A 70 -6.81 -1.94 -2.80
CA VAL A 70 -5.37 -1.90 -2.55
C VAL A 70 -5.05 -1.18 -1.25
N SER A 71 -3.95 -1.58 -0.62
CA SER A 71 -3.53 -0.96 0.65
C SER A 71 -2.20 -0.24 0.48
N PHE A 72 -2.25 1.09 0.52
CA PHE A 72 -1.05 1.90 0.38
C PHE A 72 -0.48 2.28 1.74
N VAL A 73 0.78 1.93 1.98
CA VAL A 73 1.44 2.24 3.24
C VAL A 73 2.82 2.85 3.00
N LYS A 74 3.12 3.92 3.73
CA LYS A 74 4.40 4.59 3.61
C LYS A 74 5.23 4.43 4.88
N LEU A 75 6.50 4.09 4.72
CA LEU A 75 7.40 3.89 5.86
C LEU A 75 8.67 4.71 5.68
N GLU A 76 9.19 5.24 6.79
CA GLU A 76 10.41 6.03 6.76
C GLU A 76 11.65 5.14 6.89
N ALA A 77 12.38 4.99 5.80
CA ALA A 77 13.59 4.17 5.78
C ALA A 77 14.42 4.41 7.04
N GLU A 78 14.72 5.68 7.33
CA GLU A 78 15.51 6.03 8.50
C GLU A 78 14.73 5.77 9.79
N GLY A 79 13.40 5.80 9.67
CA GLY A 79 12.56 5.57 10.84
C GLY A 79 12.54 4.11 11.25
N VAL A 80 12.49 3.22 10.27
CA VAL A 80 12.45 1.79 10.53
C VAL A 80 13.59 1.06 9.80
N PRO A 81 14.79 1.11 10.39
CA PRO A 81 15.97 0.46 9.81
C PRO A 81 15.89 -1.06 9.87
N GLU A 82 15.02 -1.57 10.72
CA GLU A 82 14.83 -3.01 10.87
C GLU A 82 14.40 -3.64 9.55
N VAL A 83 13.45 -3.00 8.88
CA VAL A 83 12.94 -3.50 7.60
C VAL A 83 13.88 -3.15 6.47
N SER A 84 14.31 -1.90 6.40
CA SER A 84 15.22 -1.44 5.37
C SER A 84 16.42 -2.38 5.24
N GLU A 85 16.94 -2.82 6.38
CA GLU A 85 18.08 -3.71 6.40
C GLU A 85 17.76 -5.03 5.70
N LYS A 86 16.67 -5.67 6.11
CA LYS A 86 16.25 -6.93 5.53
C LYS A 86 16.33 -6.88 4.01
N TYR A 87 15.56 -5.96 3.42
CA TYR A 87 15.54 -5.80 1.97
C TYR A 87 16.73 -4.97 1.49
N GLU A 88 17.42 -4.35 2.44
CA GLU A 88 18.58 -3.53 2.11
C GLU A 88 18.18 -2.35 1.24
N ILE A 89 17.13 -1.64 1.64
CA ILE A 89 16.66 -0.48 0.90
C ILE A 89 17.47 0.76 1.22
N SER A 90 18.56 0.96 0.48
CA SER A 90 19.43 2.11 0.67
C SER A 90 19.25 3.13 -0.44
N SER A 91 18.00 3.32 -0.87
CA SER A 91 17.70 4.26 -1.94
C SER A 91 16.25 4.70 -1.88
N VAL A 92 16.01 6.01 -2.02
CA VAL A 92 14.66 6.55 -1.98
C VAL A 92 14.49 7.67 -3.00
N PRO A 93 13.26 7.83 -3.50
CA PRO A 93 12.12 6.99 -3.10
C PRO A 93 12.25 5.56 -3.62
N THR A 94 11.45 4.66 -3.07
CA THR A 94 11.47 3.26 -3.47
C THR A 94 10.19 2.54 -3.06
N PHE A 95 9.58 1.83 -4.01
CA PHE A 95 8.35 1.11 -3.76
C PHE A 95 8.59 -0.39 -3.73
N LEU A 96 7.83 -1.11 -2.91
CA LEU A 96 7.95 -2.55 -2.80
C LEU A 96 6.59 -3.22 -2.67
N PHE A 97 6.16 -3.90 -3.73
CA PHE A 97 4.87 -4.57 -3.73
C PHE A 97 4.96 -5.90 -2.98
N PHE A 98 4.11 -6.06 -1.97
CA PHE A 98 4.10 -7.29 -1.18
C PHE A 98 2.75 -7.99 -1.29
N LYS A 99 2.76 -9.20 -1.84
CA LYS A 99 1.54 -9.98 -2.00
C LYS A 99 1.53 -11.18 -1.07
N ASN A 100 0.47 -11.29 -0.26
CA ASN A 100 0.34 -12.39 0.69
C ASN A 100 1.61 -12.54 1.52
N SER A 101 2.27 -11.42 1.78
CA SER A 101 3.50 -11.44 2.56
C SER A 101 4.67 -11.99 1.75
N GLN A 102 4.62 -11.76 0.44
CA GLN A 102 5.67 -12.23 -0.46
C GLN A 102 5.90 -11.24 -1.59
N LYS A 103 7.09 -10.65 -1.62
CA LYS A 103 7.44 -9.68 -2.66
C LYS A 103 7.34 -10.31 -4.04
N ILE A 104 6.59 -9.65 -4.93
CA ILE A 104 6.42 -10.15 -6.29
C ILE A 104 6.95 -9.15 -7.31
N ASP A 105 7.03 -7.89 -6.90
CA ASP A 105 7.52 -6.82 -7.78
C ASP A 105 8.07 -5.67 -6.97
N ARG A 106 8.85 -4.81 -7.63
CA ARG A 106 9.44 -3.64 -6.97
C ARG A 106 9.78 -2.56 -7.99
N LEU A 107 9.50 -1.31 -7.63
CA LEU A 107 9.78 -0.18 -8.50
C LEU A 107 10.97 0.63 -7.98
N ASP A 108 11.85 1.02 -8.89
CA ASP A 108 13.03 1.81 -8.53
C ASP A 108 13.05 3.13 -9.28
N GLY A 109 13.01 4.23 -8.54
CA GLY A 109 13.03 5.54 -9.15
C GLY A 109 11.68 6.22 -9.12
N ALA A 110 11.64 7.48 -8.70
CA ALA A 110 10.40 8.23 -8.63
C ALA A 110 9.71 8.28 -9.98
N HIS A 111 8.68 7.45 -10.14
CA HIS A 111 7.93 7.39 -11.39
C HIS A 111 6.43 7.53 -11.13
N ALA A 112 5.83 8.57 -11.68
CA ALA A 112 4.41 8.82 -11.52
C ALA A 112 3.57 7.77 -12.24
N PRO A 113 3.76 7.68 -13.58
CA PRO A 113 3.05 6.72 -14.41
C PRO A 113 3.48 5.27 -14.14
N GLU A 114 4.80 5.06 -14.10
CA GLU A 114 5.33 3.73 -13.86
C GLU A 114 4.72 3.11 -12.60
N LEU A 115 4.62 3.91 -11.54
CA LEU A 115 4.06 3.43 -10.29
C LEU A 115 2.66 2.88 -10.48
N THR A 116 1.78 3.70 -11.09
CA THR A 116 0.41 3.28 -11.35
C THR A 116 0.37 2.00 -12.17
N LYS A 117 1.24 1.90 -13.16
CA LYS A 117 1.31 0.72 -14.01
C LYS A 117 1.42 -0.55 -13.18
N LYS A 118 2.48 -0.65 -12.39
CA LYS A 118 2.70 -1.81 -11.54
C LYS A 118 1.55 -2.00 -10.55
N VAL A 119 1.04 -0.89 -10.03
CA VAL A 119 -0.06 -0.93 -9.08
C VAL A 119 -1.28 -1.63 -9.68
N GLN A 120 -1.67 -1.19 -10.89
CA GLN A 120 -2.82 -1.77 -11.58
C GLN A 120 -2.56 -3.23 -11.92
N ARG A 121 -1.43 -3.49 -12.55
CA ARG A 121 -1.07 -4.86 -12.95
C ARG A 121 -1.17 -5.80 -11.76
N HIS A 122 -0.57 -5.40 -10.64
CA HIS A 122 -0.60 -6.22 -9.43
C HIS A 122 -2.00 -6.25 -8.82
N ALA A 123 -2.66 -5.09 -8.80
CA ALA A 123 -4.00 -4.98 -8.25
C ALA A 123 -4.80 -6.25 -8.51
N SER A 124 -4.60 -6.85 -9.68
CA SER A 124 -5.31 -8.07 -10.06
C SER A 124 -5.26 -9.09 -8.93
N SER A 125 -6.36 -9.18 -8.18
CA SER A 125 -6.45 -10.11 -7.06
C SER A 125 -7.56 -11.13 -7.29
N GLY A 126 -7.65 -12.11 -6.39
CA GLY A 126 -8.68 -13.13 -6.52
C GLY A 126 -10.05 -12.61 -6.15
N PRO A 127 -10.46 -12.86 -4.89
CA PRO A 127 -11.77 -12.43 -4.38
C PRO A 127 -11.84 -10.92 -4.20
N SER A 128 -13.06 -10.39 -4.23
CA SER A 128 -13.28 -8.95 -4.08
C SER A 128 -14.74 -8.65 -3.76
N SER A 129 -15.03 -7.40 -3.45
CA SER A 129 -16.38 -6.98 -3.12
C SER A 129 -16.95 -6.08 -4.22
N GLY A 130 -17.79 -6.66 -5.07
CA GLY A 130 -18.39 -5.90 -6.15
C GLY A 130 -19.36 -4.84 -5.65
N GLY A 1 -45.79 -17.83 -7.45
CA GLY A 1 -46.47 -18.72 -6.53
C GLY A 1 -46.57 -18.15 -5.12
N SER A 2 -45.82 -18.73 -4.20
CA SER A 2 -45.81 -18.27 -2.81
C SER A 2 -45.15 -16.91 -2.69
N SER A 3 -44.01 -16.74 -3.36
CA SER A 3 -43.28 -15.49 -3.33
C SER A 3 -42.92 -15.11 -1.90
N GLY A 4 -42.49 -16.10 -1.11
CA GLY A 4 -42.13 -15.85 0.27
C GLY A 4 -40.84 -16.54 0.66
N SER A 5 -39.73 -16.02 0.17
CA SER A 5 -38.41 -16.60 0.47
C SER A 5 -37.43 -15.52 0.91
N SER A 6 -37.23 -15.41 2.21
CA SER A 6 -36.31 -14.41 2.76
C SER A 6 -35.03 -15.07 3.26
N GLY A 7 -33.93 -14.32 3.23
CA GLY A 7 -32.66 -14.84 3.68
C GLY A 7 -31.68 -15.06 2.53
N MET A 8 -31.43 -14.02 1.77
CA MET A 8 -30.50 -14.09 0.64
C MET A 8 -29.06 -13.96 1.11
N ALA A 9 -28.81 -12.96 1.95
CA ALA A 9 -27.47 -12.73 2.47
C ALA A 9 -26.50 -12.38 1.35
N ALA A 10 -26.95 -11.55 0.42
CA ALA A 10 -26.13 -11.13 -0.71
C ALA A 10 -25.65 -9.70 -0.54
N GLY A 11 -25.26 -9.35 0.68
CA GLY A 11 -24.78 -8.01 0.96
C GLY A 11 -24.09 -7.91 2.31
N ALA A 12 -22.78 -7.75 2.28
CA ALA A 12 -21.99 -7.63 3.51
C ALA A 12 -21.34 -6.26 3.62
N ALA A 13 -20.97 -5.88 4.84
CA ALA A 13 -20.34 -4.60 5.08
C ALA A 13 -18.83 -4.67 4.86
N GLU A 14 -18.38 -4.15 3.73
CA GLU A 14 -16.96 -4.16 3.40
C GLU A 14 -16.29 -2.85 3.82
N ALA A 15 -15.76 -2.82 5.04
CA ALA A 15 -15.10 -1.64 5.56
C ALA A 15 -13.65 -1.56 5.07
N ALA A 16 -13.38 -0.59 4.21
CA ALA A 16 -12.04 -0.41 3.66
C ALA A 16 -11.63 1.07 3.68
N VAL A 17 -10.36 1.31 3.97
CA VAL A 17 -9.84 2.67 4.03
C VAL A 17 -9.00 2.99 2.80
N ALA A 18 -9.27 4.13 2.17
CA ALA A 18 -8.53 4.55 1.00
C ALA A 18 -7.48 5.60 1.34
N ALA A 19 -6.87 5.45 2.52
CA ALA A 19 -5.85 6.37 2.98
C ALA A 19 -4.55 5.65 3.31
N VAL A 20 -3.42 6.30 3.06
CA VAL A 20 -2.11 5.72 3.33
C VAL A 20 -1.81 5.73 4.82
N GLU A 21 -1.32 4.61 5.33
CA GLU A 21 -0.98 4.49 6.74
C GLU A 21 0.47 4.87 6.99
N GLU A 22 0.73 5.43 8.17
CA GLU A 22 2.09 5.85 8.53
C GLU A 22 2.78 4.79 9.37
N VAL A 23 3.76 4.12 8.78
CA VAL A 23 4.50 3.07 9.48
C VAL A 23 5.82 3.60 10.02
N GLY A 24 5.99 3.53 11.35
CA GLY A 24 7.20 4.00 11.96
C GLY A 24 7.93 2.92 12.75
N SER A 25 7.51 1.67 12.53
CA SER A 25 8.12 0.54 13.22
C SER A 25 8.05 -0.72 12.37
N ALA A 26 9.05 -1.59 12.53
CA ALA A 26 9.11 -2.83 11.77
C ALA A 26 7.99 -3.77 12.18
N GLY A 27 7.58 -3.69 13.45
CA GLY A 27 6.52 -4.54 13.95
C GLY A 27 5.20 -4.29 13.25
N GLN A 28 4.87 -3.02 13.08
CA GLN A 28 3.62 -2.63 12.43
C GLN A 28 3.59 -3.11 10.98
N PHE A 29 4.70 -2.89 10.28
CA PHE A 29 4.81 -3.29 8.88
C PHE A 29 4.65 -4.80 8.73
N GLU A 30 5.57 -5.55 9.33
CA GLU A 30 5.53 -7.01 9.26
C GLU A 30 4.21 -7.54 9.80
N GLU A 31 3.64 -6.84 10.78
CA GLU A 31 2.37 -7.24 11.37
C GLU A 31 1.22 -7.02 10.40
N LEU A 32 1.39 -6.06 9.50
CA LEU A 32 0.36 -5.75 8.51
C LEU A 32 0.44 -6.70 7.32
N LEU A 33 1.67 -7.12 6.98
CA LEU A 33 1.88 -8.03 5.87
C LEU A 33 0.90 -9.20 5.92
N ARG A 34 0.49 -9.57 7.13
CA ARG A 34 -0.45 -10.67 7.31
C ARG A 34 -1.89 -10.18 7.21
N LEU A 35 -2.14 -8.99 7.75
CA LEU A 35 -3.48 -8.40 7.72
C LEU A 35 -3.91 -8.10 6.29
N LYS A 36 -3.08 -7.37 5.57
CA LYS A 36 -3.38 -7.00 4.19
C LYS A 36 -2.84 -8.05 3.23
N ALA A 37 -2.78 -9.29 3.68
CA ALA A 37 -2.28 -10.39 2.86
C ALA A 37 -3.31 -10.81 1.83
N LYS A 38 -4.46 -10.16 1.84
CA LYS A 38 -5.53 -10.46 0.90
C LYS A 38 -5.55 -9.45 -0.24
N SER A 39 -5.15 -8.22 0.06
CA SER A 39 -5.12 -7.16 -0.94
C SER A 39 -3.69 -6.86 -1.38
N LEU A 40 -3.56 -5.98 -2.37
CA LEU A 40 -2.24 -5.61 -2.89
C LEU A 40 -1.60 -4.53 -2.01
N LEU A 41 -0.57 -4.92 -1.28
CA LEU A 41 0.14 -3.98 -0.41
C LEU A 41 1.30 -3.32 -1.14
N VAL A 42 1.37 -2.00 -1.06
CA VAL A 42 2.43 -1.23 -1.71
C VAL A 42 3.17 -0.35 -0.72
N VAL A 43 4.35 -0.81 -0.31
CA VAL A 43 5.16 -0.06 0.65
C VAL A 43 6.02 0.98 -0.07
N HIS A 44 5.69 2.25 0.14
CA HIS A 44 6.43 3.35 -0.48
C HIS A 44 7.39 3.99 0.52
N PHE A 45 8.68 3.88 0.24
CA PHE A 45 9.71 4.45 1.11
C PHE A 45 9.75 5.97 0.98
N TRP A 46 9.39 6.66 2.06
CA TRP A 46 9.38 8.12 2.06
C TRP A 46 10.40 8.66 3.08
N ALA A 47 11.24 9.58 2.62
CA ALA A 47 12.25 10.18 3.49
C ALA A 47 12.00 11.67 3.68
N PRO A 48 12.29 12.17 4.89
CA PRO A 48 12.10 13.58 5.23
C PRO A 48 13.10 14.49 4.51
N TRP A 49 13.95 13.89 3.70
CA TRP A 49 14.95 14.65 2.95
C TRP A 49 14.66 14.59 1.45
N ALA A 50 14.63 13.38 0.90
CA ALA A 50 14.36 13.19 -0.52
C ALA A 50 13.18 14.05 -0.97
N PRO A 51 13.47 15.15 -1.68
CA PRO A 51 12.45 16.07 -2.18
C PRO A 51 11.62 15.45 -3.31
N GLN A 52 11.92 14.20 -3.63
CA GLN A 52 11.20 13.50 -4.69
C GLN A 52 9.89 12.92 -4.17
N CYS A 53 9.96 12.21 -3.05
CA CYS A 53 8.79 11.60 -2.44
C CYS A 53 7.60 12.55 -2.51
N ALA A 54 7.86 13.84 -2.35
CA ALA A 54 6.81 14.85 -2.39
C ALA A 54 5.74 14.48 -3.40
N GLN A 55 6.09 14.57 -4.68
CA GLN A 55 5.15 14.25 -5.76
C GLN A 55 4.61 12.83 -5.60
N MET A 56 5.47 11.92 -5.14
CA MET A 56 5.07 10.53 -4.95
C MET A 56 4.02 10.42 -3.87
N ASN A 57 4.01 11.36 -2.94
CA ASN A 57 3.04 11.37 -1.85
C ASN A 57 1.65 11.68 -2.36
N GLU A 58 1.53 12.79 -3.09
CA GLU A 58 0.25 13.21 -3.64
C GLU A 58 -0.27 12.20 -4.65
N VAL A 59 0.65 11.60 -5.40
CA VAL A 59 0.30 10.62 -6.41
C VAL A 59 -0.36 9.39 -5.77
N MET A 60 0.20 8.94 -4.65
CA MET A 60 -0.34 7.78 -3.96
C MET A 60 -1.76 8.05 -3.46
N ALA A 61 -1.89 9.05 -2.60
CA ALA A 61 -3.20 9.41 -2.06
C ALA A 61 -4.28 9.34 -3.13
N GLU A 62 -4.00 9.93 -4.29
CA GLU A 62 -4.95 9.93 -5.40
C GLU A 62 -5.22 8.51 -5.89
N LEU A 63 -4.21 7.66 -5.81
CA LEU A 63 -4.32 6.28 -6.24
C LEU A 63 -5.12 5.46 -5.23
N ALA A 64 -4.87 5.70 -3.95
CA ALA A 64 -5.57 4.99 -2.89
C ALA A 64 -7.08 5.05 -3.09
N LYS A 65 -7.60 6.26 -3.24
CA LYS A 65 -9.04 6.45 -3.44
C LYS A 65 -9.50 5.79 -4.73
N GLU A 66 -8.76 6.00 -5.80
CA GLU A 66 -9.09 5.42 -7.10
C GLU A 66 -9.16 3.90 -7.01
N LEU A 67 -8.23 3.32 -6.25
CA LEU A 67 -8.19 1.87 -6.08
C LEU A 67 -8.39 1.48 -4.62
N PRO A 68 -9.66 1.33 -4.22
CA PRO A 68 -10.02 0.96 -2.85
C PRO A 68 -9.64 -0.48 -2.52
N GLN A 69 -9.52 -1.31 -3.55
CA GLN A 69 -9.17 -2.72 -3.37
C GLN A 69 -7.69 -2.85 -3.02
N VAL A 70 -6.91 -1.82 -3.33
CA VAL A 70 -5.48 -1.83 -3.04
C VAL A 70 -5.18 -1.16 -1.72
N SER A 71 -4.07 -1.55 -1.10
CA SER A 71 -3.68 -0.98 0.19
C SER A 71 -2.34 -0.25 0.07
N PHE A 72 -2.36 1.06 0.30
CA PHE A 72 -1.16 1.88 0.21
C PHE A 72 -0.59 2.16 1.61
N VAL A 73 0.67 1.79 1.81
CA VAL A 73 1.33 2.02 3.09
C VAL A 73 2.68 2.69 2.91
N LYS A 74 2.88 3.80 3.63
CA LYS A 74 4.13 4.54 3.55
C LYS A 74 5.00 4.27 4.77
N LEU A 75 6.28 4.00 4.54
CA LEU A 75 7.22 3.73 5.62
C LEU A 75 8.45 4.62 5.52
N GLU A 76 8.84 5.22 6.63
CA GLU A 76 10.01 6.09 6.66
C GLU A 76 11.30 5.28 6.78
N ALA A 77 12.08 5.27 5.71
CA ALA A 77 13.34 4.53 5.68
C ALA A 77 14.18 4.85 6.92
N GLU A 78 14.45 6.13 7.13
CA GLU A 78 15.25 6.56 8.27
C GLU A 78 14.50 6.31 9.58
N GLY A 79 13.18 6.14 9.48
CA GLY A 79 12.38 5.90 10.66
C GLY A 79 12.47 4.46 11.14
N VAL A 80 12.48 3.53 10.20
CA VAL A 80 12.57 2.10 10.53
C VAL A 80 13.73 1.43 9.80
N PRO A 81 14.94 1.60 10.33
CA PRO A 81 16.15 1.01 9.75
C PRO A 81 16.18 -0.51 9.87
N GLU A 82 15.20 -1.06 10.58
CA GLU A 82 15.12 -2.51 10.78
C GLU A 82 14.80 -3.22 9.48
N VAL A 83 13.79 -2.72 8.77
CA VAL A 83 13.39 -3.31 7.50
C VAL A 83 14.38 -2.97 6.39
N SER A 84 14.75 -1.70 6.31
CA SER A 84 15.68 -1.23 5.30
C SER A 84 16.91 -2.12 5.25
N GLU A 85 17.34 -2.60 6.42
CA GLU A 85 18.50 -3.46 6.52
C GLU A 85 18.21 -4.84 5.93
N LYS A 86 17.13 -5.46 6.39
CA LYS A 86 16.74 -6.78 5.90
C LYS A 86 16.49 -6.76 4.41
N TYR A 87 15.94 -5.66 3.92
CA TYR A 87 15.65 -5.51 2.50
C TYR A 87 16.78 -4.78 1.78
N GLU A 88 17.67 -4.17 2.55
CA GLU A 88 18.80 -3.44 1.98
C GLU A 88 18.32 -2.26 1.14
N ILE A 89 17.17 -1.72 1.51
CA ILE A 89 16.60 -0.58 0.79
C ILE A 89 17.44 0.68 0.98
N SER A 90 18.47 0.83 0.16
CA SER A 90 19.36 1.98 0.24
C SER A 90 19.09 2.96 -0.90
N SER A 91 17.82 3.16 -1.20
CA SER A 91 17.42 4.07 -2.27
C SER A 91 15.95 4.45 -2.16
N VAL A 92 15.65 5.72 -2.33
CA VAL A 92 14.27 6.22 -2.24
C VAL A 92 14.04 7.36 -3.23
N PRO A 93 12.77 7.53 -3.64
CA PRO A 93 11.67 6.67 -3.18
C PRO A 93 11.76 5.25 -3.73
N THR A 94 11.05 4.33 -3.09
CA THR A 94 11.05 2.94 -3.52
C THR A 94 9.76 2.23 -3.10
N PHE A 95 9.07 1.64 -4.07
CA PHE A 95 7.82 0.94 -3.80
C PHE A 95 8.05 -0.57 -3.77
N LEU A 96 7.49 -1.22 -2.76
CA LEU A 96 7.63 -2.67 -2.62
C LEU A 96 6.27 -3.36 -2.63
N PHE A 97 5.99 -4.10 -3.70
CA PHE A 97 4.72 -4.80 -3.83
C PHE A 97 4.75 -6.12 -3.06
N PHE A 98 3.77 -6.29 -2.18
CA PHE A 98 3.68 -7.50 -1.37
C PHE A 98 2.32 -8.18 -1.55
N LYS A 99 2.34 -9.35 -2.18
CA LYS A 99 1.12 -10.11 -2.43
C LYS A 99 1.05 -11.33 -1.53
N ASN A 100 0.13 -11.31 -0.56
CA ASN A 100 -0.04 -12.43 0.36
C ASN A 100 1.16 -12.55 1.28
N SER A 101 1.70 -11.42 1.71
CA SER A 101 2.86 -11.40 2.60
C SER A 101 4.09 -11.99 1.90
N GLN A 102 4.21 -11.70 0.61
CA GLN A 102 5.33 -12.18 -0.17
C GLN A 102 5.66 -11.23 -1.32
N LYS A 103 6.85 -10.64 -1.27
CA LYS A 103 7.28 -9.70 -2.30
C LYS A 103 7.24 -10.36 -3.68
N ILE A 104 6.52 -9.74 -4.60
CA ILE A 104 6.41 -10.26 -5.96
C ILE A 104 6.94 -9.26 -6.98
N ASP A 105 7.01 -7.99 -6.59
CA ASP A 105 7.51 -6.95 -7.46
C ASP A 105 8.22 -5.85 -6.66
N ARG A 106 8.88 -4.95 -7.36
CA ARG A 106 9.60 -3.86 -6.72
C ARG A 106 9.90 -2.73 -7.71
N LEU A 107 9.52 -1.52 -7.36
CA LEU A 107 9.74 -0.36 -8.21
C LEU A 107 10.76 0.60 -7.59
N ASP A 108 11.96 0.64 -8.17
CA ASP A 108 13.01 1.52 -7.66
C ASP A 108 12.95 2.88 -8.34
N GLY A 109 12.97 3.94 -7.54
CA GLY A 109 12.92 5.28 -8.09
C GLY A 109 11.52 5.87 -8.06
N ALA A 110 11.44 7.19 -8.13
CA ALA A 110 10.15 7.88 -8.10
C ALA A 110 9.54 7.94 -9.51
N HIS A 111 8.69 6.97 -9.82
CA HIS A 111 8.03 6.92 -11.13
C HIS A 111 6.53 7.12 -10.99
N ALA A 112 6.03 8.25 -11.50
CA ALA A 112 4.61 8.56 -11.44
C ALA A 112 3.80 7.57 -12.26
N PRO A 113 4.09 7.50 -13.57
CA PRO A 113 3.40 6.60 -14.50
C PRO A 113 3.74 5.13 -14.23
N GLU A 114 5.03 4.83 -14.17
CA GLU A 114 5.49 3.47 -13.93
C GLU A 114 4.79 2.86 -12.71
N LEU A 115 4.70 3.64 -11.64
CA LEU A 115 4.06 3.18 -10.42
C LEU A 115 2.65 2.65 -10.70
N THR A 116 1.82 3.49 -11.31
CA THR A 116 0.46 3.10 -11.64
C THR A 116 0.43 1.79 -12.41
N LYS A 117 1.34 1.65 -13.36
CA LYS A 117 1.43 0.45 -14.17
C LYS A 117 1.45 -0.80 -13.29
N LYS A 118 2.51 -0.94 -12.49
CA LYS A 118 2.65 -2.08 -11.60
C LYS A 118 1.47 -2.17 -10.64
N VAL A 119 1.14 -1.05 -10.00
CA VAL A 119 0.03 -1.00 -9.06
C VAL A 119 -1.22 -1.65 -9.65
N GLN A 120 -1.66 -1.13 -10.79
CA GLN A 120 -2.85 -1.66 -11.45
C GLN A 120 -2.64 -3.11 -11.87
N ARG A 121 -1.54 -3.37 -12.56
CA ARG A 121 -1.22 -4.71 -13.02
C ARG A 121 -1.51 -5.75 -11.93
N HIS A 122 -0.82 -5.61 -10.79
CA HIS A 122 -1.01 -6.53 -9.67
C HIS A 122 -2.40 -6.37 -9.07
N ALA A 123 -2.78 -5.12 -8.78
CA ALA A 123 -4.08 -4.83 -8.20
C ALA A 123 -5.20 -5.49 -9.00
N SER A 124 -4.89 -5.88 -10.23
CA SER A 124 -5.87 -6.52 -11.11
C SER A 124 -5.58 -8.01 -11.24
N SER A 125 -6.35 -8.82 -10.51
CA SER A 125 -6.18 -10.27 -10.55
C SER A 125 -7.13 -10.90 -11.57
N GLY A 126 -8.43 -10.78 -11.32
CA GLY A 126 -9.41 -11.34 -12.22
C GLY A 126 -10.01 -10.30 -13.15
N PRO A 127 -11.25 -10.54 -13.60
CA PRO A 127 -11.96 -9.63 -14.50
C PRO A 127 -12.36 -8.33 -13.81
N SER A 128 -12.46 -7.26 -14.58
CA SER A 128 -12.84 -5.96 -14.05
C SER A 128 -13.84 -6.11 -12.91
N SER A 129 -13.54 -5.47 -11.78
CA SER A 129 -14.42 -5.54 -10.62
C SER A 129 -14.48 -4.19 -9.89
N GLY A 130 -15.62 -3.53 -10.00
CA GLY A 130 -15.79 -2.24 -9.37
C GLY A 130 -15.83 -1.09 -10.36
N GLY A 1 -55.09 -0.84 17.77
CA GLY A 1 -54.49 0.28 17.08
C GLY A 1 -53.65 -0.15 15.89
N SER A 2 -53.92 0.43 14.73
CA SER A 2 -53.18 0.09 13.52
C SER A 2 -52.19 1.20 13.17
N SER A 3 -50.91 0.89 13.25
CA SER A 3 -49.86 1.86 12.95
C SER A 3 -48.70 1.19 12.20
N GLY A 4 -48.20 1.87 11.17
CA GLY A 4 -47.09 1.33 10.40
C GLY A 4 -45.87 1.07 11.25
N SER A 5 -45.20 -0.06 11.01
CA SER A 5 -44.01 -0.42 11.75
C SER A 5 -42.97 -1.05 10.84
N SER A 6 -41.75 -0.51 10.88
CA SER A 6 -40.67 -1.02 10.04
C SER A 6 -39.32 -0.44 10.50
N GLY A 7 -38.52 -1.28 11.14
CA GLY A 7 -37.22 -0.84 11.62
C GLY A 7 -36.16 -1.93 11.51
N MET A 8 -36.12 -2.59 10.35
CA MET A 8 -35.15 -3.65 10.12
C MET A 8 -33.85 -3.09 9.57
N ALA A 9 -32.73 -3.52 10.14
CA ALA A 9 -31.42 -3.06 9.70
C ALA A 9 -30.94 -3.84 8.47
N ALA A 10 -31.47 -3.47 7.31
CA ALA A 10 -31.10 -4.13 6.06
C ALA A 10 -30.17 -3.24 5.24
N GLY A 11 -29.24 -2.58 5.90
CA GLY A 11 -28.30 -1.72 5.21
C GLY A 11 -26.90 -2.30 5.16
N ALA A 12 -26.57 -2.94 4.04
CA ALA A 12 -25.25 -3.55 3.88
C ALA A 12 -24.41 -2.76 2.87
N ALA A 13 -23.38 -2.10 3.37
CA ALA A 13 -22.49 -1.31 2.52
C ALA A 13 -21.03 -1.56 2.86
N GLU A 14 -20.13 -0.95 2.08
CA GLU A 14 -18.70 -1.11 2.31
C GLU A 14 -18.05 0.23 2.62
N ALA A 15 -17.83 0.49 3.90
CA ALA A 15 -17.21 1.73 4.34
C ALA A 15 -15.75 1.51 4.73
N ALA A 16 -14.86 2.31 4.13
CA ALA A 16 -13.43 2.19 4.42
C ALA A 16 -12.72 3.52 4.14
N VAL A 17 -11.44 3.58 4.50
CA VAL A 17 -10.65 4.78 4.28
C VAL A 17 -9.59 4.55 3.21
N ALA A 18 -9.48 5.50 2.29
CA ALA A 18 -8.50 5.41 1.21
C ALA A 18 -7.30 6.30 1.47
N ALA A 19 -6.76 6.21 2.69
CA ALA A 19 -5.60 7.01 3.06
C ALA A 19 -4.38 6.13 3.29
N VAL A 20 -3.19 6.71 3.10
CA VAL A 20 -1.95 5.98 3.28
C VAL A 20 -1.58 5.88 4.76
N GLU A 21 -1.44 4.65 5.25
CA GLU A 21 -1.10 4.42 6.64
C GLU A 21 0.38 4.69 6.89
N GLU A 22 0.70 5.20 8.08
CA GLU A 22 2.07 5.52 8.44
C GLU A 22 2.66 4.43 9.33
N VAL A 23 3.77 3.84 8.89
CA VAL A 23 4.44 2.78 9.64
C VAL A 23 5.41 3.37 10.65
N GLY A 24 5.16 3.12 11.93
CA GLY A 24 6.02 3.62 12.98
C GLY A 24 7.23 2.73 13.21
N SER A 25 7.05 1.43 13.00
CA SER A 25 8.14 0.47 13.19
C SER A 25 7.87 -0.81 12.42
N ALA A 26 8.87 -1.68 12.35
CA ALA A 26 8.75 -2.94 11.64
C ALA A 26 7.55 -3.73 12.15
N GLY A 27 7.47 -3.91 13.46
CA GLY A 27 6.38 -4.66 14.04
C GLY A 27 5.07 -4.43 13.32
N GLN A 28 4.69 -3.16 13.20
CA GLN A 28 3.44 -2.80 12.53
C GLN A 28 3.40 -3.37 11.11
N PHE A 29 4.39 -2.99 10.30
CA PHE A 29 4.48 -3.47 8.92
C PHE A 29 4.27 -4.98 8.86
N GLU A 30 5.16 -5.73 9.49
CA GLU A 30 5.07 -7.18 9.49
C GLU A 30 3.66 -7.64 9.82
N GLU A 31 3.01 -6.94 10.74
CA GLU A 31 1.65 -7.28 11.15
C GLU A 31 0.68 -7.05 10.00
N LEU A 32 0.84 -5.92 9.31
CA LEU A 32 -0.03 -5.58 8.19
C LEU A 32 0.16 -6.56 7.04
N LEU A 33 1.38 -7.02 6.84
CA LEU A 33 1.69 -7.96 5.77
C LEU A 33 0.72 -9.15 5.81
N ARG A 34 0.38 -9.59 7.01
CA ARG A 34 -0.54 -10.71 7.18
C ARG A 34 -1.97 -10.29 6.87
N LEU A 35 -2.48 -9.34 7.64
CA LEU A 35 -3.84 -8.85 7.44
C LEU A 35 -4.09 -8.50 5.98
N LYS A 36 -3.26 -7.62 5.43
CA LYS A 36 -3.39 -7.20 4.05
C LYS A 36 -2.65 -8.16 3.12
N ALA A 37 -2.75 -9.45 3.40
CA ALA A 37 -2.09 -10.46 2.59
C ALA A 37 -2.83 -10.68 1.27
N LYS A 38 -4.14 -10.84 1.37
CA LYS A 38 -4.97 -11.07 0.18
C LYS A 38 -4.91 -9.86 -0.75
N SER A 39 -4.96 -8.66 -0.18
CA SER A 39 -4.92 -7.43 -0.96
C SER A 39 -3.49 -7.07 -1.32
N LEU A 40 -3.33 -6.27 -2.38
CA LEU A 40 -2.01 -5.85 -2.83
C LEU A 40 -1.47 -4.73 -1.96
N LEU A 41 -0.34 -4.99 -1.30
CA LEU A 41 0.28 -3.99 -0.43
C LEU A 41 1.40 -3.26 -1.16
N VAL A 42 1.47 -1.95 -0.99
CA VAL A 42 2.50 -1.15 -1.62
C VAL A 42 3.31 -0.36 -0.59
N VAL A 43 4.51 -0.84 -0.30
CA VAL A 43 5.38 -0.18 0.67
C VAL A 43 6.26 0.86 0.00
N HIS A 44 5.85 2.12 0.09
CA HIS A 44 6.60 3.22 -0.50
C HIS A 44 7.60 3.80 0.49
N PHE A 45 8.76 4.21 -0.01
CA PHE A 45 9.80 4.78 0.84
C PHE A 45 9.91 6.29 0.63
N TRP A 46 9.52 7.05 1.66
CA TRP A 46 9.57 8.50 1.58
C TRP A 46 10.65 9.05 2.49
N ALA A 47 11.23 10.18 2.10
CA ALA A 47 12.29 10.81 2.89
C ALA A 47 12.09 12.32 2.96
N PRO A 48 12.43 12.92 4.11
CA PRO A 48 12.30 14.36 4.33
C PRO A 48 13.31 15.17 3.51
N TRP A 49 14.39 14.51 3.11
CA TRP A 49 15.43 15.17 2.32
C TRP A 49 15.15 15.01 0.82
N ALA A 50 15.06 13.76 0.38
CA ALA A 50 14.79 13.47 -1.04
C ALA A 50 13.46 14.07 -1.48
N PRO A 51 13.52 15.02 -2.42
CA PRO A 51 12.33 15.69 -2.94
C PRO A 51 11.48 14.76 -3.80
N GLN A 52 12.13 14.02 -4.69
CA GLN A 52 11.44 13.09 -5.57
C GLN A 52 10.31 12.39 -4.83
N CYS A 53 10.61 11.87 -3.65
CA CYS A 53 9.63 11.17 -2.84
C CYS A 53 8.31 11.94 -2.80
N ALA A 54 8.40 13.23 -2.46
CA ALA A 54 7.21 14.07 -2.38
C ALA A 54 6.22 13.73 -3.48
N GLN A 55 6.61 13.99 -4.72
CA GLN A 55 5.76 13.71 -5.87
C GLN A 55 5.00 12.40 -5.68
N MET A 56 5.75 11.34 -5.40
CA MET A 56 5.16 10.02 -5.20
C MET A 56 4.05 10.07 -4.16
N ASN A 57 4.36 10.62 -2.98
CA ASN A 57 3.39 10.73 -1.90
C ASN A 57 2.02 11.12 -2.45
N GLU A 58 1.98 12.21 -3.23
CA GLU A 58 0.73 12.68 -3.80
C GLU A 58 0.14 11.64 -4.75
N VAL A 59 1.00 11.01 -5.55
CA VAL A 59 0.56 10.00 -6.49
C VAL A 59 -0.20 8.89 -5.79
N MET A 60 0.41 8.31 -4.76
CA MET A 60 -0.22 7.24 -4.00
C MET A 60 -1.52 7.71 -3.36
N ALA A 61 -1.47 8.87 -2.71
CA ALA A 61 -2.65 9.43 -2.05
C ALA A 61 -3.89 9.27 -2.94
N GLU A 62 -3.79 9.72 -4.18
CA GLU A 62 -4.90 9.64 -5.11
C GLU A 62 -5.20 8.18 -5.47
N LEU A 63 -4.19 7.49 -5.98
CA LEU A 63 -4.35 6.09 -6.35
C LEU A 63 -5.16 5.33 -5.31
N ALA A 64 -4.75 5.45 -4.05
CA ALA A 64 -5.44 4.78 -2.96
C ALA A 64 -6.94 5.01 -3.02
N LYS A 65 -7.34 6.25 -3.31
CA LYS A 65 -8.75 6.60 -3.41
C LYS A 65 -9.40 5.90 -4.60
N GLU A 66 -8.67 5.82 -5.71
CA GLU A 66 -9.18 5.17 -6.91
C GLU A 66 -9.34 3.67 -6.69
N LEU A 67 -8.33 3.06 -6.07
CA LEU A 67 -8.36 1.63 -5.80
C LEU A 67 -8.36 1.35 -4.30
N PRO A 68 -9.56 1.17 -3.74
CA PRO A 68 -9.74 0.90 -2.31
C PRO A 68 -9.24 -0.50 -1.92
N GLN A 69 -9.30 -1.42 -2.87
CA GLN A 69 -8.86 -2.79 -2.62
C GLN A 69 -7.35 -2.84 -2.37
N VAL A 70 -6.63 -1.87 -2.93
CA VAL A 70 -5.18 -1.81 -2.76
C VAL A 70 -4.82 -1.23 -1.40
N SER A 71 -3.68 -1.65 -0.87
CA SER A 71 -3.22 -1.17 0.43
C SER A 71 -1.90 -0.39 0.29
N PHE A 72 -1.99 0.92 0.43
CA PHE A 72 -0.83 1.79 0.32
C PHE A 72 -0.24 2.09 1.69
N VAL A 73 1.06 1.87 1.85
CA VAL A 73 1.74 2.12 3.11
C VAL A 73 3.10 2.77 2.88
N LYS A 74 3.29 3.96 3.46
CA LYS A 74 4.55 4.68 3.33
C LYS A 74 5.41 4.53 4.59
N LEU A 75 6.67 4.20 4.39
CA LEU A 75 7.60 4.04 5.52
C LEU A 75 8.83 4.93 5.35
N GLU A 76 9.29 5.51 6.45
CA GLU A 76 10.45 6.38 6.43
C GLU A 76 11.73 5.58 6.56
N ALA A 77 12.51 5.50 5.47
CA ALA A 77 13.75 4.75 5.48
C ALA A 77 14.55 5.02 6.75
N GLU A 78 14.56 6.28 7.19
CA GLU A 78 15.29 6.66 8.39
C GLU A 78 14.45 6.40 9.64
N GLY A 79 13.13 6.44 9.48
CA GLY A 79 12.24 6.19 10.59
C GLY A 79 12.23 4.74 11.03
N VAL A 80 11.97 3.85 10.09
CA VAL A 80 11.93 2.42 10.38
C VAL A 80 13.11 1.70 9.73
N PRO A 81 14.26 1.73 10.40
CA PRO A 81 15.49 1.09 9.92
C PRO A 81 15.40 -0.44 9.97
N GLU A 82 14.66 -0.95 10.94
CA GLU A 82 14.48 -2.38 11.10
C GLU A 82 14.18 -3.04 9.76
N VAL A 83 13.16 -2.53 9.07
CA VAL A 83 12.76 -3.06 7.78
C VAL A 83 13.74 -2.65 6.68
N SER A 84 14.02 -1.35 6.60
CA SER A 84 14.94 -0.82 5.60
C SER A 84 16.18 -1.69 5.49
N GLU A 85 16.62 -2.23 6.63
CA GLU A 85 17.81 -3.08 6.67
C GLU A 85 17.53 -4.42 6.00
N LYS A 86 16.49 -5.11 6.45
CA LYS A 86 16.11 -6.41 5.90
C LYS A 86 16.21 -6.39 4.38
N TYR A 87 15.41 -5.54 3.74
CA TYR A 87 15.40 -5.44 2.30
C TYR A 87 16.59 -4.61 1.80
N GLU A 88 17.23 -3.89 2.73
CA GLU A 88 18.38 -3.05 2.39
C GLU A 88 17.94 -1.88 1.51
N ILE A 89 16.85 -1.24 1.88
CA ILE A 89 16.34 -0.10 1.12
C ILE A 89 17.15 1.16 1.41
N SER A 90 18.21 1.38 0.65
CA SER A 90 19.06 2.54 0.83
C SER A 90 18.94 3.50 -0.36
N SER A 91 17.71 3.67 -0.84
CA SER A 91 17.45 4.55 -1.98
C SER A 91 15.97 4.93 -2.05
N VAL A 92 15.71 6.16 -2.45
CA VAL A 92 14.33 6.65 -2.57
C VAL A 92 14.19 7.62 -3.74
N PRO A 93 12.99 7.66 -4.33
CA PRO A 93 11.87 6.83 -3.89
C PRO A 93 12.08 5.35 -4.21
N THR A 94 11.33 4.49 -3.52
CA THR A 94 11.44 3.05 -3.73
C THR A 94 10.20 2.32 -3.21
N PHE A 95 9.50 1.64 -4.10
CA PHE A 95 8.30 0.91 -3.74
C PHE A 95 8.59 -0.59 -3.62
N LEU A 96 7.79 -1.28 -2.81
CA LEU A 96 7.96 -2.71 -2.61
C LEU A 96 6.60 -3.42 -2.52
N PHE A 97 6.23 -4.12 -3.58
CA PHE A 97 4.98 -4.84 -3.62
C PHE A 97 5.07 -6.15 -2.85
N PHE A 98 4.17 -6.34 -1.88
CA PHE A 98 4.16 -7.55 -1.07
C PHE A 98 2.82 -8.28 -1.22
N LYS A 99 2.87 -9.45 -1.85
CA LYS A 99 1.66 -10.24 -2.06
C LYS A 99 1.72 -11.54 -1.25
N ASN A 100 0.93 -11.60 -0.19
CA ASN A 100 0.88 -12.78 0.67
C ASN A 100 2.17 -12.90 1.48
N SER A 101 2.66 -11.77 1.98
CA SER A 101 3.87 -11.74 2.78
C SER A 101 5.08 -12.18 1.94
N GLN A 102 5.05 -11.84 0.65
CA GLN A 102 6.13 -12.18 -0.25
C GLN A 102 6.27 -11.15 -1.37
N LYS A 103 7.49 -10.65 -1.54
CA LYS A 103 7.76 -9.65 -2.57
C LYS A 103 7.62 -10.25 -3.97
N ILE A 104 6.93 -9.53 -4.84
CA ILE A 104 6.73 -9.99 -6.21
C ILE A 104 7.21 -8.94 -7.22
N ASP A 105 7.07 -7.68 -6.87
CA ASP A 105 7.49 -6.59 -7.73
C ASP A 105 8.24 -5.51 -6.95
N ARG A 106 8.85 -4.58 -7.66
CA ARG A 106 9.60 -3.51 -7.03
C ARG A 106 9.84 -2.35 -7.99
N LEU A 107 9.38 -1.17 -7.62
CA LEU A 107 9.54 0.02 -8.46
C LEU A 107 10.56 0.98 -7.86
N ASP A 108 11.60 1.29 -8.64
CA ASP A 108 12.64 2.20 -8.19
C ASP A 108 12.70 3.43 -9.07
N GLY A 109 12.74 4.60 -8.44
CA GLY A 109 12.80 5.85 -9.18
C GLY A 109 11.46 6.56 -9.21
N ALA A 110 11.48 7.85 -8.87
CA ALA A 110 10.26 8.65 -8.86
C ALA A 110 9.51 8.54 -10.19
N HIS A 111 8.44 7.76 -10.19
CA HIS A 111 7.63 7.56 -11.39
C HIS A 111 6.15 7.70 -11.08
N ALA A 112 5.52 8.72 -11.64
CA ALA A 112 4.10 8.96 -11.44
C ALA A 112 3.25 7.89 -12.11
N PRO A 113 3.41 7.77 -13.44
CA PRO A 113 2.68 6.78 -14.24
C PRO A 113 3.11 5.35 -13.95
N GLU A 114 4.42 5.11 -14.00
CA GLU A 114 4.95 3.78 -13.73
C GLU A 114 4.36 3.19 -12.46
N LEU A 115 4.26 4.01 -11.42
CA LEU A 115 3.71 3.58 -10.14
C LEU A 115 2.31 3.00 -10.32
N THR A 116 1.40 3.84 -10.78
CA THR A 116 0.02 3.42 -11.01
C THR A 116 -0.05 2.14 -11.83
N LYS A 117 0.62 2.16 -12.98
CA LYS A 117 0.65 0.99 -13.86
C LYS A 117 0.93 -0.28 -13.08
N LYS A 118 2.09 -0.34 -12.43
CA LYS A 118 2.47 -1.49 -11.64
C LYS A 118 1.42 -1.81 -10.58
N VAL A 119 1.03 -0.78 -9.83
CA VAL A 119 0.02 -0.95 -8.78
C VAL A 119 -1.22 -1.67 -9.32
N GLN A 120 -1.91 -1.04 -10.26
CA GLN A 120 -3.11 -1.62 -10.84
C GLN A 120 -2.85 -3.05 -11.31
N ARG A 121 -1.85 -3.21 -12.19
CA ARG A 121 -1.51 -4.52 -12.71
C ARG A 121 -1.50 -5.56 -11.60
N HIS A 122 -0.61 -5.38 -10.62
CA HIS A 122 -0.49 -6.30 -9.51
C HIS A 122 -1.81 -6.37 -8.72
N ALA A 123 -2.60 -5.31 -8.83
CA ALA A 123 -3.88 -5.25 -8.13
C ALA A 123 -4.98 -5.93 -8.94
N SER A 124 -4.58 -6.86 -9.81
CA SER A 124 -5.54 -7.58 -10.64
C SER A 124 -6.59 -6.63 -11.22
N SER A 125 -6.15 -5.44 -11.59
CA SER A 125 -7.05 -4.43 -12.15
C SER A 125 -7.23 -4.64 -13.65
N GLY A 126 -8.29 -5.37 -14.02
CA GLY A 126 -8.55 -5.63 -15.41
C GLY A 126 -8.19 -7.05 -15.82
N PRO A 127 -9.20 -7.93 -15.85
CA PRO A 127 -9.02 -9.34 -16.22
C PRO A 127 -8.69 -9.52 -17.70
N SER A 128 -7.41 -9.75 -17.99
CA SER A 128 -6.97 -9.94 -19.36
C SER A 128 -7.76 -9.03 -20.31
N SER A 129 -7.99 -7.80 -19.89
CA SER A 129 -8.74 -6.84 -20.70
C SER A 129 -7.84 -5.69 -21.14
N GLY A 130 -7.89 -5.37 -22.43
CA GLY A 130 -7.09 -4.28 -22.96
C GLY A 130 -7.58 -3.80 -24.31
N GLY A 1 -50.32 -4.17 -11.86
CA GLY A 1 -48.94 -4.57 -11.63
C GLY A 1 -48.06 -3.39 -11.25
N SER A 2 -47.50 -3.44 -10.05
CA SER A 2 -46.63 -2.37 -9.57
C SER A 2 -45.99 -2.74 -8.24
N SER A 3 -44.70 -2.45 -8.10
CA SER A 3 -43.97 -2.76 -6.88
C SER A 3 -42.70 -1.92 -6.78
N GLY A 4 -42.05 -1.98 -5.62
CA GLY A 4 -40.83 -1.21 -5.42
C GLY A 4 -39.62 -2.10 -5.26
N SER A 5 -38.44 -1.53 -5.44
CA SER A 5 -37.19 -2.27 -5.32
C SER A 5 -36.00 -1.33 -5.12
N SER A 6 -34.91 -1.87 -4.60
CA SER A 6 -33.71 -1.08 -4.36
C SER A 6 -32.47 -1.97 -4.35
N GLY A 7 -31.30 -1.34 -4.31
CA GLY A 7 -30.05 -2.08 -4.29
C GLY A 7 -28.90 -1.29 -4.89
N MET A 8 -28.36 -0.36 -4.11
CA MET A 8 -27.25 0.46 -4.56
C MET A 8 -25.99 0.18 -3.74
N ALA A 9 -24.96 -0.34 -4.40
CA ALA A 9 -23.70 -0.65 -3.73
C ALA A 9 -22.59 -0.94 -4.74
N ALA A 10 -21.35 -0.79 -4.30
CA ALA A 10 -20.20 -1.02 -5.17
C ALA A 10 -19.76 -2.49 -5.10
N GLY A 11 -19.50 -2.96 -3.89
CA GLY A 11 -19.07 -4.33 -3.71
C GLY A 11 -18.05 -4.49 -2.60
N ALA A 12 -18.35 -5.36 -1.63
CA ALA A 12 -17.46 -5.59 -0.51
C ALA A 12 -16.94 -4.27 0.06
N ALA A 13 -17.82 -3.29 0.17
CA ALA A 13 -17.45 -1.99 0.70
C ALA A 13 -17.45 -1.99 2.22
N GLU A 14 -16.93 -3.08 2.81
CA GLU A 14 -16.88 -3.21 4.26
C GLU A 14 -15.47 -2.91 4.77
N ALA A 15 -15.39 -2.09 5.82
CA ALA A 15 -14.10 -1.73 6.40
C ALA A 15 -13.06 -1.46 5.33
N ALA A 16 -13.47 -0.77 4.27
CA ALA A 16 -12.58 -0.44 3.17
C ALA A 16 -11.88 0.89 3.41
N VAL A 17 -10.55 0.86 3.42
CA VAL A 17 -9.76 2.07 3.65
C VAL A 17 -8.90 2.38 2.43
N ALA A 18 -8.84 3.67 2.07
CA ALA A 18 -8.05 4.11 0.93
C ALA A 18 -7.13 5.26 1.31
N ALA A 19 -6.53 5.17 2.49
CA ALA A 19 -5.63 6.21 2.98
C ALA A 19 -4.21 5.66 3.15
N VAL A 20 -3.23 6.55 3.04
CA VAL A 20 -1.82 6.16 3.18
C VAL A 20 -1.39 6.19 4.65
N GLU A 21 -1.30 5.01 5.26
CA GLU A 21 -0.90 4.91 6.66
C GLU A 21 0.61 5.12 6.80
N GLU A 22 1.00 5.75 7.91
CA GLU A 22 2.41 6.01 8.17
C GLU A 22 3.00 4.94 9.08
N VAL A 23 3.86 4.10 8.51
CA VAL A 23 4.51 3.03 9.27
C VAL A 23 5.80 3.51 9.92
N GLY A 24 5.73 3.77 11.22
CA GLY A 24 6.90 4.25 11.95
C GLY A 24 7.50 3.17 12.82
N SER A 25 7.39 1.92 12.39
CA SER A 25 7.92 0.79 13.15
C SER A 25 7.86 -0.49 12.33
N ALA A 26 8.93 -1.28 12.40
CA ALA A 26 8.99 -2.54 11.67
C ALA A 26 7.84 -3.47 12.06
N GLY A 27 7.53 -3.49 13.35
CA GLY A 27 6.45 -4.34 13.83
C GLY A 27 5.14 -4.06 13.14
N GLN A 28 4.80 -2.77 13.02
CA GLN A 28 3.55 -2.37 12.37
C GLN A 28 3.46 -2.96 10.96
N PHE A 29 4.53 -2.77 10.18
CA PHE A 29 4.56 -3.27 8.82
C PHE A 29 4.39 -4.79 8.79
N GLU A 30 5.35 -5.49 9.39
CA GLU A 30 5.32 -6.95 9.43
C GLU A 30 3.95 -7.44 9.88
N GLU A 31 3.34 -6.74 10.83
CA GLU A 31 2.03 -7.11 11.34
C GLU A 31 0.95 -6.91 10.28
N LEU A 32 1.10 -5.85 9.50
CA LEU A 32 0.14 -5.54 8.44
C LEU A 32 0.25 -6.54 7.30
N LEU A 33 1.47 -6.96 7.00
CA LEU A 33 1.72 -7.92 5.93
C LEU A 33 0.64 -9.00 5.91
N ARG A 34 0.30 -9.51 7.09
CA ARG A 34 -0.73 -10.54 7.21
C ARG A 34 -2.13 -9.95 7.05
N LEU A 35 -2.32 -8.74 7.59
CA LEU A 35 -3.60 -8.06 7.50
C LEU A 35 -4.00 -7.81 6.06
N LYS A 36 -3.10 -7.15 5.32
CA LYS A 36 -3.35 -6.84 3.92
C LYS A 36 -2.66 -7.85 3.01
N ALA A 37 -2.69 -9.12 3.41
CA ALA A 37 -2.05 -10.18 2.62
C ALA A 37 -2.90 -10.52 1.39
N LYS A 38 -4.14 -10.93 1.63
CA LYS A 38 -5.04 -11.30 0.54
C LYS A 38 -5.05 -10.22 -0.54
N SER A 39 -5.04 -8.96 -0.11
CA SER A 39 -5.05 -7.84 -1.04
C SER A 39 -3.63 -7.47 -1.47
N LEU A 40 -3.52 -6.47 -2.33
CA LEU A 40 -2.22 -6.02 -2.82
C LEU A 40 -1.68 -4.88 -1.95
N LEU A 41 -0.55 -5.14 -1.29
CA LEU A 41 0.07 -4.15 -0.43
C LEU A 41 1.15 -3.37 -1.19
N VAL A 42 1.37 -2.13 -0.80
CA VAL A 42 2.37 -1.28 -1.43
C VAL A 42 3.16 -0.50 -0.40
N VAL A 43 4.46 -0.81 -0.29
CA VAL A 43 5.33 -0.14 0.66
C VAL A 43 6.23 0.88 -0.04
N HIS A 44 5.87 2.16 0.07
CA HIS A 44 6.64 3.23 -0.55
C HIS A 44 7.63 3.82 0.44
N PHE A 45 8.91 3.80 0.08
CA PHE A 45 9.96 4.34 0.93
C PHE A 45 10.03 5.85 0.82
N TRP A 46 9.57 6.53 1.86
CA TRP A 46 9.58 8.00 1.89
C TRP A 46 10.66 8.53 2.82
N ALA A 47 11.41 9.51 2.35
CA ALA A 47 12.48 10.11 3.15
C ALA A 47 12.38 11.63 3.16
N PRO A 48 12.74 12.24 4.30
CA PRO A 48 12.68 13.69 4.46
C PRO A 48 13.75 14.41 3.64
N TRP A 49 14.79 13.66 3.25
CA TRP A 49 15.88 14.22 2.45
C TRP A 49 15.73 13.84 0.98
N ALA A 50 14.50 13.48 0.59
CA ALA A 50 14.23 13.10 -0.79
C ALA A 50 13.01 13.83 -1.33
N PRO A 51 13.24 14.74 -2.28
CA PRO A 51 12.16 15.52 -2.90
C PRO A 51 11.26 14.67 -3.79
N GLN A 52 11.89 13.85 -4.64
CA GLN A 52 11.14 12.99 -5.55
C GLN A 52 10.04 12.24 -4.80
N CYS A 53 10.28 11.95 -3.54
CA CYS A 53 9.31 11.24 -2.71
C CYS A 53 8.05 12.07 -2.51
N ALA A 54 8.23 13.34 -2.17
CA ALA A 54 7.10 14.24 -1.96
C ALA A 54 5.98 13.94 -2.93
N GLN A 55 6.19 14.24 -4.20
CA GLN A 55 5.18 14.00 -5.24
C GLN A 55 4.76 12.54 -5.26
N MET A 56 5.72 11.64 -5.05
CA MET A 56 5.44 10.21 -5.04
C MET A 56 4.45 9.86 -3.94
N ASN A 57 4.33 10.73 -2.96
CA ASN A 57 3.39 10.51 -1.85
C ASN A 57 1.99 10.94 -2.23
N GLU A 58 1.83 12.23 -2.55
CA GLU A 58 0.52 12.76 -2.92
C GLU A 58 -0.11 11.93 -4.03
N VAL A 59 0.73 11.34 -4.87
CA VAL A 59 0.25 10.51 -5.97
C VAL A 59 -0.46 9.27 -5.45
N MET A 60 0.12 8.61 -4.47
CA MET A 60 -0.47 7.41 -3.89
C MET A 60 -1.82 7.71 -3.28
N ALA A 61 -1.92 8.83 -2.57
CA ALA A 61 -3.17 9.24 -1.94
C ALA A 61 -4.35 9.00 -2.86
N GLU A 62 -4.24 9.48 -4.10
CA GLU A 62 -5.31 9.32 -5.08
C GLU A 62 -5.49 7.84 -5.44
N LEU A 63 -4.42 7.21 -5.90
CA LEU A 63 -4.47 5.80 -6.28
C LEU A 63 -5.24 4.98 -5.25
N ALA A 64 -4.91 5.18 -3.98
CA ALA A 64 -5.59 4.46 -2.90
C ALA A 64 -7.10 4.61 -3.00
N LYS A 65 -7.55 5.83 -3.30
CA LYS A 65 -8.97 6.11 -3.42
C LYS A 65 -9.57 5.39 -4.62
N GLU A 66 -8.84 5.40 -5.74
CA GLU A 66 -9.30 4.74 -6.96
C GLU A 66 -9.40 3.24 -6.75
N LEU A 67 -8.40 2.67 -6.08
CA LEU A 67 -8.38 1.23 -5.82
C LEU A 67 -8.44 0.95 -4.31
N PRO A 68 -9.65 0.64 -3.82
CA PRO A 68 -9.88 0.35 -2.41
C PRO A 68 -9.27 -0.98 -1.99
N GLN A 69 -9.36 -1.98 -2.87
CA GLN A 69 -8.83 -3.30 -2.59
C GLN A 69 -7.34 -3.23 -2.28
N VAL A 70 -6.65 -2.29 -2.92
CA VAL A 70 -5.22 -2.11 -2.71
C VAL A 70 -4.94 -1.38 -1.40
N SER A 71 -3.78 -1.63 -0.82
CA SER A 71 -3.39 -1.01 0.44
C SER A 71 -2.06 -0.28 0.30
N PHE A 72 -2.09 1.04 0.41
CA PHE A 72 -0.88 1.84 0.30
C PHE A 72 -0.33 2.19 1.68
N VAL A 73 0.98 2.01 1.85
CA VAL A 73 1.63 2.30 3.12
C VAL A 73 3.03 2.86 2.90
N LYS A 74 3.30 4.01 3.51
CA LYS A 74 4.59 4.66 3.39
C LYS A 74 5.41 4.50 4.68
N LEU A 75 6.63 4.01 4.53
CA LEU A 75 7.52 3.81 5.68
C LEU A 75 8.76 4.68 5.56
N GLU A 76 9.10 5.37 6.66
CA GLU A 76 10.27 6.23 6.68
C GLU A 76 11.55 5.42 6.80
N ALA A 77 12.27 5.29 5.68
CA ALA A 77 13.52 4.54 5.66
C ALA A 77 14.36 4.83 6.89
N GLU A 78 14.56 6.12 7.17
CA GLU A 78 15.35 6.53 8.33
C GLU A 78 14.60 6.27 9.62
N GLY A 79 13.27 6.26 9.55
CA GLY A 79 12.46 6.03 10.73
C GLY A 79 12.53 4.59 11.20
N VAL A 80 12.37 3.65 10.27
CA VAL A 80 12.41 2.23 10.59
C VAL A 80 13.62 1.57 9.96
N PRO A 81 14.79 1.68 10.63
CA PRO A 81 16.04 1.09 10.15
C PRO A 81 16.03 -0.44 10.22
N GLU A 82 15.14 -0.98 11.05
CA GLU A 82 15.03 -2.42 11.22
C GLU A 82 14.60 -3.09 9.92
N VAL A 83 13.56 -2.54 9.29
CA VAL A 83 13.05 -3.09 8.03
C VAL A 83 13.98 -2.75 6.88
N SER A 84 14.18 -1.46 6.64
CA SER A 84 15.05 -1.02 5.55
C SER A 84 16.26 -1.92 5.41
N GLU A 85 16.85 -2.29 6.54
CA GLU A 85 18.02 -3.17 6.53
C GLU A 85 17.66 -4.55 6.02
N LYS A 86 16.56 -5.10 6.51
CA LYS A 86 16.11 -6.42 6.09
C LYS A 86 16.10 -6.54 4.58
N TYR A 87 15.60 -5.51 3.91
CA TYR A 87 15.53 -5.50 2.45
C TYR A 87 16.71 -4.75 1.86
N GLU A 88 17.46 -4.05 2.72
CA GLU A 88 18.62 -3.29 2.28
C GLU A 88 18.20 -2.17 1.32
N ILE A 89 17.16 -1.44 1.70
CA ILE A 89 16.66 -0.34 0.88
C ILE A 89 17.44 0.94 1.15
N SER A 90 18.58 1.09 0.49
CA SER A 90 19.42 2.27 0.66
C SER A 90 19.22 3.25 -0.50
N SER A 91 17.98 3.40 -0.93
CA SER A 91 17.65 4.30 -2.03
C SER A 91 16.18 4.68 -2.00
N VAL A 92 15.89 5.93 -2.31
CA VAL A 92 14.52 6.43 -2.32
C VAL A 92 14.31 7.46 -3.43
N PRO A 93 13.08 7.55 -3.94
CA PRO A 93 11.97 6.71 -3.47
C PRO A 93 12.14 5.25 -3.88
N THR A 94 11.36 4.37 -3.25
CA THR A 94 11.43 2.94 -3.55
C THR A 94 10.17 2.22 -3.08
N PHE A 95 9.40 1.71 -4.04
CA PHE A 95 8.17 1.00 -3.73
C PHE A 95 8.40 -0.51 -3.67
N LEU A 96 7.73 -1.17 -2.74
CA LEU A 96 7.87 -2.61 -2.57
C LEU A 96 6.51 -3.29 -2.55
N PHE A 97 6.17 -3.97 -3.65
CA PHE A 97 4.89 -4.66 -3.75
C PHE A 97 4.93 -6.00 -3.02
N PHE A 98 4.05 -6.15 -2.04
CA PHE A 98 3.99 -7.38 -1.25
C PHE A 98 2.61 -8.02 -1.35
N LYS A 99 2.56 -9.23 -1.90
CA LYS A 99 1.30 -9.95 -2.06
C LYS A 99 1.27 -11.19 -1.16
N ASN A 100 0.22 -11.29 -0.35
CA ASN A 100 0.07 -12.43 0.55
C ASN A 100 1.32 -12.62 1.40
N SER A 101 1.91 -11.51 1.83
CA SER A 101 3.12 -11.55 2.64
C SER A 101 4.30 -12.10 1.85
N GLN A 102 4.34 -11.76 0.56
CA GLN A 102 5.42 -12.23 -0.31
C GLN A 102 5.64 -11.25 -1.46
N LYS A 103 6.85 -10.69 -1.53
CA LYS A 103 7.19 -9.75 -2.57
C LYS A 103 7.10 -10.39 -3.95
N ILE A 104 6.49 -9.69 -4.90
CA ILE A 104 6.34 -10.20 -6.25
C ILE A 104 6.95 -9.24 -7.27
N ASP A 105 7.02 -7.96 -6.92
CA ASP A 105 7.59 -6.95 -7.79
C ASP A 105 8.17 -5.80 -6.99
N ARG A 106 8.82 -4.87 -7.68
CA ARG A 106 9.43 -3.72 -7.03
C ARG A 106 9.73 -2.62 -8.04
N LEU A 107 9.43 -1.38 -7.66
CA LEU A 107 9.67 -0.23 -8.53
C LEU A 107 10.84 0.60 -8.04
N ASP A 108 11.92 0.61 -8.81
CA ASP A 108 13.12 1.37 -8.45
C ASP A 108 13.11 2.74 -9.12
N GLY A 109 13.33 3.78 -8.33
CA GLY A 109 13.35 5.13 -8.88
C GLY A 109 11.98 5.79 -8.85
N ALA A 110 11.95 7.11 -8.73
CA ALA A 110 10.70 7.86 -8.70
C ALA A 110 10.01 7.84 -10.06
N HIS A 111 8.75 7.43 -10.06
CA HIS A 111 7.97 7.36 -11.30
C HIS A 111 6.49 7.52 -11.02
N ALA A 112 5.90 8.58 -11.55
CA ALA A 112 4.47 8.84 -11.35
C ALA A 112 3.62 7.86 -12.15
N PRO A 113 3.82 7.83 -13.48
CA PRO A 113 3.07 6.95 -14.37
C PRO A 113 3.47 5.49 -14.19
N GLU A 114 4.76 5.24 -14.06
CA GLU A 114 5.27 3.88 -13.87
C GLU A 114 4.65 3.23 -12.64
N LEU A 115 4.50 4.02 -11.59
CA LEU A 115 3.92 3.52 -10.33
C LEU A 115 2.52 2.97 -10.57
N THR A 116 1.66 3.79 -11.16
CA THR A 116 0.28 3.39 -11.44
C THR A 116 0.25 2.11 -12.26
N LYS A 117 0.98 2.09 -13.36
CA LYS A 117 1.03 0.92 -14.23
C LYS A 117 1.19 -0.36 -13.42
N LYS A 118 2.27 -0.44 -12.66
CA LYS A 118 2.54 -1.61 -11.83
C LYS A 118 1.40 -1.85 -10.84
N VAL A 119 0.97 -0.78 -10.19
CA VAL A 119 -0.12 -0.87 -9.22
C VAL A 119 -1.34 -1.57 -9.82
N GLN A 120 -1.91 -0.96 -10.86
CA GLN A 120 -3.07 -1.52 -11.53
C GLN A 120 -2.81 -2.96 -11.98
N ARG A 121 -1.74 -3.15 -12.74
CA ARG A 121 -1.38 -4.46 -13.25
C ARG A 121 -1.41 -5.50 -12.13
N HIS A 122 -0.65 -5.23 -11.06
CA HIS A 122 -0.59 -6.14 -9.93
C HIS A 122 -1.94 -6.21 -9.21
N ALA A 123 -2.72 -5.14 -9.34
CA ALA A 123 -4.03 -5.07 -8.70
C ALA A 123 -5.09 -5.76 -9.56
N SER A 124 -4.64 -6.67 -10.42
CA SER A 124 -5.55 -7.40 -11.29
C SER A 124 -6.52 -6.44 -11.99
N SER A 125 -5.99 -5.31 -12.42
CA SER A 125 -6.81 -4.29 -13.10
C SER A 125 -8.20 -4.23 -12.49
N GLY A 126 -8.27 -4.31 -11.16
CA GLY A 126 -9.55 -4.26 -10.48
C GLY A 126 -9.69 -5.33 -9.43
N PRO A 127 -10.77 -5.26 -8.63
CA PRO A 127 -11.04 -6.23 -7.57
C PRO A 127 -11.40 -7.60 -8.11
N SER A 128 -11.37 -7.75 -9.43
CA SER A 128 -11.69 -9.02 -10.07
C SER A 128 -11.12 -10.19 -9.28
N SER A 129 -12.00 -10.93 -8.62
CA SER A 129 -11.59 -12.08 -7.82
C SER A 129 -12.37 -13.32 -8.21
N GLY A 130 -11.89 -14.48 -7.78
CA GLY A 130 -12.56 -15.73 -8.08
C GLY A 130 -11.67 -16.69 -8.85
N GLY A 1 -48.35 -16.79 23.41
CA GLY A 1 -48.22 -16.73 21.96
C GLY A 1 -46.87 -16.20 21.52
N SER A 2 -45.91 -17.09 21.36
CA SER A 2 -44.56 -16.70 20.94
C SER A 2 -44.60 -16.02 19.58
N SER A 3 -43.46 -15.45 19.18
CA SER A 3 -43.36 -14.77 17.90
C SER A 3 -41.98 -14.98 17.28
N GLY A 4 -41.96 -15.27 15.98
CA GLY A 4 -40.72 -15.50 15.29
C GLY A 4 -39.96 -14.21 15.00
N SER A 5 -38.64 -14.26 15.08
CA SER A 5 -37.81 -13.09 14.83
C SER A 5 -36.85 -13.34 13.68
N SER A 6 -36.91 -12.49 12.66
CA SER A 6 -36.04 -12.61 11.50
C SER A 6 -34.88 -11.63 11.57
N GLY A 7 -33.68 -12.16 11.83
CA GLY A 7 -32.50 -11.31 11.92
C GLY A 7 -31.36 -11.82 11.08
N MET A 8 -31.39 -11.52 9.79
CA MET A 8 -30.33 -11.96 8.88
C MET A 8 -29.37 -10.82 8.57
N ALA A 9 -28.36 -10.66 9.41
CA ALA A 9 -27.37 -9.61 9.22
C ALA A 9 -26.01 -10.19 8.84
N ALA A 10 -25.82 -10.44 7.55
CA ALA A 10 -24.56 -11.00 7.06
C ALA A 10 -23.74 -9.93 6.34
N GLY A 11 -22.91 -9.22 7.10
CA GLY A 11 -22.08 -8.19 6.51
C GLY A 11 -22.82 -7.38 5.46
N ALA A 12 -23.92 -6.75 5.86
CA ALA A 12 -24.71 -5.94 4.95
C ALA A 12 -24.25 -4.49 4.96
N ALA A 13 -22.95 -4.27 4.73
CA ALA A 13 -22.39 -2.93 4.71
C ALA A 13 -20.92 -2.96 4.28
N GLU A 14 -20.63 -2.29 3.16
CA GLU A 14 -19.26 -2.25 2.65
C GLU A 14 -18.41 -1.27 3.45
N ALA A 15 -17.10 -1.48 3.42
CA ALA A 15 -16.17 -0.62 4.15
C ALA A 15 -14.77 -0.70 3.56
N ALA A 16 -14.13 0.45 3.38
CA ALA A 16 -12.78 0.49 2.83
C ALA A 16 -12.21 1.90 2.89
N VAL A 17 -10.92 2.00 3.20
CA VAL A 17 -10.25 3.30 3.29
C VAL A 17 -9.18 3.44 2.21
N ALA A 18 -9.29 4.51 1.43
CA ALA A 18 -8.32 4.77 0.37
C ALA A 18 -7.32 5.85 0.78
N ALA A 19 -6.68 5.65 1.92
CA ALA A 19 -5.70 6.61 2.42
C ALA A 19 -4.34 5.94 2.65
N VAL A 20 -3.29 6.73 2.56
CA VAL A 20 -1.93 6.22 2.75
C VAL A 20 -1.56 6.19 4.23
N GLU A 21 -1.51 4.99 4.80
CA GLU A 21 -1.17 4.83 6.21
C GLU A 21 0.32 5.06 6.43
N GLU A 22 0.66 5.62 7.59
CA GLU A 22 2.05 5.90 7.93
C GLU A 22 2.62 4.80 8.81
N VAL A 23 3.78 4.26 8.41
CA VAL A 23 4.43 3.20 9.17
C VAL A 23 5.75 3.68 9.76
N GLY A 24 5.81 3.74 11.09
CA GLY A 24 7.02 4.19 11.76
C GLY A 24 7.58 3.13 12.69
N SER A 25 7.42 1.87 12.32
CA SER A 25 7.92 0.76 13.13
C SER A 25 7.89 -0.54 12.34
N ALA A 26 8.98 -1.30 12.42
CA ALA A 26 9.09 -2.58 11.71
C ALA A 26 7.96 -3.52 12.12
N GLY A 27 7.66 -3.55 13.42
CA GLY A 27 6.62 -4.42 13.92
C GLY A 27 5.28 -4.15 13.26
N GLN A 28 5.00 -2.88 12.98
CA GLN A 28 3.75 -2.50 12.35
C GLN A 28 3.66 -3.06 10.93
N PHE A 29 4.71 -2.86 10.15
CA PHE A 29 4.76 -3.35 8.77
C PHE A 29 4.64 -4.87 8.74
N GLU A 30 5.54 -5.54 9.44
CA GLU A 30 5.54 -7.00 9.49
C GLU A 30 4.21 -7.53 9.97
N GLU A 31 3.57 -6.80 10.87
CA GLU A 31 2.28 -7.20 11.42
C GLU A 31 1.18 -7.07 10.37
N LEU A 32 1.16 -5.93 9.69
CA LEU A 32 0.16 -5.68 8.64
C LEU A 32 0.25 -6.73 7.54
N LEU A 33 1.47 -7.02 7.09
CA LEU A 33 1.69 -8.00 6.05
C LEU A 33 0.72 -9.17 6.19
N ARG A 34 0.38 -9.50 7.43
CA ARG A 34 -0.55 -10.60 7.71
C ARG A 34 -1.98 -10.17 7.48
N LEU A 35 -2.35 -9.01 8.04
CA LEU A 35 -3.70 -8.49 7.91
C LEU A 35 -4.05 -8.25 6.43
N LYS A 36 -3.23 -7.44 5.77
CA LYS A 36 -3.45 -7.12 4.36
C LYS A 36 -2.71 -8.10 3.46
N ALA A 37 -2.71 -9.38 3.85
CA ALA A 37 -2.04 -10.41 3.08
C ALA A 37 -2.75 -10.64 1.74
N LYS A 38 -3.97 -11.14 1.81
CA LYS A 38 -4.75 -11.40 0.60
C LYS A 38 -4.83 -10.16 -0.29
N SER A 39 -4.97 -9.00 0.36
CA SER A 39 -5.06 -7.74 -0.38
C SER A 39 -3.69 -7.29 -0.86
N LEU A 40 -3.68 -6.37 -1.81
CA LEU A 40 -2.43 -5.85 -2.37
C LEU A 40 -1.86 -4.76 -1.48
N LEU A 41 -0.60 -4.92 -1.10
CA LEU A 41 0.08 -3.94 -0.24
C LEU A 41 1.16 -3.19 -1.03
N VAL A 42 1.37 -1.93 -0.68
CA VAL A 42 2.38 -1.11 -1.34
C VAL A 42 3.21 -0.33 -0.32
N VAL A 43 4.47 -0.71 -0.18
CA VAL A 43 5.36 -0.04 0.76
C VAL A 43 6.18 1.03 0.07
N HIS A 44 5.79 2.29 0.26
CA HIS A 44 6.50 3.42 -0.36
C HIS A 44 7.57 3.96 0.59
N PHE A 45 8.82 3.93 0.15
CA PHE A 45 9.93 4.42 0.95
C PHE A 45 10.05 5.94 0.84
N TRP A 46 9.95 6.61 1.98
CA TRP A 46 10.04 8.07 2.01
C TRP A 46 11.14 8.53 2.97
N ALA A 47 12.03 9.39 2.49
CA ALA A 47 13.12 9.90 3.29
C ALA A 47 12.94 11.39 3.59
N PRO A 48 13.31 11.80 4.82
CA PRO A 48 13.20 13.19 5.25
C PRO A 48 14.19 14.10 4.53
N TRP A 49 15.08 13.51 3.75
CA TRP A 49 16.09 14.26 3.01
C TRP A 49 15.71 14.36 1.54
N ALA A 50 15.06 13.32 1.03
CA ALA A 50 14.65 13.29 -0.37
C ALA A 50 13.26 13.91 -0.54
N PRO A 51 13.22 15.10 -1.17
CA PRO A 51 11.97 15.82 -1.41
C PRO A 51 11.10 15.13 -2.45
N GLN A 52 11.72 14.29 -3.28
CA GLN A 52 11.00 13.57 -4.32
C GLN A 52 9.84 12.79 -3.73
N CYS A 53 9.96 12.42 -2.46
CA CYS A 53 8.91 11.67 -1.78
C CYS A 53 7.59 12.43 -1.78
N ALA A 54 7.67 13.73 -2.04
CA ALA A 54 6.48 14.58 -2.08
C ALA A 54 5.51 14.12 -3.16
N GLN A 55 5.90 14.29 -4.42
CA GLN A 55 5.06 13.89 -5.54
C GLN A 55 4.69 12.42 -5.44
N MET A 56 5.64 11.60 -5.01
CA MET A 56 5.40 10.16 -4.87
C MET A 56 4.27 9.89 -3.90
N ASN A 57 4.10 10.77 -2.91
CA ASN A 57 3.05 10.62 -1.92
C ASN A 57 1.69 10.99 -2.51
N GLU A 58 1.66 12.06 -3.30
CA GLU A 58 0.43 12.52 -3.92
C GLU A 58 -0.09 11.49 -4.93
N VAL A 59 0.82 10.97 -5.74
CA VAL A 59 0.46 9.98 -6.75
C VAL A 59 -0.23 8.77 -6.12
N MET A 60 0.26 8.35 -4.95
CA MET A 60 -0.32 7.22 -4.25
C MET A 60 -1.70 7.56 -3.70
N ALA A 61 -1.80 8.69 -3.02
CA ALA A 61 -3.06 9.14 -2.45
C ALA A 61 -4.22 8.89 -3.42
N GLU A 62 -4.07 9.37 -4.64
CA GLU A 62 -5.10 9.19 -5.67
C GLU A 62 -5.34 7.70 -5.94
N LEU A 63 -4.28 6.99 -6.26
CA LEU A 63 -4.37 5.56 -6.54
C LEU A 63 -5.29 4.86 -5.54
N ALA A 64 -4.92 4.94 -4.26
CA ALA A 64 -5.71 4.32 -3.20
C ALA A 64 -7.20 4.49 -3.46
N LYS A 65 -7.59 5.71 -3.84
CA LYS A 65 -8.99 6.00 -4.12
C LYS A 65 -9.49 5.20 -5.31
N GLU A 66 -8.72 5.18 -6.38
CA GLU A 66 -9.09 4.44 -7.58
C GLU A 66 -9.18 2.94 -7.30
N LEU A 67 -8.28 2.45 -6.45
CA LEU A 67 -8.26 1.04 -6.09
C LEU A 67 -8.45 0.85 -4.59
N PRO A 68 -9.71 0.70 -4.16
CA PRO A 68 -10.05 0.53 -2.75
C PRO A 68 -9.62 -0.85 -2.23
N GLN A 69 -9.39 -1.78 -3.14
CA GLN A 69 -8.97 -3.13 -2.77
C GLN A 69 -7.46 -3.18 -2.56
N VAL A 70 -6.82 -2.02 -2.58
CA VAL A 70 -5.38 -1.94 -2.38
C VAL A 70 -5.04 -1.24 -1.07
N SER A 71 -3.83 -1.51 -0.56
CA SER A 71 -3.39 -0.91 0.69
C SER A 71 -2.04 -0.21 0.51
N PHE A 72 -2.07 1.12 0.48
CA PHE A 72 -0.85 1.91 0.31
C PHE A 72 -0.28 2.33 1.66
N VAL A 73 0.91 1.83 1.98
CA VAL A 73 1.56 2.14 3.24
C VAL A 73 2.92 2.78 3.00
N LYS A 74 3.16 3.92 3.62
CA LYS A 74 4.43 4.62 3.49
C LYS A 74 5.29 4.45 4.74
N LEU A 75 6.56 4.08 4.54
CA LEU A 75 7.48 3.89 5.64
C LEU A 75 8.72 4.76 5.48
N GLU A 76 9.32 5.14 6.61
CA GLU A 76 10.52 5.96 6.59
C GLU A 76 11.78 5.12 6.70
N ALA A 77 12.64 5.21 5.70
CA ALA A 77 13.89 4.44 5.69
C ALA A 77 14.75 4.79 6.90
N GLU A 78 14.83 6.08 7.22
CA GLU A 78 15.63 6.53 8.36
C GLU A 78 14.88 6.30 9.67
N GLY A 79 13.56 6.29 9.59
CA GLY A 79 12.74 6.08 10.78
C GLY A 79 12.67 4.62 11.19
N VAL A 80 12.70 3.73 10.19
CA VAL A 80 12.64 2.30 10.47
C VAL A 80 13.69 1.55 9.64
N PRO A 81 14.93 1.55 10.13
CA PRO A 81 16.05 0.87 9.46
C PRO A 81 15.92 -0.65 9.52
N GLU A 82 15.26 -1.15 10.57
CA GLU A 82 15.07 -2.58 10.74
C GLU A 82 14.63 -3.24 9.44
N VAL A 83 13.55 -2.72 8.86
CA VAL A 83 13.03 -3.25 7.60
C VAL A 83 13.97 -2.95 6.45
N SER A 84 14.44 -1.71 6.37
CA SER A 84 15.34 -1.30 5.30
C SER A 84 16.55 -2.23 5.23
N GLU A 85 16.99 -2.72 6.40
CA GLU A 85 18.13 -3.62 6.46
C GLU A 85 17.82 -4.95 5.78
N LYS A 86 16.81 -5.64 6.27
CA LYS A 86 16.41 -6.92 5.71
C LYS A 86 16.40 -6.87 4.18
N TYR A 87 15.63 -5.94 3.63
CA TYR A 87 15.53 -5.79 2.19
C TYR A 87 16.72 -5.01 1.65
N GLU A 88 17.44 -4.34 2.55
CA GLU A 88 18.61 -3.55 2.15
C GLU A 88 18.20 -2.40 1.24
N ILE A 89 17.10 -1.74 1.59
CA ILE A 89 16.60 -0.62 0.80
C ILE A 89 17.42 0.65 1.08
N SER A 90 18.53 0.80 0.37
CA SER A 90 19.39 1.96 0.53
C SER A 90 19.20 2.94 -0.61
N SER A 91 17.95 3.15 -1.02
CA SER A 91 17.63 4.06 -2.11
C SER A 91 16.17 4.52 -2.03
N VAL A 92 15.96 5.81 -2.23
CA VAL A 92 14.61 6.37 -2.19
C VAL A 92 14.45 7.50 -3.20
N PRO A 93 13.22 7.68 -3.69
CA PRO A 93 12.07 6.87 -3.27
C PRO A 93 12.16 5.44 -3.79
N THR A 94 11.42 4.54 -3.15
CA THR A 94 11.42 3.13 -3.55
C THR A 94 10.16 2.43 -3.06
N PHE A 95 9.40 1.86 -4.00
CA PHE A 95 8.17 1.16 -3.67
C PHE A 95 8.40 -0.35 -3.62
N LEU A 96 7.59 -1.04 -2.84
CA LEU A 96 7.71 -2.48 -2.70
C LEU A 96 6.33 -3.14 -2.66
N PHE A 97 5.96 -3.80 -3.75
CA PHE A 97 4.67 -4.48 -3.84
C PHE A 97 4.71 -5.83 -3.12
N PHE A 98 3.99 -5.92 -2.01
CA PHE A 98 3.93 -7.15 -1.23
C PHE A 98 2.56 -7.81 -1.34
N LYS A 99 2.54 -9.03 -1.87
CA LYS A 99 1.29 -9.77 -2.02
C LYS A 99 1.25 -10.98 -1.09
N ASN A 100 0.19 -11.07 -0.30
CA ASN A 100 0.03 -12.18 0.64
C ASN A 100 1.30 -12.38 1.47
N SER A 101 1.97 -11.26 1.79
CA SER A 101 3.20 -11.31 2.58
C SER A 101 4.35 -11.89 1.74
N GLN A 102 4.32 -11.62 0.45
CA GLN A 102 5.36 -12.11 -0.45
C GLN A 102 5.60 -11.13 -1.59
N LYS A 103 6.79 -10.53 -1.61
CA LYS A 103 7.14 -9.56 -2.64
C LYS A 103 6.93 -10.16 -4.03
N ILE A 104 6.26 -9.41 -4.89
CA ILE A 104 5.99 -9.86 -6.26
C ILE A 104 6.61 -8.92 -7.28
N ASP A 105 6.67 -7.63 -6.94
CA ASP A 105 7.25 -6.64 -7.83
C ASP A 105 7.81 -5.46 -7.04
N ARG A 106 8.87 -4.85 -7.55
CA ARG A 106 9.51 -3.72 -6.89
C ARG A 106 9.73 -2.58 -7.88
N LEU A 107 9.57 -1.35 -7.39
CA LEU A 107 9.77 -0.17 -8.22
C LEU A 107 10.84 0.75 -7.64
N ASP A 108 11.98 0.82 -8.30
CA ASP A 108 13.08 1.66 -7.85
C ASP A 108 13.19 2.92 -8.70
N GLY A 109 13.17 4.08 -8.06
CA GLY A 109 13.27 5.34 -8.79
C GLY A 109 11.95 6.07 -8.85
N ALA A 110 11.94 7.32 -8.38
CA ALA A 110 10.74 8.13 -8.39
C ALA A 110 10.09 8.13 -9.77
N HIS A 111 8.97 7.43 -9.90
CA HIS A 111 8.25 7.36 -11.17
C HIS A 111 6.76 7.53 -10.97
N ALA A 112 6.20 8.57 -11.58
CA ALA A 112 4.77 8.85 -11.47
C ALA A 112 3.95 7.79 -12.18
N PRO A 113 4.16 7.64 -13.50
CA PRO A 113 3.45 6.66 -14.32
C PRO A 113 3.85 5.23 -14.00
N GLU A 114 5.16 4.99 -13.93
CA GLU A 114 5.66 3.65 -13.62
C GLU A 114 4.98 3.08 -12.39
N LEU A 115 4.68 3.94 -11.42
CA LEU A 115 4.03 3.51 -10.19
C LEU A 115 2.61 3.03 -10.47
N THR A 116 1.79 3.91 -11.03
CA THR A 116 0.41 3.56 -11.35
C THR A 116 0.33 2.26 -12.13
N LYS A 117 1.20 2.11 -13.12
CA LYS A 117 1.23 0.91 -13.94
C LYS A 117 1.33 -0.34 -13.07
N LYS A 118 2.40 -0.43 -12.29
CA LYS A 118 2.61 -1.57 -11.40
C LYS A 118 1.42 -1.77 -10.47
N VAL A 119 0.90 -0.66 -9.95
CA VAL A 119 -0.24 -0.70 -9.04
C VAL A 119 -1.44 -1.38 -9.70
N GLN A 120 -1.94 -0.77 -10.78
CA GLN A 120 -3.09 -1.31 -11.50
C GLN A 120 -2.88 -2.79 -11.82
N ARG A 121 -1.76 -3.10 -12.48
CA ARG A 121 -1.45 -4.47 -12.85
C ARG A 121 -1.58 -5.40 -11.65
N HIS A 122 -0.85 -5.09 -10.59
CA HIS A 122 -0.88 -5.89 -9.37
C HIS A 122 -2.24 -5.77 -8.67
N ALA A 123 -3.06 -4.86 -9.16
CA ALA A 123 -4.39 -4.64 -8.59
C ALA A 123 -5.47 -5.31 -9.42
N SER A 124 -5.05 -6.19 -10.33
CA SER A 124 -5.98 -6.90 -11.21
C SER A 124 -7.01 -5.94 -11.79
N SER A 125 -6.58 -4.73 -12.10
CA SER A 125 -7.47 -3.72 -12.66
C SER A 125 -7.05 -3.35 -14.08
N GLY A 126 -8.02 -2.95 -14.90
CA GLY A 126 -7.73 -2.58 -16.27
C GLY A 126 -8.82 -3.04 -17.23
N PRO A 127 -8.95 -2.32 -18.35
CA PRO A 127 -9.96 -2.64 -19.37
C PRO A 127 -9.62 -3.93 -20.13
N SER A 128 -10.49 -4.93 -20.00
CA SER A 128 -10.28 -6.21 -20.66
C SER A 128 -11.32 -6.42 -21.76
N SER A 129 -11.01 -7.33 -22.69
CA SER A 129 -11.91 -7.62 -23.80
C SER A 129 -12.92 -8.69 -23.42
N GLY A 130 -14.19 -8.30 -23.37
CA GLY A 130 -15.24 -9.23 -23.02
C GLY A 130 -16.13 -9.59 -24.19
N GLY A 1 -25.62 29.20 34.13
CA GLY A 1 -26.42 28.17 33.51
C GLY A 1 -25.70 26.83 33.46
N SER A 2 -26.26 25.84 34.15
CA SER A 2 -25.66 24.50 34.20
C SER A 2 -26.20 23.63 33.07
N SER A 3 -25.55 23.72 31.91
CA SER A 3 -25.98 22.94 30.75
C SER A 3 -25.01 21.78 30.50
N GLY A 4 -25.48 20.56 30.72
CA GLY A 4 -24.64 19.40 30.51
C GLY A 4 -25.35 18.30 29.73
N SER A 5 -24.59 17.32 29.27
CA SER A 5 -25.15 16.21 28.50
C SER A 5 -24.31 14.96 28.66
N SER A 6 -24.92 13.80 28.37
CA SER A 6 -24.21 12.52 28.50
C SER A 6 -24.51 11.64 27.28
N GLY A 7 -23.71 10.58 27.14
CA GLY A 7 -23.89 9.67 26.02
C GLY A 7 -23.02 8.44 26.12
N MET A 8 -23.47 7.34 25.53
CA MET A 8 -22.72 6.09 25.56
C MET A 8 -22.78 5.38 24.21
N ALA A 9 -21.85 4.46 23.98
CA ALA A 9 -21.80 3.72 22.73
C ALA A 9 -23.04 2.85 22.55
N ALA A 10 -23.72 3.03 21.42
CA ALA A 10 -24.93 2.27 21.12
C ALA A 10 -24.70 1.29 19.97
N GLY A 11 -24.18 1.81 18.86
CA GLY A 11 -23.92 0.98 17.71
C GLY A 11 -22.60 1.32 17.02
N ALA A 12 -21.90 0.29 16.57
CA ALA A 12 -20.61 0.48 15.90
C ALA A 12 -20.81 0.95 14.46
N ALA A 13 -20.16 2.06 14.12
CA ALA A 13 -20.26 2.61 12.78
C ALA A 13 -18.91 2.56 12.05
N GLU A 14 -18.92 2.02 10.85
CA GLU A 14 -17.70 1.91 10.04
C GLU A 14 -17.73 2.87 8.86
N ALA A 15 -16.56 3.32 8.44
CA ALA A 15 -16.45 4.25 7.31
C ALA A 15 -15.27 3.88 6.42
N ALA A 16 -15.58 3.47 5.19
CA ALA A 16 -14.54 3.10 4.23
C ALA A 16 -13.37 4.08 4.28
N VAL A 17 -12.18 3.55 4.54
CA VAL A 17 -10.98 4.37 4.62
C VAL A 17 -10.28 4.45 3.26
N ALA A 18 -10.00 5.67 2.81
CA ALA A 18 -9.33 5.87 1.53
C ALA A 18 -8.06 6.70 1.71
N ALA A 19 -7.31 6.42 2.77
CA ALA A 19 -6.07 7.12 3.04
C ALA A 19 -4.89 6.16 3.17
N VAL A 20 -3.71 6.64 2.81
CA VAL A 20 -2.51 5.81 2.88
C VAL A 20 -1.97 5.73 4.31
N GLU A 21 -1.95 4.52 4.86
CA GLU A 21 -1.46 4.31 6.22
C GLU A 21 0.03 4.56 6.31
N GLU A 22 0.51 4.84 7.52
CA GLU A 22 1.93 5.09 7.74
C GLU A 22 2.52 4.07 8.70
N VAL A 23 3.65 3.49 8.30
CA VAL A 23 4.32 2.48 9.12
C VAL A 23 5.20 3.14 10.18
N GLY A 24 4.96 2.80 11.44
CA GLY A 24 5.73 3.37 12.53
C GLY A 24 7.00 2.59 12.81
N SER A 25 6.93 1.27 12.62
CA SER A 25 8.08 0.41 12.86
C SER A 25 7.89 -0.96 12.20
N ALA A 26 8.93 -1.78 12.23
CA ALA A 26 8.87 -3.11 11.65
C ALA A 26 7.60 -3.85 12.09
N GLY A 27 7.46 -4.04 13.39
CA GLY A 27 6.30 -4.73 13.92
C GLY A 27 5.03 -4.39 13.17
N GLN A 28 4.71 -3.10 13.12
CA GLN A 28 3.51 -2.64 12.43
C GLN A 28 3.43 -3.23 11.03
N PHE A 29 4.44 -2.94 10.21
CA PHE A 29 4.48 -3.44 8.84
C PHE A 29 4.35 -4.96 8.82
N GLU A 30 5.32 -5.64 9.44
CA GLU A 30 5.32 -7.10 9.48
C GLU A 30 3.94 -7.63 9.86
N GLU A 31 3.29 -6.95 10.81
CA GLU A 31 1.96 -7.36 11.26
C GLU A 31 0.95 -7.23 10.13
N LEU A 32 0.80 -6.03 9.61
CA LEU A 32 -0.15 -5.77 8.52
C LEU A 32 -0.01 -6.81 7.42
N LEU A 33 1.22 -7.05 6.98
CA LEU A 33 1.49 -8.03 5.94
C LEU A 33 0.52 -9.21 6.04
N ARG A 34 0.42 -9.78 7.23
CA ARG A 34 -0.47 -10.91 7.46
C ARG A 34 -1.91 -10.57 7.08
N LEU A 35 -2.47 -9.58 7.77
CA LEU A 35 -3.84 -9.15 7.52
C LEU A 35 -4.06 -8.89 6.02
N LYS A 36 -3.19 -8.04 5.45
CA LYS A 36 -3.29 -7.71 4.04
C LYS A 36 -2.46 -8.67 3.19
N ALA A 37 -2.54 -9.95 3.52
CA ALA A 37 -1.80 -10.98 2.80
C ALA A 37 -2.45 -11.28 1.45
N LYS A 38 -3.74 -11.61 1.48
CA LYS A 38 -4.48 -11.92 0.27
C LYS A 38 -4.54 -10.71 -0.65
N SER A 39 -4.80 -9.53 -0.08
CA SER A 39 -4.89 -8.30 -0.85
C SER A 39 -3.50 -7.86 -1.30
N LEU A 40 -3.46 -6.74 -2.02
CA LEU A 40 -2.20 -6.20 -2.53
C LEU A 40 -1.69 -5.07 -1.64
N LEU A 41 -0.42 -5.13 -1.28
CA LEU A 41 0.19 -4.12 -0.44
C LEU A 41 1.22 -3.30 -1.21
N VAL A 42 1.28 -2.00 -0.92
CA VAL A 42 2.22 -1.11 -1.59
C VAL A 42 3.05 -0.32 -0.57
N VAL A 43 4.30 -0.70 -0.41
CA VAL A 43 5.19 -0.03 0.53
C VAL A 43 6.11 0.95 -0.19
N HIS A 44 5.83 2.24 -0.06
CA HIS A 44 6.63 3.27 -0.70
C HIS A 44 7.71 3.80 0.26
N PHE A 45 8.90 4.03 -0.27
CA PHE A 45 10.01 4.54 0.54
C PHE A 45 10.18 6.04 0.35
N TRP A 46 9.71 6.80 1.34
CA TRP A 46 9.81 8.26 1.29
C TRP A 46 10.86 8.76 2.28
N ALA A 47 11.67 9.71 1.83
CA ALA A 47 12.72 10.29 2.67
C ALA A 47 12.43 11.75 2.98
N PRO A 48 12.68 12.15 4.23
CA PRO A 48 12.44 13.53 4.68
C PRO A 48 13.44 14.52 4.06
N TRP A 49 14.31 14.00 3.20
CA TRP A 49 15.32 14.84 2.54
C TRP A 49 15.12 14.83 1.03
N ALA A 50 15.06 13.64 0.45
CA ALA A 50 14.87 13.51 -0.99
C ALA A 50 13.64 14.28 -1.46
N PRO A 51 13.87 15.25 -2.37
CA PRO A 51 12.80 16.09 -2.92
C PRO A 51 11.87 15.30 -3.83
N GLN A 52 12.19 14.04 -4.06
CA GLN A 52 11.38 13.18 -4.92
C GLN A 52 10.07 12.78 -4.22
N CYS A 53 10.21 12.08 -3.09
CA CYS A 53 9.04 11.64 -2.34
C CYS A 53 7.93 12.69 -2.39
N ALA A 54 8.32 13.96 -2.48
CA ALA A 54 7.35 15.05 -2.55
C ALA A 54 6.15 14.67 -3.40
N GLN A 55 6.38 14.57 -4.71
CA GLN A 55 5.30 14.22 -5.64
C GLN A 55 4.83 12.79 -5.40
N MET A 56 5.76 11.85 -5.40
CA MET A 56 5.44 10.45 -5.18
C MET A 56 4.38 10.29 -4.09
N ASN A 57 4.42 11.19 -3.10
CA ASN A 57 3.46 11.15 -2.00
C ASN A 57 2.06 11.47 -2.49
N GLU A 58 1.85 12.70 -2.93
CA GLU A 58 0.55 13.14 -3.42
C GLU A 58 -0.02 12.13 -4.41
N VAL A 59 0.86 11.53 -5.21
CA VAL A 59 0.45 10.55 -6.20
C VAL A 59 -0.23 9.35 -5.54
N MET A 60 0.31 8.93 -4.40
CA MET A 60 -0.24 7.80 -3.67
C MET A 60 -1.64 8.13 -3.14
N ALA A 61 -1.72 9.16 -2.31
CA ALA A 61 -2.99 9.58 -1.73
C ALA A 61 -4.12 9.48 -2.76
N GLU A 62 -3.82 9.87 -4.00
CA GLU A 62 -4.80 9.83 -5.07
C GLU A 62 -5.11 8.40 -5.47
N LEU A 63 -4.07 7.55 -5.48
CA LEU A 63 -4.24 6.15 -5.85
C LEU A 63 -5.01 5.39 -4.78
N ALA A 64 -4.59 5.54 -3.53
CA ALA A 64 -5.25 4.87 -2.42
C ALA A 64 -6.77 5.03 -2.50
N LYS A 65 -7.22 6.26 -2.69
CA LYS A 65 -8.65 6.54 -2.79
C LYS A 65 -9.25 5.91 -4.03
N GLU A 66 -8.58 6.09 -5.17
CA GLU A 66 -9.05 5.51 -6.43
C GLU A 66 -9.27 4.01 -6.30
N LEU A 67 -8.30 3.33 -5.70
CA LEU A 67 -8.39 1.88 -5.52
C LEU A 67 -8.36 1.52 -4.03
N PRO A 68 -9.56 1.38 -3.44
CA PRO A 68 -9.69 1.03 -2.02
C PRO A 68 -9.26 -0.41 -1.73
N GLN A 69 -9.38 -1.27 -2.74
CA GLN A 69 -9.00 -2.67 -2.58
C GLN A 69 -7.51 -2.80 -2.25
N VAL A 70 -6.70 -1.89 -2.79
CA VAL A 70 -5.27 -1.91 -2.56
C VAL A 70 -4.93 -1.28 -1.21
N SER A 71 -3.80 -1.70 -0.64
CA SER A 71 -3.37 -1.18 0.65
C SER A 71 -2.05 -0.42 0.52
N PHE A 72 -2.13 0.91 0.51
CA PHE A 72 -0.95 1.75 0.38
C PHE A 72 -0.39 2.11 1.76
N VAL A 73 0.90 1.85 1.96
CA VAL A 73 1.55 2.14 3.22
C VAL A 73 2.90 2.81 3.00
N LYS A 74 3.08 4.00 3.56
CA LYS A 74 4.32 4.73 3.43
C LYS A 74 5.21 4.55 4.66
N LEU A 75 6.47 4.23 4.43
CA LEU A 75 7.43 4.02 5.51
C LEU A 75 8.67 4.87 5.32
N GLU A 76 8.98 5.68 6.33
CA GLU A 76 10.15 6.56 6.28
C GLU A 76 11.44 5.75 6.36
N ALA A 77 12.30 5.90 5.35
CA ALA A 77 13.56 5.18 5.32
C ALA A 77 14.40 5.48 6.56
N GLU A 78 14.36 6.73 7.00
CA GLU A 78 15.13 7.15 8.17
C GLU A 78 14.35 6.86 9.45
N GLY A 79 13.02 6.83 9.35
CA GLY A 79 12.19 6.57 10.50
C GLY A 79 12.23 5.11 10.92
N VAL A 80 11.98 4.21 9.97
CA VAL A 80 11.99 2.79 10.25
C VAL A 80 13.15 2.10 9.54
N PRO A 81 14.35 2.21 10.13
CA PRO A 81 15.57 1.61 9.58
C PRO A 81 15.56 0.09 9.67
N GLU A 82 15.08 -0.42 10.81
CA GLU A 82 15.02 -1.86 11.03
C GLU A 82 14.58 -2.58 9.77
N VAL A 83 13.48 -2.13 9.18
CA VAL A 83 12.95 -2.73 7.96
C VAL A 83 13.89 -2.51 6.78
N SER A 84 14.16 -1.24 6.49
CA SER A 84 15.04 -0.88 5.38
C SER A 84 16.24 -1.82 5.32
N GLU A 85 16.81 -2.12 6.48
CA GLU A 85 17.97 -3.00 6.55
C GLU A 85 17.63 -4.38 6.00
N LYS A 86 16.61 -5.01 6.58
CA LYS A 86 16.19 -6.34 6.16
C LYS A 86 16.20 -6.44 4.63
N TYR A 87 15.39 -5.61 3.98
CA TYR A 87 15.30 -5.62 2.52
C TYR A 87 16.51 -4.92 1.90
N GLU A 88 17.26 -4.20 2.74
CA GLU A 88 18.44 -3.49 2.27
C GLU A 88 18.06 -2.38 1.29
N ILE A 89 16.99 -1.66 1.60
CA ILE A 89 16.53 -0.57 0.75
C ILE A 89 17.37 0.68 0.94
N SER A 90 18.42 0.79 0.14
CA SER A 90 19.31 1.94 0.21
C SER A 90 19.11 2.88 -0.97
N SER A 91 17.85 3.05 -1.38
CA SER A 91 17.53 3.92 -2.51
C SER A 91 16.08 4.39 -2.42
N VAL A 92 15.87 5.67 -2.68
CA VAL A 92 14.54 6.25 -2.64
C VAL A 92 14.38 7.34 -3.70
N PRO A 93 13.14 7.52 -4.18
CA PRO A 93 11.99 6.73 -3.73
C PRO A 93 12.08 5.27 -4.20
N THR A 94 11.30 4.41 -3.56
CA THR A 94 11.28 2.99 -3.92
C THR A 94 10.03 2.30 -3.39
N PHE A 95 9.32 1.63 -4.28
CA PHE A 95 8.09 0.93 -3.91
C PHE A 95 8.31 -0.58 -3.88
N LEU A 96 7.66 -1.25 -2.94
CA LEU A 96 7.79 -2.70 -2.81
C LEU A 96 6.42 -3.37 -2.72
N PHE A 97 6.03 -4.05 -3.78
CA PHE A 97 4.74 -4.73 -3.83
C PHE A 97 4.83 -6.09 -3.14
N PHE A 98 4.07 -6.24 -2.05
CA PHE A 98 4.04 -7.49 -1.30
C PHE A 98 2.71 -8.21 -1.46
N LYS A 99 2.76 -9.46 -1.88
CA LYS A 99 1.56 -10.26 -2.08
C LYS A 99 1.62 -11.54 -1.26
N ASN A 100 0.70 -11.67 -0.30
CA ASN A 100 0.65 -12.85 0.56
C ASN A 100 1.93 -12.98 1.38
N SER A 101 2.48 -11.85 1.81
CA SER A 101 3.70 -11.84 2.60
C SER A 101 4.89 -12.30 1.76
N GLN A 102 4.89 -11.94 0.49
CA GLN A 102 5.96 -12.31 -0.43
C GLN A 102 6.13 -11.26 -1.52
N LYS A 103 7.35 -10.75 -1.65
CA LYS A 103 7.66 -9.75 -2.67
C LYS A 103 7.54 -10.34 -4.07
N ILE A 104 6.61 -9.81 -4.85
CA ILE A 104 6.39 -10.29 -6.21
C ILE A 104 6.95 -9.29 -7.23
N ASP A 105 6.98 -8.02 -6.85
CA ASP A 105 7.49 -6.97 -7.73
C ASP A 105 7.96 -5.77 -6.93
N ARG A 106 8.85 -4.98 -7.51
CA ARG A 106 9.38 -3.79 -6.85
C ARG A 106 9.67 -2.68 -7.86
N LEU A 107 9.52 -1.44 -7.42
CA LEU A 107 9.75 -0.29 -8.28
C LEU A 107 10.83 0.62 -7.70
N ASP A 108 11.95 0.73 -8.40
CA ASP A 108 13.05 1.57 -7.95
C ASP A 108 13.08 2.89 -8.72
N GLY A 109 13.15 3.99 -7.98
CA GLY A 109 13.19 5.30 -8.61
C GLY A 109 11.85 6.02 -8.54
N ALA A 110 11.88 7.34 -8.66
CA ALA A 110 10.67 8.14 -8.60
C ALA A 110 9.94 8.13 -9.95
N HIS A 111 8.99 7.22 -10.10
CA HIS A 111 8.22 7.11 -11.33
C HIS A 111 6.73 7.28 -11.07
N ALA A 112 6.16 8.37 -11.57
CA ALA A 112 4.74 8.64 -11.38
C ALA A 112 3.88 7.64 -12.16
N PRO A 113 4.08 7.58 -13.48
CA PRO A 113 3.34 6.67 -14.35
C PRO A 113 3.71 5.21 -14.12
N GLU A 114 5.02 4.93 -14.12
CA GLU A 114 5.51 3.57 -13.92
C GLU A 114 4.80 2.91 -12.75
N LEU A 115 4.67 3.64 -11.65
CA LEU A 115 4.02 3.12 -10.45
C LEU A 115 2.59 2.67 -10.76
N THR A 116 1.74 3.62 -11.13
CA THR A 116 0.35 3.33 -11.46
C THR A 116 0.24 2.01 -12.23
N LYS A 117 1.02 1.89 -13.29
CA LYS A 117 1.02 0.68 -14.11
C LYS A 117 1.11 -0.57 -13.25
N LYS A 118 2.22 -0.70 -12.51
CA LYS A 118 2.42 -1.84 -11.63
C LYS A 118 1.26 -2.01 -10.66
N VAL A 119 0.78 -0.89 -10.12
CA VAL A 119 -0.34 -0.92 -9.18
C VAL A 119 -1.55 -1.61 -9.80
N GLN A 120 -1.97 -1.15 -10.97
CA GLN A 120 -3.12 -1.72 -11.65
C GLN A 120 -2.87 -3.18 -12.00
N ARG A 121 -1.74 -3.44 -12.66
CA ARG A 121 -1.38 -4.80 -13.05
C ARG A 121 -1.47 -5.75 -11.86
N HIS A 122 -0.64 -5.49 -10.84
CA HIS A 122 -0.62 -6.33 -9.65
C HIS A 122 -2.00 -6.38 -9.00
N ALA A 123 -2.64 -5.22 -8.88
CA ALA A 123 -3.97 -5.14 -8.29
C ALA A 123 -4.85 -6.31 -8.74
N SER A 124 -4.67 -6.74 -9.98
CA SER A 124 -5.45 -7.84 -10.53
C SER A 124 -4.95 -8.21 -11.92
N SER A 125 -4.71 -9.50 -12.13
CA SER A 125 -4.22 -9.99 -13.42
C SER A 125 -5.24 -9.73 -14.51
N GLY A 126 -6.49 -10.14 -14.26
CA GLY A 126 -7.54 -9.95 -15.24
C GLY A 126 -7.85 -11.21 -16.02
N PRO A 127 -9.15 -11.51 -16.16
CA PRO A 127 -9.61 -12.70 -16.89
C PRO A 127 -9.36 -12.60 -18.38
N SER A 128 -8.83 -11.46 -18.82
CA SER A 128 -8.55 -11.24 -20.23
C SER A 128 -7.15 -11.75 -20.59
N SER A 129 -7.07 -13.02 -20.96
CA SER A 129 -5.81 -13.64 -21.33
C SER A 129 -4.82 -13.59 -20.17
N GLY A 130 -5.32 -13.89 -18.96
CA GLY A 130 -4.47 -13.86 -17.79
C GLY A 130 -5.08 -14.62 -16.62
N GLY A 1 -10.83 12.92 21.09
CA GLY A 1 -10.46 12.01 20.03
C GLY A 1 -11.18 10.69 20.11
N SER A 2 -10.51 9.61 19.72
CA SER A 2 -11.09 8.28 19.76
C SER A 2 -10.90 7.64 21.12
N SER A 3 -11.76 8.00 22.07
CA SER A 3 -11.68 7.46 23.42
C SER A 3 -12.79 6.45 23.67
N GLY A 4 -12.55 5.53 24.60
CA GLY A 4 -13.54 4.51 24.91
C GLY A 4 -13.50 3.35 23.94
N SER A 5 -14.66 2.73 23.72
CA SER A 5 -14.75 1.59 22.81
C SER A 5 -16.17 1.48 22.23
N SER A 6 -16.24 1.36 20.91
CA SER A 6 -17.53 1.25 20.23
C SER A 6 -17.38 0.55 18.88
N GLY A 7 -18.47 -0.01 18.37
CA GLY A 7 -18.43 -0.69 17.09
C GLY A 7 -19.80 -1.19 16.67
N MET A 8 -20.27 -0.71 15.52
CA MET A 8 -21.57 -1.10 15.00
C MET A 8 -21.71 -2.63 14.99
N ALA A 9 -22.95 -3.10 15.05
CA ALA A 9 -23.21 -4.54 15.05
C ALA A 9 -22.67 -5.19 13.79
N ALA A 10 -22.50 -6.52 13.83
CA ALA A 10 -21.99 -7.26 12.69
C ALA A 10 -23.03 -7.36 11.59
N GLY A 11 -22.56 -7.44 10.34
CA GLY A 11 -23.47 -7.54 9.21
C GLY A 11 -23.05 -6.65 8.06
N ALA A 12 -23.96 -5.78 7.63
CA ALA A 12 -23.67 -4.87 6.52
C ALA A 12 -23.08 -3.56 7.03
N ALA A 13 -21.76 -3.53 7.18
CA ALA A 13 -21.07 -2.34 7.65
C ALA A 13 -19.56 -2.51 7.57
N GLU A 14 -18.89 -1.54 6.95
CA GLU A 14 -17.44 -1.58 6.80
C GLU A 14 -16.86 -0.17 6.72
N ALA A 15 -15.61 -0.02 7.16
CA ALA A 15 -14.94 1.27 7.13
C ALA A 15 -13.74 1.24 6.21
N ALA A 16 -13.75 2.11 5.20
CA ALA A 16 -12.65 2.19 4.24
C ALA A 16 -12.12 3.61 4.12
N VAL A 17 -10.83 3.77 4.39
CA VAL A 17 -10.19 5.09 4.32
C VAL A 17 -9.26 5.18 3.12
N ALA A 18 -9.43 6.23 2.31
CA ALA A 18 -8.60 6.43 1.13
C ALA A 18 -7.37 7.25 1.47
N ALA A 19 -6.73 6.93 2.59
CA ALA A 19 -5.53 7.64 3.02
C ALA A 19 -4.37 6.68 3.25
N VAL A 20 -3.15 7.17 3.08
CA VAL A 20 -1.96 6.36 3.27
C VAL A 20 -1.64 6.19 4.75
N GLU A 21 -1.41 4.95 5.16
CA GLU A 21 -1.09 4.65 6.55
C GLU A 21 0.36 5.02 6.88
N GLU A 22 0.64 5.23 8.16
CA GLU A 22 1.99 5.59 8.59
C GLU A 22 2.61 4.47 9.40
N VAL A 23 3.70 3.91 8.89
CA VAL A 23 4.40 2.83 9.56
C VAL A 23 5.73 3.30 10.14
N GLY A 24 5.78 3.41 11.46
CA GLY A 24 6.99 3.86 12.12
C GLY A 24 7.63 2.78 12.96
N SER A 25 7.58 1.54 12.47
CA SER A 25 8.15 0.40 13.19
C SER A 25 8.10 -0.86 12.33
N ALA A 26 9.00 -1.80 12.61
CA ALA A 26 9.05 -3.05 11.87
C ALA A 26 7.84 -3.93 12.19
N GLY A 27 7.47 -3.97 13.46
CA GLY A 27 6.33 -4.78 13.89
C GLY A 27 5.05 -4.38 13.18
N GLN A 28 4.83 -3.07 13.04
CA GLN A 28 3.63 -2.57 12.38
C GLN A 28 3.56 -3.06 10.94
N PHE A 29 4.63 -2.80 10.18
CA PHE A 29 4.68 -3.21 8.78
C PHE A 29 4.58 -4.73 8.66
N GLU A 30 5.55 -5.43 9.22
CA GLU A 30 5.57 -6.89 9.16
C GLU A 30 4.21 -7.47 9.54
N GLU A 31 3.57 -6.85 10.53
CA GLU A 31 2.26 -7.31 10.99
C GLU A 31 1.21 -7.15 9.89
N LEU A 32 1.12 -5.94 9.34
CA LEU A 32 0.16 -5.66 8.28
C LEU A 32 0.25 -6.70 7.17
N LEU A 33 1.46 -6.91 6.68
CA LEU A 33 1.69 -7.89 5.61
C LEU A 33 0.75 -9.08 5.75
N ARG A 34 0.53 -9.52 6.99
CA ARG A 34 -0.35 -10.65 7.26
C ARG A 34 -1.81 -10.27 7.01
N LEU A 35 -2.29 -9.29 7.76
CA LEU A 35 -3.67 -8.83 7.62
C LEU A 35 -4.00 -8.49 6.17
N LYS A 36 -3.17 -7.63 5.57
CA LYS A 36 -3.36 -7.23 4.18
C LYS A 36 -2.62 -8.16 3.24
N ALA A 37 -2.69 -9.46 3.52
CA ALA A 37 -2.02 -10.46 2.69
C ALA A 37 -2.83 -10.75 1.43
N LYS A 38 -4.12 -10.97 1.60
CA LYS A 38 -5.01 -11.28 0.48
C LYS A 38 -4.97 -10.15 -0.55
N SER A 39 -5.11 -8.91 -0.09
CA SER A 39 -5.08 -7.75 -0.98
C SER A 39 -3.66 -7.39 -1.37
N LEU A 40 -3.52 -6.43 -2.26
CA LEU A 40 -2.21 -5.99 -2.71
C LEU A 40 -1.66 -4.87 -1.83
N LEU A 41 -0.46 -5.07 -1.32
CA LEU A 41 0.18 -4.08 -0.45
C LEU A 41 1.29 -3.35 -1.19
N VAL A 42 1.51 -2.09 -0.82
CA VAL A 42 2.55 -1.28 -1.45
C VAL A 42 3.29 -0.45 -0.41
N VAL A 43 4.55 -0.80 -0.18
CA VAL A 43 5.38 -0.09 0.78
C VAL A 43 6.32 0.91 0.09
N HIS A 44 5.91 2.17 0.10
CA HIS A 44 6.70 3.23 -0.52
C HIS A 44 7.72 3.81 0.46
N PHE A 45 8.96 3.93 0.01
CA PHE A 45 10.02 4.47 0.86
C PHE A 45 10.13 5.98 0.69
N TRP A 46 9.61 6.71 1.68
CA TRP A 46 9.65 8.17 1.65
C TRP A 46 10.80 8.70 2.49
N ALA A 47 11.52 9.69 1.96
CA ALA A 47 12.64 10.28 2.66
C ALA A 47 12.45 11.79 2.84
N PRO A 48 12.90 12.31 3.99
CA PRO A 48 12.79 13.74 4.29
C PRO A 48 13.70 14.60 3.43
N TRP A 49 14.91 14.11 3.18
CA TRP A 49 15.87 14.83 2.37
C TRP A 49 15.47 14.81 0.90
N ALA A 50 15.20 13.62 0.38
CA ALA A 50 14.80 13.47 -1.01
C ALA A 50 13.42 14.08 -1.26
N PRO A 51 13.39 15.17 -2.04
CA PRO A 51 12.15 15.88 -2.37
C PRO A 51 11.25 15.07 -3.30
N GLN A 52 11.79 13.98 -3.83
CA GLN A 52 11.04 13.11 -4.74
C GLN A 52 9.83 12.51 -4.03
N CYS A 53 10.05 11.97 -2.85
CA CYS A 53 8.98 11.36 -2.07
C CYS A 53 7.68 12.12 -2.25
N ALA A 54 7.78 13.44 -2.34
CA ALA A 54 6.60 14.29 -2.52
C ALA A 54 5.76 13.82 -3.70
N GLN A 55 6.28 14.02 -4.91
CA GLN A 55 5.58 13.62 -6.12
C GLN A 55 4.83 12.30 -5.91
N MET A 56 5.50 11.35 -5.27
CA MET A 56 4.89 10.05 -5.01
C MET A 56 3.71 10.18 -4.05
N ASN A 57 3.99 10.71 -2.85
CA ASN A 57 2.96 10.89 -1.85
C ASN A 57 1.65 11.37 -2.48
N GLU A 58 1.77 12.24 -3.48
CA GLU A 58 0.60 12.77 -4.16
C GLU A 58 -0.04 11.72 -5.05
N VAL A 59 0.76 11.11 -5.92
CA VAL A 59 0.26 10.06 -6.81
C VAL A 59 -0.42 8.95 -6.03
N MET A 60 0.18 8.54 -4.92
CA MET A 60 -0.37 7.48 -4.10
C MET A 60 -1.75 7.87 -3.59
N ALA A 61 -1.85 9.01 -2.92
CA ALA A 61 -3.11 9.49 -2.39
C ALA A 61 -4.25 9.22 -3.35
N GLU A 62 -4.07 9.63 -4.61
CA GLU A 62 -5.09 9.44 -5.63
C GLU A 62 -5.34 7.95 -5.87
N LEU A 63 -4.26 7.17 -5.88
CA LEU A 63 -4.36 5.73 -6.10
C LEU A 63 -5.14 5.05 -4.98
N ALA A 64 -4.93 5.53 -3.75
CA ALA A 64 -5.61 4.98 -2.59
C ALA A 64 -7.11 4.86 -2.84
N LYS A 65 -7.75 5.99 -3.11
CA LYS A 65 -9.19 6.02 -3.38
C LYS A 65 -9.52 5.29 -4.68
N GLU A 66 -8.78 5.62 -5.74
CA GLU A 66 -9.00 4.98 -7.03
C GLU A 66 -9.11 3.47 -6.90
N LEU A 67 -8.17 2.89 -6.15
CA LEU A 67 -8.16 1.44 -5.95
C LEU A 67 -8.42 1.10 -4.49
N PRO A 68 -9.69 0.87 -4.15
CA PRO A 68 -10.09 0.52 -2.78
C PRO A 68 -9.62 -0.87 -2.36
N GLN A 69 -9.21 -1.67 -3.35
CA GLN A 69 -8.73 -3.02 -3.08
C GLN A 69 -7.22 -3.05 -2.99
N VAL A 70 -6.62 -1.90 -2.64
CA VAL A 70 -5.17 -1.81 -2.53
C VAL A 70 -4.78 -1.14 -1.21
N SER A 71 -3.74 -1.66 -0.58
CA SER A 71 -3.25 -1.11 0.68
C SER A 71 -1.98 -0.31 0.49
N PHE A 72 -2.10 1.01 0.53
CA PHE A 72 -0.95 1.90 0.36
C PHE A 72 -0.36 2.30 1.71
N VAL A 73 0.90 1.97 1.91
CA VAL A 73 1.59 2.30 3.15
C VAL A 73 2.97 2.89 2.88
N LYS A 74 3.27 4.01 3.52
CA LYS A 74 4.56 4.68 3.35
C LYS A 74 5.41 4.53 4.60
N LEU A 75 6.65 4.10 4.42
CA LEU A 75 7.56 3.93 5.55
C LEU A 75 8.77 4.86 5.42
N GLU A 76 9.20 5.41 6.55
CA GLU A 76 10.33 6.32 6.56
C GLU A 76 11.65 5.56 6.74
N ALA A 77 12.35 5.35 5.63
CA ALA A 77 13.62 4.63 5.66
C ALA A 77 14.48 5.07 6.83
N GLU A 78 14.53 6.38 7.07
CA GLU A 78 15.31 6.93 8.17
C GLU A 78 14.59 6.74 9.50
N GLY A 79 13.27 6.61 9.44
CA GLY A 79 12.47 6.43 10.64
C GLY A 79 12.57 5.02 11.18
N VAL A 80 12.53 4.04 10.28
CA VAL A 80 12.60 2.64 10.68
C VAL A 80 13.70 1.91 9.91
N PRO A 81 14.95 2.05 10.41
CA PRO A 81 16.12 1.40 9.78
C PRO A 81 16.10 -0.11 9.95
N GLU A 82 15.30 -0.59 10.89
CA GLU A 82 15.20 -2.02 11.14
C GLU A 82 14.74 -2.77 9.90
N VAL A 83 13.62 -2.33 9.34
CA VAL A 83 13.06 -2.95 8.13
C VAL A 83 13.95 -2.68 6.92
N SER A 84 14.41 -1.45 6.79
CA SER A 84 15.27 -1.06 5.68
C SER A 84 16.45 -2.00 5.55
N GLU A 85 17.02 -2.38 6.70
CA GLU A 85 18.17 -3.28 6.72
C GLU A 85 17.82 -4.63 6.11
N LYS A 86 16.80 -5.28 6.68
CA LYS A 86 16.36 -6.58 6.18
C LYS A 86 16.34 -6.61 4.66
N TYR A 87 15.52 -5.75 4.06
CA TYR A 87 15.40 -5.67 2.61
C TYR A 87 16.61 -4.96 2.01
N GLU A 88 17.39 -4.31 2.85
CA GLU A 88 18.57 -3.58 2.40
C GLU A 88 18.18 -2.44 1.47
N ILE A 89 17.14 -1.71 1.83
CA ILE A 89 16.67 -0.59 1.03
C ILE A 89 17.54 0.65 1.25
N SER A 90 18.55 0.80 0.41
CA SER A 90 19.44 1.95 0.51
C SER A 90 19.23 2.93 -0.64
N SER A 91 17.97 3.12 -1.01
CA SER A 91 17.62 4.02 -2.10
C SER A 91 16.15 4.42 -2.03
N VAL A 92 15.87 5.68 -2.36
CA VAL A 92 14.51 6.19 -2.32
C VAL A 92 14.28 7.22 -3.43
N PRO A 93 13.04 7.31 -3.90
CA PRO A 93 11.93 6.49 -3.40
C PRO A 93 12.08 5.02 -3.80
N THR A 94 11.30 4.16 -3.14
CA THR A 94 11.35 2.72 -3.42
C THR A 94 10.05 2.04 -3.01
N PHE A 95 9.37 1.44 -3.98
CA PHE A 95 8.10 0.75 -3.70
C PHE A 95 8.32 -0.75 -3.65
N LEU A 96 7.70 -1.39 -2.66
CA LEU A 96 7.81 -2.83 -2.49
C LEU A 96 6.45 -3.50 -2.51
N PHE A 97 6.14 -4.16 -3.63
CA PHE A 97 4.86 -4.84 -3.79
C PHE A 97 4.86 -6.18 -3.06
N PHE A 98 3.96 -6.32 -2.09
CA PHE A 98 3.85 -7.54 -1.31
C PHE A 98 2.50 -8.22 -1.54
N LYS A 99 2.52 -9.40 -2.16
CA LYS A 99 1.30 -10.14 -2.43
C LYS A 99 1.22 -11.40 -1.58
N ASN A 100 0.28 -11.43 -0.66
CA ASN A 100 0.10 -12.57 0.23
C ASN A 100 1.31 -12.75 1.13
N SER A 101 1.82 -11.64 1.65
CA SER A 101 2.99 -11.68 2.52
C SER A 101 4.21 -12.23 1.79
N GLN A 102 4.33 -11.88 0.51
CA GLN A 102 5.45 -12.34 -0.31
C GLN A 102 5.73 -11.37 -1.45
N LYS A 103 6.87 -10.71 -1.39
CA LYS A 103 7.26 -9.75 -2.42
C LYS A 103 7.24 -10.40 -3.80
N ILE A 104 6.54 -9.77 -4.73
CA ILE A 104 6.44 -10.28 -6.09
C ILE A 104 6.99 -9.28 -7.11
N ASP A 105 6.80 -8.00 -6.82
CA ASP A 105 7.28 -6.94 -7.70
C ASP A 105 7.90 -5.80 -6.89
N ARG A 106 8.56 -4.89 -7.58
CA ARG A 106 9.22 -3.76 -6.93
C ARG A 106 9.54 -2.66 -7.95
N LEU A 107 9.41 -1.41 -7.51
CA LEU A 107 9.69 -0.27 -8.38
C LEU A 107 10.70 0.67 -7.73
N ASP A 108 11.81 0.89 -8.41
CA ASP A 108 12.86 1.78 -7.90
C ASP A 108 12.90 3.07 -8.70
N GLY A 109 13.07 4.20 -8.00
CA GLY A 109 13.14 5.48 -8.66
C GLY A 109 11.81 6.20 -8.64
N ALA A 110 11.85 7.54 -8.60
CA ALA A 110 10.65 8.35 -8.57
C ALA A 110 9.95 8.34 -9.93
N HIS A 111 8.92 7.52 -10.06
CA HIS A 111 8.17 7.42 -11.31
C HIS A 111 6.68 7.61 -11.07
N ALA A 112 6.11 8.66 -11.65
CA ALA A 112 4.69 8.94 -11.49
C ALA A 112 3.84 7.92 -12.25
N PRO A 113 4.05 7.84 -13.57
CA PRO A 113 3.31 6.91 -14.44
C PRO A 113 3.70 5.46 -14.19
N GLU A 114 5.00 5.20 -14.13
CA GLU A 114 5.50 3.85 -13.89
C GLU A 114 4.86 3.24 -12.66
N LEU A 115 4.77 4.04 -11.60
CA LEU A 115 4.17 3.57 -10.34
C LEU A 115 2.77 3.02 -10.58
N THR A 116 1.90 3.88 -11.12
CA THR A 116 0.52 3.49 -11.39
C THR A 116 0.46 2.16 -12.13
N LYS A 117 1.07 2.12 -13.32
CA LYS A 117 1.08 0.91 -14.13
C LYS A 117 1.16 -0.33 -13.25
N LYS A 118 2.29 -0.50 -12.57
CA LYS A 118 2.50 -1.65 -11.69
C LYS A 118 1.34 -1.79 -10.70
N VAL A 119 1.00 -0.69 -10.05
CA VAL A 119 -0.08 -0.68 -9.08
C VAL A 119 -1.35 -1.29 -9.67
N GLN A 120 -1.89 -0.64 -10.69
CA GLN A 120 -3.10 -1.13 -11.34
C GLN A 120 -2.98 -2.61 -11.69
N ARG A 121 -1.96 -2.95 -12.46
CA ARG A 121 -1.74 -4.33 -12.87
C ARG A 121 -1.86 -5.27 -11.68
N HIS A 122 -1.01 -5.06 -10.68
CA HIS A 122 -1.01 -5.90 -9.48
C HIS A 122 -2.32 -5.75 -8.73
N ALA A 123 -3.01 -4.63 -8.94
CA ALA A 123 -4.28 -4.36 -8.29
C ALA A 123 -5.43 -5.02 -9.05
N SER A 124 -5.12 -6.05 -9.82
CA SER A 124 -6.13 -6.76 -10.60
C SER A 124 -6.70 -7.93 -9.81
N SER A 125 -7.61 -7.62 -8.89
CA SER A 125 -8.24 -8.65 -8.06
C SER A 125 -9.64 -8.23 -7.65
N GLY A 126 -10.58 -9.16 -7.74
CA GLY A 126 -11.96 -8.87 -7.38
C GLY A 126 -12.54 -7.72 -8.17
N PRO A 127 -13.51 -8.04 -9.05
CA PRO A 127 -14.17 -7.04 -9.90
C PRO A 127 -15.06 -6.10 -9.09
N SER A 128 -15.07 -6.29 -7.77
CA SER A 128 -15.89 -5.45 -6.89
C SER A 128 -15.98 -4.03 -7.42
N SER A 129 -17.16 -3.64 -7.87
CA SER A 129 -17.38 -2.29 -8.40
C SER A 129 -16.46 -2.03 -9.59
N GLY A 130 -16.41 -2.97 -10.51
CA GLY A 130 -15.57 -2.83 -11.70
C GLY A 130 -16.17 -3.49 -12.92
#